data_3RRV
#
_entry.id   3RRV
#
_cell.length_a   77.080
_cell.length_b   134.050
_cell.length_c   140.970
_cell.angle_alpha   90.000
_cell.angle_beta   90.000
_cell.angle_gamma   90.000
#
_symmetry.space_group_name_H-M   'P 21 21 21'
#
loop_
_entity.id
_entity.type
_entity.pdbx_description
1 polymer 'enoyl-CoA hydratase/isomerase'
2 non-polymer 'CALCIUM ION'
3 non-polymer 'CHLORIDE ION'
4 non-polymer 1,2-ETHANEDIOL
5 water water
#
_entity_poly.entity_id   1
_entity_poly.type   'polypeptide(L)'
_entity_poly.pdbx_seq_one_letter_code
;MAHHHHHHMGTLEAQTQGPGSMVYDMPTEIDVRADGALRIITLNRPDSLNSVNDDLHVGLARLWQRLTDDPTARAAVITG
AGRAFSAGGDFGYLKELSADADLRAKTIRDGREIVLGMARCRIPVVAAVNGPAVGLGCSLVALSDIVYIAENAYLADPHV
QVGLVAADGGPLTWPLHISLLLAKEYALTGTRISAQRAVELGLANHVADDPVAEAIACAKKILELPQQAVESTKRVLNIH
LERAVLASLDYALSAESQSFVTEDFRSIVTKLADKN
;
_entity_poly.pdbx_strand_id   A,B,C,D,E,F
#
loop_
_chem_comp.id
_chem_comp.type
_chem_comp.name
_chem_comp.formula
CA non-polymer 'CALCIUM ION' 'Ca 2'
CL non-polymer 'CHLORIDE ION' 'Cl -1'
EDO non-polymer 1,2-ETHANEDIOL 'C2 H6 O2'
#
# COMPACT_ATOMS: atom_id res chain seq x y z
N TYR A 24 13.29 -18.74 28.44
CA TYR A 24 13.00 -17.38 27.88
C TYR A 24 12.44 -16.42 28.93
N ASP A 25 12.73 -16.69 30.21
CA ASP A 25 12.27 -15.88 31.33
C ASP A 25 10.74 -15.66 31.30
N MET A 26 9.99 -16.73 31.04
CA MET A 26 8.53 -16.67 31.03
C MET A 26 8.04 -16.75 32.47
N PRO A 27 6.87 -16.14 32.75
CA PRO A 27 6.28 -16.36 34.07
C PRO A 27 5.55 -17.70 34.08
N THR A 28 5.13 -18.14 35.25
CA THR A 28 4.53 -19.46 35.40
C THR A 28 3.36 -19.72 34.40
N GLU A 29 2.60 -18.67 34.05
CA GLU A 29 1.45 -18.80 33.16
C GLU A 29 1.73 -19.06 31.67
N ILE A 30 3.01 -19.10 31.30
CA ILE A 30 3.40 -19.58 29.99
C ILE A 30 4.52 -20.61 30.17
N ASP A 31 4.16 -21.88 30.05
CA ASP A 31 5.18 -22.89 30.17
C ASP A 31 5.81 -23.08 28.80
N VAL A 32 7.15 -23.08 28.76
CA VAL A 32 7.90 -23.42 27.52
C VAL A 32 8.80 -24.63 27.75
N ARG A 33 8.56 -25.70 26.98
CA ARG A 33 9.35 -26.91 27.01
C ARG A 33 10.14 -26.96 25.72
N ALA A 34 11.41 -27.35 25.81
CA ALA A 34 12.23 -27.64 24.63
C ALA A 34 12.27 -29.15 24.36
N ASP A 35 12.14 -29.54 23.09
CA ASP A 35 12.37 -30.90 22.62
C ASP A 35 13.25 -30.78 21.38
N GLY A 36 14.56 -30.87 21.58
CA GLY A 36 15.53 -30.51 20.55
C GLY A 36 15.31 -29.09 20.04
N ALA A 37 15.00 -28.98 18.75
CA ALA A 37 14.83 -27.69 18.08
C ALA A 37 13.37 -27.19 18.14
N LEU A 38 12.51 -27.99 18.79
CA LEU A 38 11.12 -27.68 18.98
C LEU A 38 10.85 -26.99 20.33
N ARG A 39 9.99 -25.99 20.31
CA ARG A 39 9.50 -25.39 21.55
C ARG A 39 8.00 -25.64 21.71
N ILE A 40 7.59 -26.21 22.82
CA ILE A 40 6.16 -26.32 23.10
C ILE A 40 5.71 -25.25 24.10
N ILE A 41 4.79 -24.44 23.63
CA ILE A 41 4.31 -23.30 24.35
C ILE A 41 2.96 -23.70 24.89
N THR A 42 2.84 -23.78 26.21
CA THR A 42 1.56 -24.12 26.84
C THR A 42 1.05 -22.95 27.68
N LEU A 43 -0.13 -22.43 27.33
CA LEU A 43 -0.75 -21.40 28.12
C LEU A 43 -1.18 -22.07 29.44
N ASN A 44 -0.79 -21.49 30.57
CA ASN A 44 -0.81 -22.26 31.84
C ASN A 44 -1.44 -21.54 33.02
N ARG A 45 -2.75 -21.32 32.93
CA ARG A 45 -3.62 -21.01 34.08
C ARG A 45 -4.87 -21.89 33.88
N PRO A 46 -4.70 -23.22 33.95
CA PRO A 46 -5.75 -24.14 33.56
C PRO A 46 -7.02 -24.00 34.35
N ASP A 47 -6.90 -23.61 35.63
CA ASP A 47 -8.06 -23.45 36.51
C ASP A 47 -8.93 -22.24 36.16
N SER A 48 -8.38 -21.31 35.37
CA SER A 48 -9.13 -20.17 34.81
C SER A 48 -9.38 -20.31 33.29
N LEU A 49 -9.29 -21.54 32.78
CA LEU A 49 -9.50 -21.78 31.34
C LEU A 49 -8.50 -20.98 30.49
N ASN A 50 -7.32 -20.83 31.09
CA ASN A 50 -6.19 -20.08 30.57
C ASN A 50 -6.53 -18.67 30.17
N SER A 51 -7.35 -18.01 30.97
CA SER A 51 -7.78 -16.68 30.65
C SER A 51 -6.61 -15.74 30.83
N VAL A 52 -6.66 -14.59 30.16
CA VAL A 52 -5.54 -13.66 30.10
C VAL A 52 -5.43 -12.66 31.27
N ASN A 53 -4.38 -12.79 32.07
CA ASN A 53 -4.04 -11.77 33.06
C ASN A 53 -2.79 -11.01 32.62
N ASP A 54 -2.32 -10.06 33.41
CA ASP A 54 -1.21 -9.21 32.96
C ASP A 54 0.05 -10.03 32.68
N ASP A 55 0.31 -11.05 33.50
CA ASP A 55 1.48 -11.90 33.38
C ASP A 55 1.46 -12.76 32.13
N LEU A 56 0.27 -13.22 31.74
CA LEU A 56 0.14 -14.04 30.55
C LEU A 56 0.27 -13.13 29.33
N HIS A 57 -0.30 -11.94 29.43
CA HIS A 57 -0.18 -10.94 28.38
C HIS A 57 1.26 -10.48 28.14
N VAL A 58 1.94 -10.07 29.21
CA VAL A 58 3.33 -9.63 29.09
C VAL A 58 4.22 -10.74 28.50
N GLY A 59 4.01 -11.97 28.95
CA GLY A 59 4.85 -13.08 28.49
C GLY A 59 4.71 -13.31 26.99
N LEU A 60 3.46 -13.31 26.52
CA LEU A 60 3.18 -13.43 25.10
C LEU A 60 3.83 -12.31 24.30
N ALA A 61 3.87 -11.11 24.86
CA ALA A 61 4.47 -9.97 24.13
C ALA A 61 5.98 -10.15 23.94
N ARG A 62 6.63 -10.77 24.91
CA ARG A 62 8.09 -10.91 24.85
C ARG A 62 8.53 -12.18 24.14
N LEU A 63 7.62 -13.15 24.02
CA LEU A 63 8.06 -14.48 23.69
C LEU A 63 8.57 -14.62 22.26
N TRP A 64 7.80 -14.08 21.31
CA TRP A 64 8.11 -14.24 19.91
C TRP A 64 9.52 -13.77 19.53
N GLN A 65 9.90 -12.58 19.95
CA GLN A 65 11.26 -12.11 19.69
C GLN A 65 12.34 -13.00 20.33
N ARG A 66 12.09 -13.54 21.53
CA ARG A 66 13.08 -14.45 22.13
C ARG A 66 13.19 -15.80 21.39
N LEU A 67 12.11 -16.26 20.78
CA LEU A 67 12.20 -17.44 19.92
C LEU A 67 12.99 -17.11 18.64
N THR A 68 12.68 -15.98 18.03
CA THR A 68 13.37 -15.52 16.83
C THR A 68 14.89 -15.44 17.05
N ASP A 69 15.33 -15.15 18.26
CA ASP A 69 16.75 -14.88 18.53
C ASP A 69 17.48 -16.07 19.12
N ASP A 70 16.73 -17.13 19.42
CA ASP A 70 17.34 -18.37 19.89
C ASP A 70 17.62 -19.31 18.71
N PRO A 71 18.86 -19.26 18.15
CA PRO A 71 19.06 -20.07 16.94
C PRO A 71 18.98 -21.58 17.22
N THR A 72 18.85 -21.95 18.50
CA THR A 72 18.63 -23.37 18.82
C THR A 72 17.15 -23.76 18.68
N ALA A 73 16.27 -22.78 18.41
CA ALA A 73 14.84 -23.04 18.16
C ALA A 73 14.50 -22.88 16.70
N ARG A 74 13.71 -23.83 16.15
CA ARG A 74 13.35 -23.78 14.71
C ARG A 74 11.87 -24.07 14.41
N ALA A 75 11.09 -24.35 15.46
CA ALA A 75 9.66 -24.61 15.30
C ALA A 75 8.97 -24.56 16.65
N ALA A 76 7.69 -24.18 16.62
CA ALA A 76 6.90 -24.17 17.84
C ALA A 76 5.51 -24.75 17.72
N VAL A 77 5.01 -25.28 18.83
CA VAL A 77 3.61 -25.61 18.99
C VAL A 77 3.11 -24.72 20.11
N ILE A 78 1.90 -24.18 19.95
CA ILE A 78 1.21 -23.46 21.01
C ILE A 78 -0.14 -24.13 21.35
N THR A 79 -0.38 -24.36 22.63
CA THR A 79 -1.59 -25.04 23.09
C THR A 79 -1.95 -24.48 24.47
N GLY A 80 -3.09 -24.94 25.01
CA GLY A 80 -3.50 -24.61 26.37
C GLY A 80 -3.50 -25.78 27.32
N ALA A 81 -3.12 -25.53 28.58
CA ALA A 81 -3.25 -26.55 29.63
C ALA A 81 -4.73 -26.76 29.98
N GLY A 82 -5.12 -28.01 30.24
CA GLY A 82 -6.48 -28.35 30.70
C GLY A 82 -7.51 -28.37 29.59
N ARG A 83 -8.68 -27.82 29.86
CA ARG A 83 -9.82 -28.01 28.93
C ARG A 83 -9.86 -26.98 27.79
N ALA A 84 -9.26 -25.82 28.01
CA ALA A 84 -9.35 -24.79 26.99
C ALA A 84 -8.01 -24.41 26.38
N PHE A 85 -8.09 -23.83 25.20
CA PHE A 85 -6.96 -23.13 24.66
C PHE A 85 -6.81 -21.81 25.45
N SER A 86 -7.83 -20.95 25.40
CA SER A 86 -7.91 -19.75 26.22
C SER A 86 -9.32 -19.15 26.15
N ALA A 87 -9.93 -18.98 27.32
CA ALA A 87 -11.27 -18.46 27.46
C ALA A 87 -11.34 -16.95 27.30
N GLY A 88 -10.21 -16.27 27.16
CA GLY A 88 -10.24 -14.81 27.01
C GLY A 88 -9.69 -14.04 28.21
N GLY A 89 -10.02 -12.76 28.29
CA GLY A 89 -9.59 -11.92 29.40
C GLY A 89 -10.13 -12.35 30.74
N ASP A 90 -9.24 -12.34 31.71
CA ASP A 90 -9.56 -12.40 33.12
C ASP A 90 -10.39 -11.15 33.42
N PHE A 91 -11.59 -11.33 34.01
CA PHE A 91 -12.52 -10.22 34.32
C PHE A 91 -11.93 -9.20 35.27
N GLY A 92 -11.19 -9.69 36.26
CA GLY A 92 -10.42 -8.82 37.16
C GLY A 92 -9.36 -7.96 36.45
N TYR A 93 -8.63 -8.56 35.51
CA TYR A 93 -7.68 -7.83 34.67
C TYR A 93 -8.44 -6.74 33.87
N LEU A 94 -9.47 -7.14 33.13
CA LEU A 94 -10.28 -6.21 32.38
C LEU A 94 -10.85 -5.03 33.22
N LYS A 95 -11.31 -5.30 34.44
CA LYS A 95 -11.81 -4.24 35.32
C LYS A 95 -10.66 -3.30 35.76
N GLU A 96 -9.53 -3.87 36.14
CA GLU A 96 -8.36 -3.03 36.41
C GLU A 96 -8.02 -2.08 35.23
N LEU A 97 -8.12 -2.60 34.01
CA LEU A 97 -7.84 -1.83 32.78
C LEU A 97 -8.77 -0.66 32.55
N SER A 98 -10.02 -0.77 32.97
CA SER A 98 -10.91 0.41 32.95
C SER A 98 -10.58 1.48 34.02
N ALA A 99 -9.72 1.17 34.97
CA ALA A 99 -9.48 2.09 36.08
C ALA A 99 -8.09 2.73 36.07
N ASP A 100 -7.12 2.07 35.47
CA ASP A 100 -5.70 2.42 35.59
C ASP A 100 -5.13 2.81 34.22
N ALA A 101 -4.91 4.10 33.99
CA ALA A 101 -4.41 4.55 32.67
C ALA A 101 -3.02 4.03 32.29
N ASP A 102 -2.14 3.91 33.29
CA ASP A 102 -0.80 3.35 33.11
C ASP A 102 -0.84 1.90 32.66
N LEU A 103 -1.60 1.07 33.38
CA LEU A 103 -1.80 -0.34 32.98
C LEU A 103 -2.40 -0.44 31.59
N ARG A 104 -3.36 0.43 31.29
CA ARG A 104 -3.96 0.49 29.98
C ARG A 104 -2.92 0.72 28.89
N ALA A 105 -2.12 1.77 29.04
CA ALA A 105 -1.08 2.07 28.07
C ALA A 105 -0.11 0.91 27.93
N LYS A 106 0.19 0.24 29.04
CA LYS A 106 1.07 -0.91 28.96
C LYS A 106 0.48 -2.00 28.09
N THR A 107 -0.78 -2.35 28.37
CA THR A 107 -1.46 -3.46 27.69
C THR A 107 -1.52 -3.20 26.18
N ILE A 108 -1.83 -1.96 25.79
CA ILE A 108 -1.80 -1.55 24.39
C ILE A 108 -0.41 -1.81 23.77
N ARG A 109 0.67 -1.38 24.42
CA ARG A 109 2.01 -1.63 23.88
C ARG A 109 2.28 -3.12 23.72
N ASP A 110 1.94 -3.89 24.76
CA ASP A 110 2.18 -5.31 24.75
C ASP A 110 1.32 -6.06 23.74
N GLY A 111 0.08 -5.60 23.58
CA GLY A 111 -0.82 -6.14 22.56
C GLY A 111 -0.27 -5.99 21.14
N ARG A 112 0.27 -4.81 20.87
CA ARG A 112 0.91 -4.52 19.60
C ARG A 112 2.04 -5.49 19.34
N GLU A 113 2.80 -5.79 20.39
CA GLU A 113 4.00 -6.61 20.28
C GLU A 113 3.70 -8.08 20.06
N ILE A 114 2.61 -8.55 20.65
CA ILE A 114 2.10 -9.88 20.33
C ILE A 114 1.85 -10.00 18.83
N VAL A 115 1.08 -9.09 18.26
CA VAL A 115 0.73 -9.12 16.85
C VAL A 115 1.92 -8.97 15.91
N LEU A 116 2.71 -7.91 16.12
CA LEU A 116 3.90 -7.69 15.34
C LEU A 116 4.89 -8.81 15.58
N GLY A 117 5.01 -9.24 16.84
CA GLY A 117 5.89 -10.34 17.23
C GLY A 117 5.60 -11.65 16.49
N MET A 118 4.32 -12.03 16.42
CA MET A 118 3.95 -13.24 15.70
C MET A 118 4.11 -13.05 14.19
N ALA A 119 3.68 -11.89 13.69
CA ALA A 119 3.73 -11.60 12.26
C ALA A 119 5.15 -11.82 11.72
N ARG A 120 6.12 -11.46 12.54
CA ARG A 120 7.52 -11.41 12.13
C ARG A 120 8.29 -12.59 12.72
N CYS A 121 7.64 -13.43 13.51
CA CYS A 121 8.38 -14.55 14.10
C CYS A 121 9.07 -15.44 13.06
N ARG A 122 10.37 -15.68 13.25
CA ARG A 122 11.20 -16.41 12.29
C ARG A 122 10.74 -17.89 12.10
N ILE A 123 10.32 -18.53 13.19
CA ILE A 123 10.02 -19.95 13.15
C ILE A 123 8.54 -20.20 12.93
N PRO A 124 8.18 -21.32 12.23
CA PRO A 124 6.76 -21.70 12.06
C PRO A 124 6.10 -21.96 13.39
N VAL A 125 4.82 -21.63 13.49
CA VAL A 125 4.07 -21.79 14.75
C VAL A 125 2.84 -22.66 14.50
N VAL A 126 2.80 -23.82 15.12
CA VAL A 126 1.66 -24.74 14.91
C VAL A 126 0.73 -24.75 16.13
N ALA A 127 -0.52 -24.31 15.94
CA ALA A 127 -1.49 -24.31 17.01
C ALA A 127 -2.16 -25.67 17.15
N ALA A 128 -2.28 -26.11 18.39
CA ALA A 128 -3.09 -27.26 18.81
C ALA A 128 -4.19 -26.72 19.73
N VAL A 129 -5.36 -26.51 19.14
CA VAL A 129 -6.44 -25.87 19.83
C VAL A 129 -7.19 -26.94 20.58
N ASN A 130 -6.93 -27.05 21.87
CA ASN A 130 -7.42 -28.19 22.63
C ASN A 130 -8.86 -28.06 23.13
N GLY A 131 -9.36 -26.82 23.21
CA GLY A 131 -10.74 -26.49 23.57
C GLY A 131 -11.02 -25.06 23.10
N PRO A 132 -11.95 -24.35 23.74
CA PRO A 132 -12.30 -23.00 23.29
C PRO A 132 -11.10 -22.07 23.19
N ALA A 133 -10.99 -21.36 22.06
CA ALA A 133 -10.04 -20.27 21.88
C ALA A 133 -10.87 -19.04 21.64
N VAL A 134 -10.90 -18.17 22.64
CA VAL A 134 -11.84 -17.07 22.72
C VAL A 134 -11.05 -15.76 22.91
N GLY A 135 -11.50 -14.70 22.23
CA GLY A 135 -10.83 -13.38 22.28
C GLY A 135 -9.40 -13.43 21.78
N LEU A 136 -8.44 -13.14 22.65
CA LEU A 136 -7.01 -13.21 22.29
C LEU A 136 -6.58 -14.60 21.81
N GLY A 137 -7.15 -15.65 22.41
CA GLY A 137 -6.81 -17.04 22.05
C GLY A 137 -7.07 -17.30 20.59
N CYS A 138 -8.11 -16.63 20.10
CA CYS A 138 -8.61 -16.81 18.79
C CYS A 138 -7.73 -16.00 17.85
N SER A 139 -7.22 -14.89 18.35
CA SER A 139 -6.23 -14.09 17.64
C SER A 139 -4.85 -14.78 17.50
N LEU A 140 -4.39 -15.44 18.56
CA LEU A 140 -3.20 -16.29 18.47
C LEU A 140 -3.34 -17.37 17.37
N VAL A 141 -4.53 -18.01 17.32
CA VAL A 141 -4.83 -19.00 16.29
C VAL A 141 -4.79 -18.35 14.88
N ALA A 142 -5.34 -17.14 14.71
CA ALA A 142 -5.22 -16.43 13.41
C ALA A 142 -3.77 -16.04 12.99
N LEU A 143 -2.89 -15.85 13.96
CA LEU A 143 -1.53 -15.51 13.70
C LEU A 143 -0.56 -16.71 13.63
N SER A 144 -1.09 -17.94 13.73
CA SER A 144 -0.29 -19.17 13.58
C SER A 144 -0.06 -19.51 12.09
N ASP A 145 0.77 -20.50 11.81
CA ASP A 145 0.98 -20.95 10.43
C ASP A 145 0.14 -22.17 9.99
N ILE A 146 -0.11 -23.09 10.95
CA ILE A 146 -0.91 -24.26 10.73
C ILE A 146 -1.71 -24.51 11.99
N VAL A 147 -3.01 -24.84 11.82
CA VAL A 147 -3.88 -25.04 12.99
C VAL A 147 -4.54 -26.43 13.04
N TYR A 148 -4.31 -27.17 14.12
CA TYR A 148 -5.01 -28.41 14.43
C TYR A 148 -5.98 -28.05 15.55
N ILE A 149 -7.22 -28.54 15.45
CA ILE A 149 -8.29 -28.17 16.38
C ILE A 149 -9.09 -29.39 16.80
N ALA A 150 -9.42 -29.49 18.08
CA ALA A 150 -10.15 -30.65 18.62
C ALA A 150 -11.60 -30.65 18.13
N GLU A 151 -12.25 -31.81 18.06
CA GLU A 151 -13.60 -31.95 17.41
C GLU A 151 -14.69 -31.12 18.03
N ASN A 152 -14.57 -30.88 19.33
CA ASN A 152 -15.53 -30.09 20.10
C ASN A 152 -15.04 -28.68 20.54
N ALA A 153 -13.83 -28.32 20.14
CA ALA A 153 -13.35 -26.97 20.39
C ALA A 153 -14.05 -25.97 19.47
N TYR A 154 -13.95 -24.68 19.80
CA TYR A 154 -14.47 -23.66 18.91
C TYR A 154 -13.62 -22.41 18.99
N LEU A 155 -13.75 -21.55 17.96
CA LEU A 155 -13.19 -20.20 17.90
C LEU A 155 -14.28 -19.15 18.14
N ALA A 156 -13.98 -18.12 18.92
CA ALA A 156 -14.95 -17.06 19.10
C ALA A 156 -14.25 -15.79 19.53
N ASP A 157 -14.79 -14.66 19.08
CA ASP A 157 -14.32 -13.37 19.56
C ASP A 157 -15.50 -12.56 20.07
N PRO A 158 -15.68 -12.50 21.40
CA PRO A 158 -16.83 -11.85 22.01
C PRO A 158 -16.52 -10.42 22.48
N HIS A 159 -15.53 -9.76 21.86
CA HIS A 159 -15.16 -8.39 22.20
C HIS A 159 -16.34 -7.40 22.17
N VAL A 160 -17.03 -7.38 21.03
CA VAL A 160 -18.13 -6.43 20.83
C VAL A 160 -19.28 -6.66 21.87
N GLN A 161 -19.65 -7.92 22.13
CA GLN A 161 -20.71 -8.26 23.12
C GLN A 161 -20.40 -7.67 24.53
N VAL A 162 -19.14 -7.41 24.78
CA VAL A 162 -18.65 -7.09 26.11
C VAL A 162 -18.29 -5.60 26.20
N GLY A 163 -18.29 -4.93 25.05
CA GLY A 163 -18.08 -3.48 25.01
C GLY A 163 -16.72 -3.07 24.49
N LEU A 164 -15.98 -4.04 23.96
CA LEU A 164 -14.64 -3.76 23.46
C LEU A 164 -14.50 -3.88 21.96
N VAL A 165 -13.67 -3.01 21.40
CA VAL A 165 -13.28 -3.09 20.01
C VAL A 165 -12.32 -4.25 19.88
N ALA A 166 -12.60 -5.13 18.92
CA ALA A 166 -11.82 -6.32 18.72
C ALA A 166 -10.49 -6.02 18.00
N ALA A 167 -9.47 -5.70 18.79
CA ALA A 167 -8.16 -5.30 18.28
C ALA A 167 -7.02 -6.31 18.41
N ASP A 168 -7.15 -7.26 19.34
N ASP A 168 -7.14 -7.24 19.36
CA ASP A 168 -6.07 -8.17 19.72
CA ASP A 168 -6.09 -8.21 19.70
C ASP A 168 -5.44 -9.01 18.59
C ASP A 168 -5.34 -8.79 18.51
N GLY A 169 -6.06 -8.99 17.40
CA GLY A 169 -5.51 -9.65 16.21
C GLY A 169 -6.41 -10.63 15.46
N GLY A 170 -7.59 -10.95 16.01
CA GLY A 170 -8.50 -11.94 15.37
C GLY A 170 -9.19 -11.41 14.10
N PRO A 171 -10.34 -10.73 14.29
CA PRO A 171 -11.02 -9.84 13.35
C PRO A 171 -10.04 -8.98 12.54
N LEU A 172 -9.02 -8.47 13.19
CA LEU A 172 -7.94 -7.76 12.50
C LEU A 172 -7.42 -8.51 11.27
N THR A 173 -7.09 -9.78 11.49
CA THR A 173 -6.45 -10.62 10.49
C THR A 173 -7.39 -11.67 9.89
N TRP A 174 -8.58 -11.86 10.48
CA TRP A 174 -9.56 -12.77 9.85
C TRP A 174 -9.73 -12.62 8.30
N PRO A 175 -9.79 -11.36 7.79
CA PRO A 175 -9.97 -11.18 6.34
C PRO A 175 -8.84 -11.78 5.47
N LEU A 176 -7.76 -12.21 6.12
CA LEU A 176 -6.69 -12.86 5.40
C LEU A 176 -7.05 -14.31 5.14
N HIS A 177 -8.01 -14.81 5.92
CA HIS A 177 -8.37 -16.21 5.89
C HIS A 177 -9.76 -16.46 5.30
N ILE A 178 -10.64 -15.48 5.45
CA ILE A 178 -12.07 -15.68 5.16
C ILE A 178 -12.67 -14.43 4.48
N SER A 179 -13.84 -14.63 3.85
CA SER A 179 -14.68 -13.57 3.32
C SER A 179 -14.85 -12.45 4.35
N LEU A 180 -14.67 -11.24 3.86
CA LEU A 180 -14.79 -10.09 4.72
C LEU A 180 -16.21 -10.00 5.29
N LEU A 181 -17.20 -10.37 4.49
CA LEU A 181 -18.59 -10.43 4.96
C LEU A 181 -18.71 -11.36 6.13
N LEU A 182 -18.11 -12.54 6.04
CA LEU A 182 -18.08 -13.46 7.20
C LEU A 182 -17.26 -12.92 8.35
N ALA A 183 -16.15 -12.25 8.06
CA ALA A 183 -15.39 -11.64 9.19
C ALA A 183 -16.22 -10.56 9.92
N LYS A 184 -16.90 -9.68 9.18
CA LYS A 184 -17.77 -8.68 9.78
C LYS A 184 -18.82 -9.32 10.70
N GLU A 185 -19.54 -10.34 10.20
CA GLU A 185 -20.59 -10.99 10.95
C GLU A 185 -20.09 -11.55 12.29
N TYR A 186 -19.06 -12.39 12.24
CA TYR A 186 -18.56 -13.03 13.44
C TYR A 186 -17.93 -12.02 14.43
N ALA A 187 -17.33 -10.95 13.91
CA ALA A 187 -16.76 -9.96 14.83
C ALA A 187 -17.85 -9.19 15.55
N LEU A 188 -18.95 -8.97 14.85
CA LEU A 188 -20.07 -8.17 15.38
C LEU A 188 -21.09 -8.93 16.20
N THR A 189 -21.14 -10.26 16.06
CA THR A 189 -22.14 -11.08 16.76
C THR A 189 -21.52 -12.01 17.80
N GLY A 190 -20.21 -12.18 17.76
CA GLY A 190 -19.51 -13.11 18.64
C GLY A 190 -19.85 -14.60 18.51
N THR A 191 -20.32 -15.02 17.32
CA THR A 191 -20.64 -16.43 17.06
C THR A 191 -19.45 -17.33 17.39
N ARG A 192 -19.78 -18.45 18.00
CA ARG A 192 -18.84 -19.54 18.17
C ARG A 192 -18.66 -20.20 16.82
N ILE A 193 -17.41 -20.44 16.44
CA ILE A 193 -17.14 -21.15 15.19
C ILE A 193 -16.61 -22.56 15.54
N SER A 194 -17.36 -23.58 15.15
CA SER A 194 -16.96 -24.96 15.47
C SER A 194 -15.68 -25.34 14.73
N ALA A 195 -15.06 -26.42 15.18
CA ALA A 195 -13.82 -26.90 14.58
C ALA A 195 -14.05 -27.23 13.11
N GLN A 196 -15.21 -27.81 12.83
CA GLN A 196 -15.54 -28.20 11.46
C GLN A 196 -15.81 -26.98 10.60
N ARG A 197 -16.64 -26.07 11.10
CA ARG A 197 -16.95 -24.86 10.35
C ARG A 197 -15.66 -24.10 10.06
N ALA A 198 -14.70 -24.12 10.99
CA ALA A 198 -13.38 -23.48 10.89
C ALA A 198 -12.50 -24.11 9.86
N VAL A 199 -12.48 -25.43 9.82
CA VAL A 199 -11.68 -26.11 8.83
C VAL A 199 -12.21 -25.81 7.44
N GLU A 200 -13.54 -25.88 7.28
CA GLU A 200 -14.19 -25.53 6.02
C GLU A 200 -13.80 -24.11 5.63
N LEU A 201 -13.83 -23.18 6.58
CA LEU A 201 -13.59 -21.78 6.26
C LEU A 201 -12.16 -21.43 5.99
N GLY A 202 -11.22 -22.27 6.43
CA GLY A 202 -9.80 -21.92 6.39
C GLY A 202 -9.34 -21.10 7.60
N LEU A 203 -10.11 -21.15 8.70
CA LEU A 203 -9.65 -20.62 9.97
C LEU A 203 -8.87 -21.65 10.79
N ALA A 204 -8.98 -22.90 10.38
CA ALA A 204 -8.16 -23.95 10.90
C ALA A 204 -7.81 -24.88 9.73
N ASN A 205 -6.84 -25.78 9.93
CA ASN A 205 -6.36 -26.64 8.85
C ASN A 205 -6.89 -28.06 8.94
N HIS A 206 -6.81 -28.66 10.12
CA HIS A 206 -7.32 -30.01 10.34
C HIS A 206 -8.07 -30.09 11.68
N VAL A 207 -9.10 -30.94 11.70
CA VAL A 207 -9.69 -31.46 12.93
C VAL A 207 -8.91 -32.70 13.35
N ALA A 208 -8.61 -32.79 14.65
CA ALA A 208 -7.82 -33.90 15.18
C ALA A 208 -8.37 -34.46 16.48
N ASP A 209 -8.35 -35.77 16.61
CA ASP A 209 -8.66 -36.45 17.86
C ASP A 209 -7.71 -35.95 18.97
N ASP A 210 -6.44 -35.76 18.61
CA ASP A 210 -5.41 -35.36 19.54
C ASP A 210 -4.63 -34.22 18.88
N PRO A 211 -5.16 -32.99 18.96
CA PRO A 211 -4.53 -31.93 18.18
C PRO A 211 -3.12 -31.60 18.66
N VAL A 212 -2.84 -31.73 19.94
CA VAL A 212 -1.45 -31.52 20.35
C VAL A 212 -0.49 -32.58 19.83
N ALA A 213 -0.88 -33.85 19.82
CA ALA A 213 -0.06 -34.90 19.16
C ALA A 213 0.19 -34.63 17.67
N GLU A 214 -0.87 -34.24 16.96
CA GLU A 214 -0.77 -34.04 15.52
C GLU A 214 0.04 -32.79 15.15
N ALA A 215 -0.13 -31.74 15.96
CA ALA A 215 0.67 -30.51 15.86
C ALA A 215 2.14 -30.83 16.05
N ILE A 216 2.45 -31.65 17.05
CA ILE A 216 3.84 -31.97 17.34
C ILE A 216 4.46 -32.70 16.15
N ALA A 217 3.73 -33.67 15.61
CA ALA A 217 4.19 -34.44 14.46
C ALA A 217 4.38 -33.52 13.27
N CYS A 218 3.42 -32.62 13.03
CA CYS A 218 3.50 -31.65 11.93
C CYS A 218 4.75 -30.80 12.01
N ALA A 219 4.93 -30.17 13.16
CA ALA A 219 6.14 -29.40 13.46
C ALA A 219 7.39 -30.25 13.30
N LYS A 220 7.34 -31.51 13.73
CA LYS A 220 8.53 -32.38 13.59
C LYS A 220 8.90 -32.69 12.13
N LYS A 221 7.90 -32.76 11.25
CA LYS A 221 8.19 -32.96 9.81
C LYS A 221 8.87 -31.71 9.30
N ILE A 222 8.30 -30.53 9.62
CA ILE A 222 8.87 -29.24 9.24
C ILE A 222 10.33 -29.07 9.69
N LEU A 223 10.68 -29.65 10.82
CA LEU A 223 12.08 -29.58 11.31
C LEU A 223 13.07 -30.38 10.46
N GLU A 224 12.61 -31.44 9.82
CA GLU A 224 13.47 -32.21 8.92
C GLU A 224 13.79 -31.47 7.60
N LEU A 225 12.99 -30.44 7.26
CA LEU A 225 13.12 -29.71 5.99
C LEU A 225 14.20 -28.61 6.03
N PRO A 226 14.77 -28.24 4.86
CA PRO A 226 15.84 -27.22 4.83
C PRO A 226 15.41 -25.90 5.45
N GLN A 227 16.15 -25.45 6.47
CA GLN A 227 15.79 -24.29 7.27
C GLN A 227 15.55 -22.99 6.47
N GLN A 228 16.45 -22.68 5.55
CA GLN A 228 16.42 -21.41 4.83
C GLN A 228 15.18 -21.34 3.93
N ALA A 229 14.77 -22.48 3.37
CA ALA A 229 13.52 -22.53 2.57
C ALA A 229 12.30 -22.31 3.45
N VAL A 230 12.28 -23.00 4.58
CA VAL A 230 11.16 -22.91 5.52
C VAL A 230 10.99 -21.45 5.99
N GLU A 231 12.07 -20.87 6.51
CA GLU A 231 12.01 -19.52 7.11
C GLU A 231 11.65 -18.40 6.13
N SER A 232 12.27 -18.41 4.94
CA SER A 232 12.05 -17.33 3.96
C SER A 232 10.67 -17.40 3.34
N THR A 233 10.16 -18.62 3.20
CA THR A 233 8.86 -18.87 2.62
C THR A 233 7.77 -18.37 3.59
N LYS A 234 7.88 -18.66 4.88
CA LYS A 234 7.02 -18.01 5.88
C LYS A 234 7.02 -16.45 5.70
N ARG A 235 8.21 -15.89 5.56
CA ARG A 235 8.38 -14.47 5.43
C ARG A 235 7.66 -13.95 4.18
N VAL A 236 7.82 -14.65 3.06
CA VAL A 236 7.13 -14.27 1.82
C VAL A 236 5.61 -14.18 2.03
N LEU A 237 5.05 -15.13 2.78
CA LEU A 237 3.62 -15.19 2.94
C LEU A 237 3.13 -14.21 3.99
N ASN A 238 3.89 -14.05 5.07
CA ASN A 238 3.57 -13.08 6.12
C ASN A 238 3.69 -11.59 5.80
N ILE A 239 4.39 -11.25 4.73
CA ILE A 239 4.35 -9.87 4.23
C ILE A 239 2.89 -9.43 4.05
N HIS A 240 2.05 -10.30 3.49
CA HIS A 240 0.63 -9.93 3.36
C HIS A 240 -0.01 -9.65 4.68
N LEU A 241 0.32 -10.49 5.67
CA LEU A 241 -0.23 -10.33 7.01
C LEU A 241 0.28 -9.01 7.61
N GLU A 242 1.58 -8.77 7.49
CA GLU A 242 2.13 -7.51 7.96
C GLU A 242 1.56 -6.25 7.26
N ARG A 243 1.39 -6.30 5.94
CA ARG A 243 0.69 -5.23 5.22
C ARG A 243 -0.69 -4.91 5.81
N ALA A 244 -1.49 -5.93 6.15
CA ALA A 244 -2.84 -5.74 6.71
C ALA A 244 -2.90 -5.16 8.13
N VAL A 245 -2.09 -5.71 9.02
CA VAL A 245 -1.83 -5.18 10.35
C VAL A 245 -1.29 -3.75 10.36
N LEU A 246 -0.34 -3.43 9.49
CA LEU A 246 0.15 -2.05 9.41
C LEU A 246 -1.00 -1.09 9.03
N ALA A 247 -1.98 -1.54 8.26
CA ALA A 247 -3.05 -0.66 7.81
C ALA A 247 -4.01 -0.29 8.92
N SER A 248 -4.14 -1.13 9.92
CA SER A 248 -5.26 -0.96 10.86
C SER A 248 -4.97 -1.13 12.36
N LEU A 249 -3.81 -1.72 12.69
CA LEU A 249 -3.51 -2.03 14.09
C LEU A 249 -3.47 -0.81 14.96
N ASP A 250 -2.76 0.23 14.53
CA ASP A 250 -2.67 1.45 15.35
C ASP A 250 -4.06 2.02 15.69
N TYR A 251 -4.92 2.17 14.66
CA TYR A 251 -6.29 2.66 14.86
C TYR A 251 -7.10 1.72 15.78
N ALA A 252 -6.97 0.43 15.50
CA ALA A 252 -7.68 -0.59 16.27
C ALA A 252 -7.29 -0.52 17.76
N LEU A 253 -6.00 -0.39 18.05
CA LEU A 253 -5.53 -0.36 19.41
C LEU A 253 -5.99 0.91 20.13
N SER A 254 -5.91 2.05 19.44
CA SER A 254 -6.39 3.33 19.97
C SER A 254 -7.88 3.24 20.33
N ALA A 255 -8.68 2.62 19.46
CA ALA A 255 -10.12 2.45 19.71
C ALA A 255 -10.47 1.56 20.94
N GLU A 256 -9.78 0.42 21.06
CA GLU A 256 -9.91 -0.48 22.21
C GLU A 256 -9.44 0.20 23.49
N SER A 257 -8.38 1.01 23.38
CA SER A 257 -7.95 1.89 24.47
C SER A 257 -9.12 2.76 24.92
N GLN A 258 -9.86 3.36 23.97
CA GLN A 258 -11.06 4.11 24.34
C GLN A 258 -12.21 3.23 24.83
N SER A 259 -12.38 2.03 24.27
CA SER A 259 -13.44 1.13 24.75
C SER A 259 -13.34 0.85 26.24
N PHE A 260 -12.13 0.68 26.76
CA PHE A 260 -11.93 0.35 28.19
C PHE A 260 -12.52 1.38 29.15
N VAL A 261 -12.73 2.59 28.66
CA VAL A 261 -13.04 3.72 29.50
C VAL A 261 -14.51 4.14 29.34
N THR A 262 -15.18 3.55 28.36
CA THR A 262 -16.60 3.82 28.12
C THR A 262 -17.46 3.37 29.30
N GLU A 263 -18.59 4.05 29.49
CA GLU A 263 -19.59 3.62 30.49
C GLU A 263 -20.16 2.25 30.12
N ASP A 264 -20.40 2.02 28.84
CA ASP A 264 -20.87 0.72 28.39
C ASP A 264 -20.03 -0.43 28.89
N PHE A 265 -18.72 -0.29 28.75
CA PHE A 265 -17.80 -1.38 29.09
C PHE A 265 -17.65 -1.49 30.59
N ARG A 266 -17.48 -0.36 31.26
CA ARG A 266 -17.41 -0.35 32.74
C ARG A 266 -18.61 -1.14 33.32
N SER A 267 -19.82 -0.78 32.89
CA SER A 267 -21.04 -1.45 33.37
C SER A 267 -21.17 -2.95 32.99
N ILE A 268 -20.70 -3.33 31.80
CA ILE A 268 -20.67 -4.76 31.43
C ILE A 268 -19.62 -5.53 32.25
N VAL A 269 -18.43 -4.95 32.38
CA VAL A 269 -17.34 -5.64 33.08
C VAL A 269 -17.51 -5.63 34.61
N THR A 270 -18.11 -4.57 35.15
CA THR A 270 -18.35 -4.47 36.59
C THR A 270 -19.37 -5.51 37.06
N LYS A 271 -20.28 -5.92 36.16
CA LYS A 271 -21.13 -7.08 36.41
C LYS A 271 -20.31 -8.33 36.26
N LEU A 272 -19.58 -8.45 35.16
CA LEU A 272 -18.86 -9.68 34.89
C LEU A 272 -17.79 -10.01 35.95
N ALA A 273 -17.12 -8.98 36.46
CA ALA A 273 -16.11 -9.13 37.53
C ALA A 273 -16.68 -9.29 38.95
N ASP A 274 -17.93 -8.86 39.16
CA ASP A 274 -18.61 -9.06 40.46
C ASP A 274 -18.89 -10.54 40.73
N LYS A 275 -17.98 -11.14 41.51
CA LYS A 275 -17.99 -12.55 41.88
C LYS A 275 -18.17 -12.69 43.39
N ASN A 276 -19.11 -11.91 43.92
CA ASN A 276 -19.40 -11.74 45.38
C ASN A 276 -18.40 -10.84 46.21
N VAL B 23 4.83 -16.71 -34.53
CA VAL B 23 5.17 -15.27 -34.71
C VAL B 23 5.80 -14.63 -33.44
N TYR B 24 5.86 -15.38 -32.34
CA TYR B 24 6.36 -14.78 -31.09
C TYR B 24 7.78 -15.19 -30.70
N ASP B 25 8.56 -15.68 -31.68
CA ASP B 25 9.95 -16.11 -31.46
C ASP B 25 10.15 -17.05 -30.26
N MET B 26 9.22 -18.00 -30.12
CA MET B 26 9.27 -19.03 -29.09
C MET B 26 10.18 -20.15 -29.54
N PRO B 27 10.93 -20.75 -28.59
CA PRO B 27 11.71 -21.95 -28.90
C PRO B 27 10.80 -23.18 -28.97
N THR B 28 11.41 -24.33 -29.24
CA THR B 28 10.68 -25.59 -29.35
C THR B 28 9.81 -25.82 -28.12
N GLU B 29 10.35 -25.50 -26.93
CA GLU B 29 9.71 -25.90 -25.66
C GLU B 29 8.42 -25.14 -25.31
N ILE B 30 8.11 -24.13 -26.11
CA ILE B 30 6.80 -23.48 -26.06
C ILE B 30 6.21 -23.39 -27.46
N ASP B 31 5.30 -24.28 -27.78
CA ASP B 31 4.51 -24.17 -28.98
C ASP B 31 3.34 -23.21 -28.77
N VAL B 32 3.20 -22.25 -29.69
CA VAL B 32 2.06 -21.35 -29.70
C VAL B 32 1.29 -21.42 -31.03
N ARG B 33 -0.01 -21.68 -30.93
CA ARG B 33 -0.86 -21.91 -32.09
C ARG B 33 -1.96 -20.85 -32.15
N ALA B 34 -2.20 -20.35 -33.36
CA ALA B 34 -3.26 -19.39 -33.65
C ALA B 34 -4.53 -20.05 -34.21
N ASP B 35 -5.67 -19.65 -33.70
CA ASP B 35 -6.97 -20.12 -34.19
C ASP B 35 -7.79 -18.86 -34.10
N GLY B 36 -7.77 -18.09 -35.18
CA GLY B 36 -8.40 -16.77 -35.17
C GLY B 36 -7.70 -15.82 -34.21
N ALA B 37 -8.48 -15.27 -33.28
CA ALA B 37 -7.97 -14.31 -32.30
C ALA B 37 -7.55 -15.02 -31.01
N LEU B 38 -7.72 -16.34 -30.99
CA LEU B 38 -7.29 -17.20 -29.91
C LEU B 38 -5.83 -17.65 -30.08
N ARG B 39 -5.09 -17.66 -28.99
CA ARG B 39 -3.78 -18.23 -29.00
C ARG B 39 -3.77 -19.41 -28.02
N ILE B 40 -3.37 -20.59 -28.50
CA ILE B 40 -3.23 -21.78 -27.64
C ILE B 40 -1.76 -22.01 -27.34
N ILE B 41 -1.40 -21.99 -26.06
CA ILE B 41 0.01 -22.10 -25.64
C ILE B 41 0.27 -23.46 -25.04
N THR B 42 1.19 -24.20 -25.66
CA THR B 42 1.52 -25.53 -25.20
C THR B 42 2.96 -25.66 -24.68
N LEU B 43 3.09 -25.88 -23.38
CA LEU B 43 4.34 -26.27 -22.79
C LEU B 43 4.81 -27.59 -23.42
N ASN B 44 5.93 -27.55 -24.15
CA ASN B 44 6.27 -28.61 -25.12
C ASN B 44 7.60 -29.35 -24.86
N ARG B 45 7.74 -29.97 -23.68
CA ARG B 45 8.79 -30.96 -23.41
C ARG B 45 8.21 -32.29 -22.87
N PRO B 46 7.28 -32.91 -23.64
CA PRO B 46 6.47 -34.01 -23.09
C PRO B 46 7.30 -35.11 -22.42
N ASP B 47 8.42 -35.48 -23.04
CA ASP B 47 9.29 -36.56 -22.52
C ASP B 47 9.78 -36.31 -21.09
N SER B 48 9.98 -35.04 -20.73
CA SER B 48 10.33 -34.62 -19.36
C SER B 48 9.10 -34.18 -18.54
N LEU B 49 7.91 -34.51 -19.06
CA LEU B 49 6.65 -34.06 -18.44
C LEU B 49 6.65 -32.53 -18.33
N ASN B 50 7.12 -31.89 -19.39
CA ASN B 50 7.15 -30.40 -19.53
C ASN B 50 7.89 -29.69 -18.39
N SER B 51 8.96 -30.31 -17.93
CA SER B 51 9.82 -29.73 -16.91
C SER B 51 10.55 -28.49 -17.43
N VAL B 52 10.82 -27.56 -16.52
CA VAL B 52 11.34 -26.26 -16.87
C VAL B 52 12.84 -26.30 -17.05
N ASN B 53 13.28 -26.13 -18.29
CA ASN B 53 14.67 -25.85 -18.58
C ASN B 53 14.81 -24.33 -18.92
N ASP B 54 16.00 -23.89 -19.33
CA ASP B 54 16.26 -22.45 -19.48
C ASP B 54 15.42 -21.84 -20.61
N ASP B 55 15.36 -22.54 -21.74
CA ASP B 55 14.55 -22.15 -22.89
C ASP B 55 13.07 -21.99 -22.58
N LEU B 56 12.50 -22.91 -21.80
CA LEU B 56 11.09 -22.86 -21.44
C LEU B 56 10.89 -21.65 -20.53
N HIS B 57 11.85 -21.42 -19.63
CA HIS B 57 11.81 -20.27 -18.72
C HIS B 57 11.93 -18.92 -19.48
N VAL B 58 12.93 -18.77 -20.32
CA VAL B 58 13.03 -17.58 -21.18
C VAL B 58 11.76 -17.30 -22.04
N GLY B 59 11.28 -18.31 -22.74
CA GLY B 59 10.08 -18.15 -23.55
C GLY B 59 8.88 -17.65 -22.76
N LEU B 60 8.64 -18.25 -21.58
CA LEU B 60 7.54 -17.81 -20.69
C LEU B 60 7.72 -16.34 -20.27
N ALA B 61 8.96 -15.96 -19.95
CA ALA B 61 9.31 -14.59 -19.61
C ALA B 61 8.92 -13.56 -20.70
N ARG B 62 9.19 -13.90 -21.97
CA ARG B 62 8.98 -13.02 -23.10
C ARG B 62 7.57 -13.10 -23.75
N LEU B 63 6.83 -14.21 -23.57
CA LEU B 63 5.55 -14.41 -24.25
C LEU B 63 4.45 -13.36 -23.98
N TRP B 64 4.27 -12.98 -22.71
CA TRP B 64 3.13 -12.18 -22.30
C TRP B 64 3.12 -10.77 -22.87
N GLN B 65 4.27 -10.11 -22.88
CA GLN B 65 4.36 -8.81 -23.53
C GLN B 65 4.07 -8.96 -25.01
N ARG B 66 4.54 -10.02 -25.63
CA ARG B 66 4.34 -10.20 -27.06
C ARG B 66 2.88 -10.46 -27.44
N LEU B 67 2.15 -11.13 -26.56
CA LEU B 67 0.70 -11.25 -26.70
C LEU B 67 -0.02 -9.89 -26.53
N THR B 68 0.32 -9.14 -25.47
CA THR B 68 -0.23 -7.81 -25.24
C THR B 68 -0.08 -6.91 -26.50
N ASP B 69 1.07 -7.00 -27.15
CA ASP B 69 1.37 -6.16 -28.31
C ASP B 69 0.88 -6.68 -29.66
N ASP B 70 0.29 -7.88 -29.69
CA ASP B 70 -0.29 -8.42 -30.90
C ASP B 70 -1.80 -8.19 -30.90
N PRO B 71 -2.27 -7.12 -31.55
CA PRO B 71 -3.72 -6.82 -31.56
C PRO B 71 -4.56 -7.90 -32.20
N THR B 72 -3.95 -8.77 -33.00
CA THR B 72 -4.72 -9.87 -33.57
C THR B 72 -4.99 -10.93 -32.49
N ALA B 73 -4.30 -10.83 -31.36
CA ALA B 73 -4.58 -11.70 -30.23
C ALA B 73 -5.60 -11.07 -29.30
N ARG B 74 -6.62 -11.84 -28.91
CA ARG B 74 -7.58 -11.35 -27.89
C ARG B 74 -7.86 -12.30 -26.73
N ALA B 75 -7.34 -13.51 -26.77
CA ALA B 75 -7.51 -14.49 -25.68
C ALA B 75 -6.53 -15.64 -25.81
N ALA B 76 -6.23 -16.31 -24.70
CA ALA B 76 -5.24 -17.38 -24.73
C ALA B 76 -5.62 -18.53 -23.86
N VAL B 77 -5.25 -19.73 -24.30
CA VAL B 77 -5.36 -20.94 -23.50
C VAL B 77 -3.94 -21.44 -23.29
N ILE B 78 -3.61 -21.86 -22.07
CA ILE B 78 -2.28 -22.46 -21.78
C ILE B 78 -2.45 -23.86 -21.22
N THR B 79 -1.70 -24.81 -21.77
CA THR B 79 -1.79 -26.19 -21.38
C THR B 79 -0.45 -26.86 -21.59
N GLY B 80 -0.37 -28.15 -21.28
CA GLY B 80 0.85 -28.91 -21.48
C GLY B 80 0.67 -30.03 -22.50
N ALA B 81 1.75 -30.33 -23.22
CA ALA B 81 1.78 -31.56 -24.06
C ALA B 81 1.94 -32.83 -23.20
N GLY B 82 1.30 -33.92 -23.63
CA GLY B 82 1.47 -35.21 -22.98
C GLY B 82 0.66 -35.28 -21.70
N ARG B 83 1.18 -36.01 -20.71
CA ARG B 83 0.39 -36.38 -19.53
C ARG B 83 0.39 -35.32 -18.45
N ALA B 84 1.38 -34.43 -18.47
CA ALA B 84 1.57 -33.42 -17.44
C ALA B 84 1.22 -31.99 -17.93
N PHE B 85 0.91 -31.11 -17.00
CA PHE B 85 0.86 -29.68 -17.31
C PHE B 85 2.28 -29.20 -17.26
N SER B 86 2.92 -29.29 -16.09
CA SER B 86 4.37 -29.19 -15.94
C SER B 86 4.82 -29.77 -14.62
N ALA B 87 5.92 -30.51 -14.65
CA ALA B 87 6.39 -31.20 -13.46
C ALA B 87 7.35 -30.32 -12.69
N GLY B 88 7.52 -29.09 -13.14
CA GLY B 88 8.43 -28.17 -12.46
C GLY B 88 9.83 -28.10 -13.03
N GLY B 89 10.80 -28.03 -12.13
CA GLY B 89 12.18 -27.77 -12.51
C GLY B 89 12.84 -28.99 -13.14
N ASP B 90 13.58 -28.71 -14.22
CA ASP B 90 14.47 -29.69 -14.83
C ASP B 90 15.64 -29.80 -13.86
N PHE B 91 15.97 -31.02 -13.45
CA PHE B 91 17.03 -31.22 -12.45
C PHE B 91 18.41 -30.78 -12.97
N GLY B 92 18.68 -31.05 -14.24
CA GLY B 92 19.90 -30.58 -14.91
C GLY B 92 20.09 -29.08 -14.81
N TYR B 93 19.02 -28.35 -15.16
CA TYR B 93 18.94 -26.88 -15.04
C TYR B 93 19.14 -26.35 -13.62
N LEU B 94 18.40 -26.94 -12.68
CA LEU B 94 18.51 -26.59 -11.26
C LEU B 94 19.94 -26.76 -10.73
N LYS B 95 20.61 -27.82 -11.18
CA LYS B 95 22.00 -28.12 -10.78
C LYS B 95 22.92 -27.04 -11.30
N GLU B 96 22.66 -26.63 -12.54
CA GLU B 96 23.41 -25.61 -13.23
C GLU B 96 23.20 -24.27 -12.50
N LEU B 97 21.99 -24.06 -11.97
CA LEU B 97 21.68 -22.81 -11.28
C LEU B 97 22.43 -22.70 -9.96
N SER B 98 22.72 -23.83 -9.32
CA SER B 98 23.45 -23.78 -8.07
C SER B 98 24.95 -23.57 -8.31
N ALA B 99 25.36 -23.50 -9.57
CA ALA B 99 26.77 -23.47 -9.93
C ALA B 99 27.18 -22.24 -10.78
N ASP B 100 26.21 -21.46 -11.28
CA ASP B 100 26.48 -20.42 -12.27
C ASP B 100 25.79 -19.08 -11.91
N ALA B 101 26.55 -18.16 -11.33
CA ALA B 101 26.00 -16.90 -10.82
C ALA B 101 25.38 -16.01 -11.91
N ASP B 102 25.97 -16.00 -13.11
CA ASP B 102 25.37 -15.30 -14.26
C ASP B 102 23.98 -15.84 -14.62
N LEU B 103 23.89 -17.15 -14.84
CA LEU B 103 22.63 -17.81 -15.14
C LEU B 103 21.61 -17.54 -14.02
N ARG B 104 22.04 -17.71 -12.77
CA ARG B 104 21.21 -17.38 -11.60
C ARG B 104 20.60 -15.99 -11.70
N ALA B 105 21.43 -14.98 -11.97
CA ALA B 105 20.94 -13.60 -12.04
C ALA B 105 19.94 -13.42 -13.21
N LYS B 106 20.18 -14.14 -14.30
CA LYS B 106 19.32 -14.08 -15.46
C LYS B 106 17.93 -14.69 -15.14
N THR B 107 17.94 -15.86 -14.50
CA THR B 107 16.73 -16.61 -14.16
C THR B 107 15.86 -15.84 -13.13
N ILE B 108 16.51 -15.16 -12.21
CA ILE B 108 15.80 -14.23 -11.33
C ILE B 108 15.09 -13.15 -12.16
N ARG B 109 15.83 -12.51 -13.07
CA ARG B 109 15.26 -11.49 -13.95
C ARG B 109 14.05 -12.00 -14.71
N ASP B 110 14.15 -13.23 -15.18
CA ASP B 110 13.14 -13.76 -16.08
C ASP B 110 11.93 -14.25 -15.29
N GLY B 111 12.23 -14.74 -14.08
CA GLY B 111 11.24 -15.03 -13.05
C GLY B 111 10.35 -13.86 -12.64
N ARG B 112 10.89 -12.64 -12.62
CA ARG B 112 10.06 -11.46 -12.33
C ARG B 112 9.18 -11.17 -13.55
N GLU B 113 9.72 -11.40 -14.73
CA GLU B 113 9.00 -11.12 -15.96
C GLU B 113 7.84 -12.06 -16.18
N ILE B 114 7.94 -13.31 -15.76
CA ILE B 114 6.82 -14.24 -15.89
C ILE B 114 5.60 -13.75 -15.06
N VAL B 115 5.89 -13.36 -13.81
CA VAL B 115 4.85 -12.94 -12.89
C VAL B 115 4.31 -11.61 -13.34
N LEU B 116 5.20 -10.67 -13.63
CA LEU B 116 4.76 -9.35 -14.02
C LEU B 116 4.05 -9.34 -15.35
N GLY B 117 4.59 -10.11 -16.29
CA GLY B 117 3.99 -10.28 -17.60
C GLY B 117 2.60 -10.86 -17.50
N MET B 118 2.42 -11.90 -16.71
CA MET B 118 1.09 -12.47 -16.61
C MET B 118 0.13 -11.51 -15.92
N ALA B 119 0.56 -10.89 -14.83
CA ALA B 119 -0.29 -9.92 -14.11
C ALA B 119 -0.72 -8.75 -14.98
N ARG B 120 0.16 -8.30 -15.84
CA ARG B 120 -0.10 -7.14 -16.66
C ARG B 120 -0.65 -7.48 -18.06
N CYS B 121 -0.82 -8.79 -18.37
CA CYS B 121 -1.18 -9.22 -19.74
C CYS B 121 -2.56 -8.74 -20.17
N ARG B 122 -2.67 -8.17 -21.36
CA ARG B 122 -3.95 -7.59 -21.81
C ARG B 122 -5.09 -8.63 -21.94
N ILE B 123 -4.77 -9.83 -22.40
CA ILE B 123 -5.81 -10.76 -22.83
C ILE B 123 -6.14 -11.76 -21.73
N PRO B 124 -7.38 -12.22 -21.67
CA PRO B 124 -7.69 -13.23 -20.71
C PRO B 124 -6.91 -14.47 -21.05
N VAL B 125 -6.47 -15.18 -20.02
CA VAL B 125 -5.69 -16.39 -20.16
C VAL B 125 -6.45 -17.50 -19.42
N VAL B 126 -6.83 -18.54 -20.13
CA VAL B 126 -7.54 -19.68 -19.51
C VAL B 126 -6.61 -20.90 -19.43
N ALA B 127 -6.46 -21.47 -18.24
CA ALA B 127 -5.59 -22.63 -18.07
C ALA B 127 -6.33 -23.92 -18.28
N ALA B 128 -5.73 -24.84 -19.02
CA ALA B 128 -6.22 -26.23 -19.11
C ALA B 128 -5.19 -27.17 -18.46
N VAL B 129 -5.44 -27.51 -17.20
CA VAL B 129 -4.49 -28.34 -16.45
C VAL B 129 -4.79 -29.80 -16.73
N ASN B 130 -4.05 -30.32 -17.71
CA ASN B 130 -4.32 -31.63 -18.27
C ASN B 130 -3.76 -32.76 -17.42
N GLY B 131 -2.80 -32.41 -16.56
CA GLY B 131 -2.06 -33.33 -15.71
C GLY B 131 -1.41 -32.52 -14.59
N PRO B 132 -0.43 -33.11 -13.88
CA PRO B 132 0.16 -32.43 -12.73
C PRO B 132 0.71 -31.03 -13.06
N ALA B 133 0.43 -30.07 -12.18
CA ALA B 133 0.95 -28.72 -12.31
C ALA B 133 1.74 -28.44 -11.04
N VAL B 134 3.06 -28.46 -11.18
CA VAL B 134 3.94 -28.56 -10.02
C VAL B 134 4.97 -27.44 -10.11
N GLY B 135 5.13 -26.67 -9.02
CA GLY B 135 6.18 -25.64 -8.96
C GLY B 135 5.83 -24.43 -9.81
N LEU B 136 6.69 -24.08 -10.77
CA LEU B 136 6.37 -23.02 -11.72
C LEU B 136 5.02 -23.31 -12.38
N GLY B 137 4.79 -24.59 -12.65
CA GLY B 137 3.53 -25.05 -13.23
C GLY B 137 2.28 -24.52 -12.52
N CYS B 138 2.24 -24.68 -11.21
CA CYS B 138 1.05 -24.32 -10.50
C CYS B 138 0.96 -22.79 -10.28
N SER B 139 2.09 -22.12 -10.36
CA SER B 139 2.12 -20.67 -10.38
C SER B 139 1.56 -20.05 -11.68
N LEU B 140 1.93 -20.61 -12.85
CA LEU B 140 1.23 -20.28 -14.09
C LEU B 140 -0.31 -20.48 -13.90
N VAL B 141 -0.72 -21.52 -13.18
CA VAL B 141 -2.14 -21.75 -12.93
C VAL B 141 -2.70 -20.65 -12.02
N ALA B 142 -2.01 -20.36 -10.93
CA ALA B 142 -2.46 -19.31 -10.02
C ALA B 142 -2.51 -17.94 -10.69
N LEU B 143 -1.76 -17.75 -11.78
CA LEU B 143 -1.71 -16.46 -12.49
C LEU B 143 -2.68 -16.29 -13.67
N SER B 144 -3.39 -17.36 -14.00
CA SER B 144 -4.35 -17.36 -15.09
C SER B 144 -5.61 -16.69 -14.57
N ASP B 145 -6.57 -16.45 -15.47
CA ASP B 145 -7.86 -15.87 -15.11
C ASP B 145 -8.96 -16.90 -14.82
N ILE B 146 -9.09 -17.89 -15.68
CA ILE B 146 -10.08 -18.95 -15.46
C ILE B 146 -9.33 -20.27 -15.54
N VAL B 147 -9.64 -21.20 -14.65
CA VAL B 147 -8.88 -22.47 -14.59
C VAL B 147 -9.74 -23.74 -14.68
N TYR B 148 -9.49 -24.52 -15.74
CA TYR B 148 -10.08 -25.84 -15.91
C TYR B 148 -9.03 -26.92 -15.64
N ILE B 149 -9.42 -27.92 -14.86
CA ILE B 149 -8.51 -28.98 -14.43
C ILE B 149 -9.06 -30.40 -14.69
N ALA B 150 -8.19 -31.28 -15.20
CA ALA B 150 -8.55 -32.69 -15.42
C ALA B 150 -8.86 -33.40 -14.12
N GLU B 151 -9.69 -34.44 -14.20
CA GLU B 151 -10.21 -35.17 -13.03
C GLU B 151 -9.11 -35.76 -12.18
N ASN B 152 -8.03 -36.18 -12.84
CA ASN B 152 -6.91 -36.79 -12.16
C ASN B 152 -5.67 -35.90 -12.00
N ALA B 153 -5.72 -34.68 -12.56
CA ALA B 153 -4.66 -33.70 -12.34
C ALA B 153 -4.61 -33.24 -10.85
N TYR B 154 -3.50 -32.59 -10.47
CA TYR B 154 -3.39 -31.99 -9.14
C TYR B 154 -2.49 -30.79 -9.24
N LEU B 155 -2.51 -29.95 -8.21
CA LEU B 155 -1.55 -28.84 -8.03
C LEU B 155 -0.62 -29.13 -6.86
N ALA B 156 0.65 -28.75 -6.99
CA ALA B 156 1.58 -28.87 -5.90
C ALA B 156 2.76 -27.93 -6.03
N ASP B 157 3.26 -27.50 -4.88
CA ASP B 157 4.51 -26.78 -4.89
C ASP B 157 5.45 -27.41 -3.89
N PRO B 158 6.44 -28.17 -4.38
CA PRO B 158 7.44 -28.82 -3.57
C PRO B 158 8.78 -28.04 -3.46
N HIS B 159 8.77 -26.72 -3.66
CA HIS B 159 10.00 -25.94 -3.52
C HIS B 159 10.67 -26.21 -2.15
N VAL B 160 9.91 -26.08 -1.07
CA VAL B 160 10.52 -26.18 0.26
C VAL B 160 11.12 -27.56 0.51
N GLN B 161 10.44 -28.64 0.09
CA GLN B 161 10.91 -30.01 0.29
C GLN B 161 12.27 -30.24 -0.42
N VAL B 162 12.56 -29.35 -1.35
CA VAL B 162 13.72 -29.48 -2.21
C VAL B 162 14.85 -28.46 -1.86
N GLY B 163 14.59 -27.64 -0.83
CA GLY B 163 15.58 -26.68 -0.35
C GLY B 163 15.53 -25.29 -0.99
N LEU B 164 14.40 -24.99 -1.62
CA LEU B 164 14.19 -23.73 -2.31
C LEU B 164 13.03 -22.94 -1.72
N VAL B 165 13.15 -21.61 -1.75
CA VAL B 165 12.05 -20.72 -1.39
C VAL B 165 11.05 -20.68 -2.54
N ALA B 166 9.77 -20.87 -2.23
CA ALA B 166 8.69 -20.84 -3.24
C ALA B 166 8.36 -19.41 -3.73
N ALA B 167 9.17 -18.98 -4.70
CA ALA B 167 9.16 -17.62 -5.17
C ALA B 167 8.50 -17.46 -6.55
N ASP B 168 8.42 -18.56 -7.30
N ASP B 168 8.41 -18.53 -7.34
CA ASP B 168 7.98 -18.63 -8.71
CA ASP B 168 8.07 -18.44 -8.75
C ASP B 168 6.68 -17.88 -9.08
C ASP B 168 6.64 -17.94 -9.09
N GLY B 169 5.86 -17.57 -8.06
CA GLY B 169 4.48 -17.07 -8.29
C GLY B 169 3.32 -17.89 -7.70
N GLY B 170 3.59 -19.11 -7.17
CA GLY B 170 2.55 -19.97 -6.52
C GLY B 170 2.02 -19.47 -5.15
N PRO B 171 2.67 -19.91 -4.07
CA PRO B 171 2.56 -19.34 -2.71
C PRO B 171 2.56 -17.80 -2.68
N LEU B 172 3.25 -17.20 -3.64
CA LEU B 172 3.24 -15.77 -3.86
C LEU B 172 1.83 -15.23 -4.12
N THR B 173 1.07 -15.94 -4.94
CA THR B 173 -0.24 -15.46 -5.36
C THR B 173 -1.42 -16.17 -4.64
N TRP B 174 -1.21 -17.40 -4.21
CA TRP B 174 -2.22 -18.19 -3.46
C TRP B 174 -3.12 -17.43 -2.47
N PRO B 175 -2.55 -16.54 -1.64
CA PRO B 175 -3.37 -15.73 -0.71
C PRO B 175 -4.49 -14.90 -1.34
N LEU B 176 -4.49 -14.75 -2.66
CA LEU B 176 -5.59 -14.05 -3.35
C LEU B 176 -6.73 -15.02 -3.75
N HIS B 177 -6.44 -16.32 -3.72
CA HIS B 177 -7.41 -17.34 -4.03
C HIS B 177 -7.91 -18.05 -2.78
N ILE B 178 -6.97 -18.36 -1.91
CA ILE B 178 -7.29 -19.19 -0.75
C ILE B 178 -6.85 -18.49 0.53
N SER B 179 -7.39 -19.00 1.64
CA SER B 179 -6.95 -18.67 3.00
C SER B 179 -5.42 -18.74 3.14
N LEU B 180 -4.81 -17.67 3.69
CA LEU B 180 -3.36 -17.64 4.01
C LEU B 180 -2.90 -18.82 4.87
N LEU B 181 -3.69 -19.18 5.89
CA LEU B 181 -3.43 -20.41 6.67
C LEU B 181 -3.22 -21.62 5.77
N LEU B 182 -4.14 -21.85 4.84
CA LEU B 182 -3.96 -22.95 3.88
C LEU B 182 -2.77 -22.77 2.95
N ALA B 183 -2.61 -21.58 2.38
CA ALA B 183 -1.39 -21.27 1.64
C ALA B 183 -0.12 -21.61 2.44
N LYS B 184 -0.09 -21.27 3.72
CA LYS B 184 1.11 -21.56 4.51
C LYS B 184 1.33 -23.06 4.65
N GLU B 185 0.27 -23.82 4.96
CA GLU B 185 0.39 -25.26 4.98
C GLU B 185 0.87 -25.90 3.66
N TYR B 186 0.12 -25.68 2.58
CA TYR B 186 0.42 -26.29 1.30
C TYR B 186 1.82 -25.93 0.79
N ALA B 187 2.26 -24.71 1.13
CA ALA B 187 3.56 -24.21 0.70
C ALA B 187 4.69 -24.77 1.57
N LEU B 188 4.47 -24.91 2.87
CA LEU B 188 5.49 -25.42 3.79
C LEU B 188 5.64 -26.92 3.72
N THR B 189 4.59 -27.61 3.30
CA THR B 189 4.64 -29.09 3.28
C THR B 189 4.63 -29.67 1.86
N GLY B 190 4.33 -28.86 0.86
CA GLY B 190 4.17 -29.37 -0.51
C GLY B 190 3.06 -30.38 -0.78
N THR B 191 1.99 -30.35 0.03
CA THR B 191 0.86 -31.27 -0.16
C THR B 191 0.27 -31.18 -1.57
N ARG B 192 -0.19 -32.31 -2.08
CA ARG B 192 -0.91 -32.37 -3.34
C ARG B 192 -2.37 -31.98 -3.16
N ILE B 193 -2.81 -31.07 -4.02
CA ILE B 193 -4.17 -30.59 -4.08
C ILE B 193 -4.80 -31.16 -5.34
N SER B 194 -5.64 -32.16 -5.14
CA SER B 194 -6.42 -32.80 -6.20
C SER B 194 -7.35 -31.81 -6.97
N ALA B 195 -7.83 -32.23 -8.14
CA ALA B 195 -8.76 -31.40 -8.92
C ALA B 195 -10.00 -31.01 -8.11
N GLN B 196 -10.54 -31.98 -7.36
CA GLN B 196 -11.77 -31.79 -6.58
C GLN B 196 -11.56 -30.81 -5.44
N ARG B 197 -10.42 -30.94 -4.80
CA ARG B 197 -10.00 -30.07 -3.73
C ARG B 197 -9.70 -28.64 -4.25
N ALA B 198 -9.02 -28.53 -5.39
CA ALA B 198 -8.70 -27.22 -5.94
C ALA B 198 -9.96 -26.41 -6.24
N VAL B 199 -10.96 -27.07 -6.82
CA VAL B 199 -12.20 -26.39 -7.17
C VAL B 199 -12.99 -26.03 -5.90
N GLU B 200 -12.94 -26.92 -4.90
CA GLU B 200 -13.54 -26.66 -3.60
C GLU B 200 -12.88 -25.44 -2.94
N LEU B 201 -11.58 -25.24 -3.20
CA LEU B 201 -10.80 -24.19 -2.53
C LEU B 201 -10.81 -22.83 -3.23
N GLY B 202 -11.09 -22.84 -4.53
CA GLY B 202 -10.93 -21.65 -5.35
C GLY B 202 -9.55 -21.51 -6.00
N LEU B 203 -8.74 -22.59 -5.95
CA LEU B 203 -7.51 -22.68 -6.75
C LEU B 203 -7.79 -23.12 -8.19
N ALA B 204 -9.04 -23.48 -8.47
CA ALA B 204 -9.45 -23.77 -9.86
C ALA B 204 -10.93 -23.44 -10.04
N ASN B 205 -11.38 -23.23 -11.28
CA ASN B 205 -12.80 -22.90 -11.51
C ASN B 205 -13.71 -24.10 -11.73
N HIS B 206 -13.23 -25.06 -12.51
CA HIS B 206 -14.02 -26.24 -12.86
C HIS B 206 -13.13 -27.45 -13.05
N VAL B 207 -13.65 -28.61 -12.65
CA VAL B 207 -13.14 -29.91 -13.06
C VAL B 207 -13.78 -30.31 -14.42
N ALA B 208 -12.97 -30.89 -15.30
CA ALA B 208 -13.42 -31.28 -16.63
C ALA B 208 -12.88 -32.66 -17.03
N ASP B 209 -13.73 -33.46 -17.66
CA ASP B 209 -13.25 -34.66 -18.31
C ASP B 209 -12.17 -34.27 -19.34
N ASP B 210 -12.48 -33.26 -20.15
CA ASP B 210 -11.57 -32.75 -21.19
C ASP B 210 -11.29 -31.24 -20.96
N PRO B 211 -10.25 -30.92 -20.16
CA PRO B 211 -9.97 -29.50 -19.81
C PRO B 211 -9.54 -28.62 -20.98
N VAL B 212 -8.85 -29.19 -21.96
CA VAL B 212 -8.42 -28.45 -23.13
C VAL B 212 -9.63 -28.00 -23.98
N ALA B 213 -10.56 -28.91 -24.25
CA ALA B 213 -11.75 -28.52 -25.01
C ALA B 213 -12.59 -27.47 -24.28
N GLU B 214 -12.73 -27.66 -22.97
CA GLU B 214 -13.56 -26.80 -22.14
C GLU B 214 -12.94 -25.39 -22.00
N ALA B 215 -11.64 -25.34 -21.80
CA ALA B 215 -10.93 -24.09 -21.78
C ALA B 215 -11.01 -23.37 -23.14
N ILE B 216 -10.86 -24.13 -24.23
CA ILE B 216 -10.96 -23.52 -25.57
C ILE B 216 -12.35 -22.90 -25.79
N ALA B 217 -13.39 -23.61 -25.38
CA ALA B 217 -14.77 -23.13 -25.52
C ALA B 217 -15.02 -21.92 -24.64
N CYS B 218 -14.43 -21.93 -23.45
CA CYS B 218 -14.57 -20.79 -22.55
C CYS B 218 -13.91 -19.53 -23.15
N ALA B 219 -12.70 -19.70 -23.67
CA ALA B 219 -11.99 -18.58 -24.29
C ALA B 219 -12.72 -18.10 -25.53
N LYS B 220 -13.25 -19.01 -26.35
CA LYS B 220 -14.01 -18.65 -27.56
C LYS B 220 -15.32 -17.92 -27.24
N LYS B 221 -15.91 -18.22 -26.08
CA LYS B 221 -17.13 -17.56 -25.63
C LYS B 221 -16.79 -16.12 -25.18
N ILE B 222 -15.66 -15.96 -24.48
CA ILE B 222 -15.18 -14.65 -24.09
C ILE B 222 -14.83 -13.80 -25.30
N LEU B 223 -14.19 -14.41 -26.29
CA LEU B 223 -13.82 -13.73 -27.53
C LEU B 223 -14.99 -13.02 -28.26
N GLU B 224 -16.20 -13.54 -28.09
CA GLU B 224 -17.43 -12.96 -28.65
C GLU B 224 -17.93 -11.71 -27.92
N LEU B 225 -17.35 -11.45 -26.73
CA LEU B 225 -17.75 -10.33 -25.88
C LEU B 225 -17.06 -8.99 -26.25
N PRO B 226 -17.68 -7.85 -25.91
CA PRO B 226 -17.07 -6.58 -26.26
C PRO B 226 -15.66 -6.43 -25.68
N GLN B 227 -14.69 -6.25 -26.55
CA GLN B 227 -13.27 -6.17 -26.20
C GLN B 227 -12.90 -5.25 -25.04
N GLN B 228 -13.35 -4.00 -25.11
CA GLN B 228 -12.91 -2.96 -24.19
C GLN B 228 -13.38 -3.29 -22.75
N ALA B 229 -14.57 -3.88 -22.65
CA ALA B 229 -15.13 -4.35 -21.39
C ALA B 229 -14.34 -5.55 -20.79
N VAL B 230 -13.94 -6.50 -21.61
CA VAL B 230 -13.20 -7.68 -21.15
C VAL B 230 -11.83 -7.27 -20.63
N GLU B 231 -11.08 -6.55 -21.45
CA GLU B 231 -9.71 -6.14 -21.14
C GLU B 231 -9.66 -5.18 -19.95
N SER B 232 -10.63 -4.27 -19.84
CA SER B 232 -10.66 -3.35 -18.69
C SER B 232 -11.02 -4.05 -17.41
N THR B 233 -11.93 -5.01 -17.48
CA THR B 233 -12.35 -5.77 -16.32
C THR B 233 -11.21 -6.69 -15.83
N LYS B 234 -10.46 -7.33 -16.72
CA LYS B 234 -9.28 -8.07 -16.24
C LYS B 234 -8.32 -7.14 -15.44
N ARG B 235 -8.02 -5.99 -16.01
CA ARG B 235 -7.21 -4.94 -15.39
C ARG B 235 -7.64 -4.53 -13.97
N VAL B 236 -8.92 -4.16 -13.81
CA VAL B 236 -9.47 -3.81 -12.51
C VAL B 236 -9.18 -4.93 -11.51
N LEU B 237 -9.43 -6.15 -11.93
CA LEU B 237 -9.26 -7.25 -11.03
C LEU B 237 -7.80 -7.58 -10.73
N ASN B 238 -6.93 -7.46 -11.73
CA ASN B 238 -5.51 -7.77 -11.56
C ASN B 238 -4.69 -6.70 -10.82
N ILE B 239 -5.25 -5.50 -10.67
CA ILE B 239 -4.62 -4.48 -9.81
C ILE B 239 -4.41 -5.08 -8.42
N HIS B 240 -5.40 -5.83 -7.91
CA HIS B 240 -5.26 -6.48 -6.59
C HIS B 240 -4.11 -7.50 -6.59
N LEU B 241 -3.96 -8.20 -7.70
CA LEU B 241 -2.89 -9.18 -7.88
C LEU B 241 -1.52 -8.51 -7.98
N GLU B 242 -1.43 -7.44 -8.75
CA GLU B 242 -0.16 -6.71 -8.87
C GLU B 242 0.28 -6.07 -7.56
N ARG B 243 -0.65 -5.54 -6.80
CA ARG B 243 -0.31 -4.97 -5.49
C ARG B 243 0.30 -6.04 -4.59
N ALA B 244 -0.28 -7.25 -4.63
CA ALA B 244 0.24 -8.33 -3.77
C ALA B 244 1.63 -8.83 -4.23
N VAL B 245 1.82 -8.97 -5.54
CA VAL B 245 3.10 -9.33 -6.11
C VAL B 245 4.17 -8.28 -5.82
N LEU B 246 3.88 -7.01 -6.09
CA LEU B 246 4.85 -5.97 -5.79
C LEU B 246 5.35 -5.96 -4.33
N ALA B 247 4.54 -6.43 -3.38
CA ALA B 247 4.97 -6.33 -1.97
C ALA B 247 6.03 -7.34 -1.57
N SER B 248 6.16 -8.43 -2.32
CA SER B 248 6.97 -9.56 -1.89
C SER B 248 7.85 -10.22 -2.96
N LEU B 249 7.65 -9.83 -4.23
CA LEU B 249 8.34 -10.48 -5.34
C LEU B 249 9.86 -10.33 -5.32
N ASP B 250 10.40 -9.12 -5.15
CA ASP B 250 11.84 -8.97 -5.14
C ASP B 250 12.45 -9.70 -3.95
N TYR B 251 11.85 -9.53 -2.76
CA TYR B 251 12.29 -10.38 -1.65
C TYR B 251 12.25 -11.89 -1.98
N ALA B 252 11.13 -12.39 -2.47
CA ALA B 252 11.00 -13.83 -2.82
C ALA B 252 12.07 -14.31 -3.79
N LEU B 253 12.26 -13.61 -4.90
CA LEU B 253 13.27 -13.99 -5.87
C LEU B 253 14.70 -13.89 -5.33
N SER B 254 15.02 -12.83 -4.58
CA SER B 254 16.32 -12.72 -3.90
C SER B 254 16.58 -13.88 -2.92
N ALA B 255 15.54 -14.29 -2.18
CA ALA B 255 15.70 -15.42 -1.25
C ALA B 255 15.86 -16.74 -1.99
N GLU B 256 15.18 -16.91 -3.12
CA GLU B 256 15.36 -18.11 -3.94
C GLU B 256 16.78 -18.18 -4.52
N SER B 257 17.28 -17.03 -4.97
CA SER B 257 18.65 -16.96 -5.41
C SER B 257 19.56 -17.55 -4.35
N GLN B 258 19.35 -17.13 -3.11
CA GLN B 258 20.19 -17.60 -2.05
C GLN B 258 20.01 -19.08 -1.84
N SER B 259 18.80 -19.64 -1.96
CA SER B 259 18.71 -21.09 -1.73
C SER B 259 19.39 -22.00 -2.80
N PHE B 260 19.61 -21.47 -4.01
CA PHE B 260 20.32 -22.24 -5.03
C PHE B 260 21.76 -22.53 -4.57
N VAL B 261 22.34 -21.65 -3.75
CA VAL B 261 23.74 -21.82 -3.29
C VAL B 261 23.90 -22.48 -1.89
N THR B 262 22.81 -22.99 -1.32
CA THR B 262 22.90 -23.60 0.00
C THR B 262 23.37 -25.04 -0.11
N GLU B 263 24.21 -25.46 0.85
CA GLU B 263 24.57 -26.86 0.97
C GLU B 263 23.33 -27.77 0.94
N ASP B 264 22.26 -27.35 1.63
CA ASP B 264 20.99 -28.09 1.59
C ASP B 264 20.49 -28.37 0.18
N PHE B 265 20.43 -27.32 -0.63
CA PHE B 265 19.96 -27.50 -1.99
C PHE B 265 21.01 -28.18 -2.87
N ARG B 266 22.27 -27.79 -2.72
CA ARG B 266 23.33 -28.36 -3.53
C ARG B 266 23.35 -29.88 -3.39
N SER B 267 23.18 -30.33 -2.14
CA SER B 267 23.18 -31.73 -1.78
C SER B 267 21.91 -32.48 -2.26
N ILE B 268 20.75 -31.82 -2.16
CA ILE B 268 19.51 -32.45 -2.63
C ILE B 268 19.47 -32.53 -4.16
N VAL B 269 19.96 -31.50 -4.84
CA VAL B 269 19.87 -31.43 -6.28
C VAL B 269 20.96 -32.24 -6.97
N THR B 270 21.99 -32.59 -6.22
CA THR B 270 23.00 -33.47 -6.77
C THR B 270 22.44 -34.87 -6.83
N LYS B 271 21.69 -35.28 -5.82
CA LYS B 271 21.06 -36.60 -5.85
C LYS B 271 20.08 -36.67 -7.03
N LEU B 272 19.27 -35.61 -7.18
CA LEU B 272 18.19 -35.60 -8.18
C LEU B 272 18.66 -35.51 -9.62
N ALA B 273 19.73 -34.73 -9.84
CA ALA B 273 20.36 -34.58 -11.15
C ALA B 273 21.25 -35.78 -11.53
N ASP B 274 21.54 -36.65 -10.57
CA ASP B 274 22.27 -37.91 -10.84
C ASP B 274 21.35 -38.90 -11.61
N LYS B 275 21.55 -38.90 -12.93
CA LYS B 275 20.84 -39.76 -13.90
C LYS B 275 21.85 -40.65 -14.67
N ASN B 276 22.77 -41.25 -13.89
CA ASN B 276 23.99 -41.99 -14.32
C ASN B 276 25.19 -41.14 -14.82
N TYR C 24 -34.55 12.19 4.78
CA TYR C 24 -33.20 12.30 4.16
C TYR C 24 -33.20 13.04 2.83
N ASP C 25 -34.36 13.56 2.46
CA ASP C 25 -34.54 14.22 1.18
C ASP C 25 -34.20 13.26 0.05
N MET C 26 -34.69 12.04 0.17
CA MET C 26 -34.60 11.00 -0.85
C MET C 26 -35.65 11.22 -1.95
N PRO C 27 -35.48 10.61 -3.13
CA PRO C 27 -36.56 10.71 -4.09
C PRO C 27 -37.54 9.52 -3.95
N THR C 28 -38.64 9.55 -4.70
CA THR C 28 -39.64 8.49 -4.71
C THR C 28 -39.02 7.09 -4.74
N GLU C 29 -37.97 6.92 -5.54
CA GLU C 29 -37.39 5.61 -5.78
C GLU C 29 -36.51 5.06 -4.64
N ILE C 30 -36.42 5.79 -3.52
CA ILE C 30 -35.76 5.31 -2.30
C ILE C 30 -36.56 5.65 -1.06
N ASP C 31 -37.30 4.68 -0.55
CA ASP C 31 -38.06 4.88 0.69
C ASP C 31 -37.18 4.54 1.89
N VAL C 32 -36.97 5.54 2.73
CA VAL C 32 -36.33 5.34 4.03
C VAL C 32 -37.35 5.46 5.14
N ARG C 33 -37.54 4.38 5.90
CA ARG C 33 -38.47 4.36 7.03
C ARG C 33 -37.71 4.22 8.35
N ALA C 34 -38.16 4.95 9.36
CA ALA C 34 -37.53 4.99 10.68
C ALA C 34 -38.32 4.17 11.69
N ASP C 35 -37.62 3.24 12.34
CA ASP C 35 -38.13 2.42 13.43
C ASP C 35 -37.13 2.49 14.58
N GLY C 36 -37.28 3.45 15.49
CA GLY C 36 -36.25 3.74 16.49
C GLY C 36 -34.96 4.17 15.82
N ALA C 37 -33.83 3.57 16.24
CA ALA C 37 -32.52 3.90 15.69
C ALA C 37 -32.20 3.07 14.42
N LEU C 38 -33.16 2.24 14.02
CA LEU C 38 -33.12 1.54 12.73
C LEU C 38 -33.61 2.42 11.58
N ARG C 39 -32.94 2.29 10.43
CA ARG C 39 -33.47 2.79 9.17
C ARG C 39 -33.67 1.63 8.19
N ILE C 40 -34.85 1.56 7.59
CA ILE C 40 -35.08 0.59 6.55
C ILE C 40 -35.12 1.31 5.21
N ILE C 41 -34.24 0.86 4.32
CA ILE C 41 -34.12 1.39 2.98
C ILE C 41 -34.71 0.39 1.95
N THR C 42 -35.68 0.87 1.18
CA THR C 42 -36.33 0.04 0.17
C THR C 42 -36.16 0.69 -1.19
N LEU C 43 -35.45 0.02 -2.10
CA LEU C 43 -35.40 0.49 -3.50
C LEU C 43 -36.82 0.38 -4.02
N ASN C 44 -37.30 1.45 -4.64
CA ASN C 44 -38.74 1.57 -4.87
C ASN C 44 -39.17 1.90 -6.31
N ARG C 45 -38.92 0.96 -7.22
CA ARG C 45 -39.43 0.99 -8.57
C ARG C 45 -39.93 -0.42 -8.95
N PRO C 46 -40.79 -1.01 -8.09
CA PRO C 46 -41.16 -2.43 -8.17
C PRO C 46 -41.78 -2.84 -9.50
N ASP C 47 -42.42 -1.92 -10.19
CA ASP C 47 -42.97 -2.21 -11.52
C ASP C 47 -41.87 -2.39 -12.54
N SER C 48 -40.75 -1.72 -12.32
CA SER C 48 -39.60 -1.81 -13.18
C SER C 48 -38.47 -2.70 -12.57
N LEU C 49 -38.84 -3.43 -11.50
CA LEU C 49 -37.94 -4.33 -10.72
C LEU C 49 -36.75 -3.60 -10.15
N ASN C 50 -36.98 -2.39 -9.66
CA ASN C 50 -35.93 -1.56 -9.06
C ASN C 50 -34.69 -1.29 -9.92
N SER C 51 -34.85 -1.41 -11.24
CA SER C 51 -33.81 -0.96 -12.18
C SER C 51 -33.45 0.49 -11.87
N VAL C 52 -32.17 0.79 -12.06
CA VAL C 52 -31.56 2.03 -11.55
C VAL C 52 -31.70 3.17 -12.57
N ASN C 53 -32.48 4.19 -12.26
CA ASN C 53 -32.56 5.36 -13.14
C ASN C 53 -31.73 6.49 -12.53
N ASP C 54 -31.71 7.65 -13.17
CA ASP C 54 -30.85 8.73 -12.68
C ASP C 54 -31.22 9.10 -11.26
N ASP C 55 -32.52 9.20 -11.00
CA ASP C 55 -33.03 9.59 -9.69
C ASP C 55 -32.60 8.62 -8.59
N LEU C 56 -32.83 7.34 -8.81
CA LEU C 56 -32.44 6.35 -7.83
C LEU C 56 -30.91 6.42 -7.60
N HIS C 57 -30.14 6.55 -8.67
CA HIS C 57 -28.68 6.69 -8.62
C HIS C 57 -28.16 7.86 -7.77
N VAL C 58 -28.71 9.06 -8.00
CA VAL C 58 -28.38 10.26 -7.21
C VAL C 58 -28.76 10.05 -5.73
N GLY C 59 -29.93 9.45 -5.50
CA GLY C 59 -30.37 9.16 -4.14
C GLY C 59 -29.37 8.32 -3.36
N LEU C 60 -28.84 7.29 -4.00
CA LEU C 60 -27.92 6.39 -3.35
C LEU C 60 -26.56 7.07 -3.13
N ALA C 61 -26.20 7.98 -4.02
CA ALA C 61 -24.98 8.78 -3.80
C ALA C 61 -25.05 9.60 -2.51
N ARG C 62 -26.18 10.25 -2.29
CA ARG C 62 -26.33 11.17 -1.14
C ARG C 62 -26.59 10.50 0.19
N LEU C 63 -27.21 9.33 0.17
CA LEU C 63 -27.80 8.74 1.36
C LEU C 63 -26.83 8.34 2.50
N TRP C 64 -25.67 7.80 2.16
CA TRP C 64 -24.80 7.21 3.16
C TRP C 64 -24.20 8.24 4.10
N GLN C 65 -23.67 9.33 3.57
CA GLN C 65 -23.15 10.44 4.41
C GLN C 65 -24.23 10.96 5.34
N ARG C 66 -25.47 11.01 4.85
CA ARG C 66 -26.60 11.47 5.64
C ARG C 66 -26.90 10.58 6.86
N LEU C 67 -26.93 9.25 6.66
CA LEU C 67 -26.96 8.26 7.74
C LEU C 67 -25.82 8.44 8.73
N THR C 68 -24.58 8.52 8.22
CA THR C 68 -23.40 8.83 9.04
C THR C 68 -23.64 10.05 9.95
N ASP C 69 -24.25 11.10 9.41
CA ASP C 69 -24.35 12.39 10.10
C ASP C 69 -25.56 12.56 11.01
N ASP C 70 -26.51 11.61 10.92
CA ASP C 70 -27.69 11.52 11.80
C ASP C 70 -27.45 10.61 13.03
N PRO C 71 -27.15 11.22 14.19
CA PRO C 71 -26.83 10.41 15.38
C PRO C 71 -27.99 9.55 15.93
N THR C 72 -29.21 9.77 15.43
CA THR C 72 -30.37 8.96 15.84
C THR C 72 -30.47 7.70 15.01
N ALA C 73 -29.77 7.65 13.88
CA ALA C 73 -29.60 6.41 13.13
C ALA C 73 -28.39 5.67 13.69
N ARG C 74 -28.59 4.41 14.06
CA ARG C 74 -27.45 3.56 14.42
C ARG C 74 -27.31 2.25 13.59
N ALA C 75 -28.25 1.96 12.69
CA ALA C 75 -28.17 0.75 11.82
C ALA C 75 -29.15 0.79 10.65
N ALA C 76 -28.78 0.17 9.53
CA ALA C 76 -29.70 0.14 8.39
C ALA C 76 -29.98 -1.26 7.86
N VAL C 77 -31.10 -1.39 7.17
CA VAL C 77 -31.43 -2.56 6.37
C VAL C 77 -31.72 -2.04 4.96
N ILE C 78 -31.17 -2.69 3.93
CA ILE C 78 -31.44 -2.34 2.55
C ILE C 78 -32.08 -3.53 1.83
N THR C 79 -33.16 -3.23 1.11
CA THR C 79 -33.92 -4.27 0.46
C THR C 79 -34.66 -3.65 -0.74
N GLY C 80 -35.23 -4.48 -1.60
CA GLY C 80 -35.98 -3.93 -2.73
C GLY C 80 -37.49 -4.16 -2.65
N ALA C 81 -38.27 -3.23 -3.20
CA ALA C 81 -39.72 -3.40 -3.25
C ALA C 81 -40.11 -4.38 -4.37
N GLY C 82 -41.11 -5.21 -4.10
CA GLY C 82 -41.58 -6.19 -5.09
C GLY C 82 -40.71 -7.44 -5.23
N ARG C 83 -40.57 -7.91 -6.46
CA ARG C 83 -40.00 -9.22 -6.73
C ARG C 83 -38.45 -9.23 -6.78
N ALA C 84 -37.84 -8.08 -7.07
CA ALA C 84 -36.40 -8.01 -7.18
C ALA C 84 -35.79 -7.15 -6.07
N PHE C 85 -34.50 -7.34 -5.85
CA PHE C 85 -33.71 -6.37 -5.07
C PHE C 85 -33.38 -5.20 -6.00
N SER C 86 -32.71 -5.49 -7.11
CA SER C 86 -32.56 -4.55 -8.23
C SER C 86 -32.08 -5.32 -9.43
N ALA C 87 -32.78 -5.20 -10.55
CA ALA C 87 -32.41 -5.92 -11.77
C ALA C 87 -31.32 -5.24 -12.61
N GLY C 88 -30.65 -4.23 -12.08
CA GLY C 88 -29.58 -3.55 -12.84
C GLY C 88 -30.01 -2.24 -13.46
N GLY C 89 -29.25 -1.75 -14.43
CA GLY C 89 -29.57 -0.46 -15.06
C GLY C 89 -30.86 -0.40 -15.85
N ASP C 90 -31.56 0.73 -15.75
CA ASP C 90 -32.72 1.04 -16.60
C ASP C 90 -32.24 1.33 -18.04
N PHE C 91 -32.82 0.61 -19.01
CA PHE C 91 -32.42 0.71 -20.41
C PHE C 91 -32.46 2.14 -20.95
N GLY C 92 -33.48 2.89 -20.52
CA GLY C 92 -33.66 4.29 -20.88
C GLY C 92 -32.55 5.17 -20.35
N TYR C 93 -32.25 5.02 -19.07
CA TYR C 93 -31.15 5.73 -18.42
C TYR C 93 -29.84 5.43 -19.11
N LEU C 94 -29.65 4.15 -19.45
CA LEU C 94 -28.44 3.69 -20.12
C LEU C 94 -28.22 4.32 -21.50
N LYS C 95 -29.27 4.37 -22.31
CA LYS C 95 -29.17 5.00 -23.63
C LYS C 95 -28.90 6.51 -23.53
N GLU C 96 -29.38 7.15 -22.45
CA GLU C 96 -29.09 8.57 -22.25
C GLU C 96 -27.60 8.74 -21.99
N LEU C 97 -27.06 7.82 -21.20
CA LEU C 97 -25.68 7.87 -20.78
C LEU C 97 -24.69 7.78 -21.95
N SER C 98 -25.10 7.13 -23.04
CA SER C 98 -24.22 6.98 -24.19
C SER C 98 -24.26 8.18 -25.17
N ALA C 99 -25.18 9.12 -24.97
CA ALA C 99 -25.30 10.29 -25.84
C ALA C 99 -25.23 11.65 -25.13
N ASP C 100 -25.11 11.63 -23.80
CA ASP C 100 -25.16 12.85 -22.99
C ASP C 100 -23.93 12.89 -22.09
N ALA C 101 -22.94 13.70 -22.48
CA ALA C 101 -21.67 13.80 -21.76
C ALA C 101 -21.79 14.38 -20.34
N ASP C 102 -22.67 15.35 -20.15
CA ASP C 102 -22.86 15.95 -18.83
C ASP C 102 -23.48 14.93 -17.87
N LEU C 103 -24.42 14.14 -18.38
CA LEU C 103 -25.07 13.13 -17.56
C LEU C 103 -24.07 12.05 -17.18
N ARG C 104 -23.21 11.70 -18.14
CA ARG C 104 -22.19 10.69 -17.96
C ARG C 104 -21.20 11.11 -16.89
N ALA C 105 -20.82 12.39 -16.88
CA ALA C 105 -19.85 12.86 -15.90
C ALA C 105 -20.43 12.86 -14.48
N LYS C 106 -21.71 13.22 -14.36
CA LYS C 106 -22.39 13.22 -13.08
C LYS C 106 -22.57 11.81 -12.49
N THR C 107 -23.04 10.87 -13.33
CA THR C 107 -23.24 9.49 -12.92
C THR C 107 -21.93 8.86 -12.42
N ILE C 108 -20.82 9.30 -12.99
CA ILE C 108 -19.49 8.82 -12.61
C ILE C 108 -19.13 9.39 -11.23
N ARG C 109 -19.40 10.67 -10.98
CA ARG C 109 -19.22 11.21 -9.62
C ARG C 109 -20.06 10.47 -8.58
N ASP C 110 -21.33 10.27 -8.88
CA ASP C 110 -22.25 9.69 -7.95
C ASP C 110 -21.84 8.24 -7.68
N GLY C 111 -21.47 7.54 -8.75
CA GLY C 111 -20.94 6.20 -8.67
C GLY C 111 -19.79 6.08 -7.70
N ARG C 112 -18.89 7.06 -7.76
CA ARG C 112 -17.78 7.18 -6.81
C ARG C 112 -18.33 7.33 -5.39
N GLU C 113 -19.39 8.12 -5.24
CA GLU C 113 -19.89 8.42 -3.90
C GLU C 113 -20.68 7.28 -3.25
N ILE C 114 -21.27 6.41 -4.04
CA ILE C 114 -21.96 5.23 -3.48
C ILE C 114 -20.92 4.27 -2.89
N VAL C 115 -19.87 3.99 -3.65
CA VAL C 115 -18.83 3.09 -3.20
C VAL C 115 -18.20 3.63 -1.94
N LEU C 116 -17.73 4.88 -1.99
CA LEU C 116 -17.07 5.52 -0.85
C LEU C 116 -18.07 5.88 0.24
N GLY C 117 -19.29 6.19 -0.15
CA GLY C 117 -20.34 6.38 0.85
C GLY C 117 -20.49 5.12 1.69
N MET C 118 -20.63 3.96 1.05
CA MET C 118 -20.84 2.76 1.82
C MET C 118 -19.54 2.28 2.47
N ALA C 119 -18.41 2.47 1.79
CA ALA C 119 -17.14 2.03 2.36
C ALA C 119 -16.93 2.67 3.74
N ARG C 120 -17.24 3.97 3.83
CA ARG C 120 -16.98 4.82 5.00
C ARG C 120 -18.18 4.93 5.95
N CYS C 121 -19.35 4.44 5.56
CA CYS C 121 -20.59 4.60 6.34
C CYS C 121 -20.46 4.13 7.79
N ARG C 122 -20.85 5.02 8.72
CA ARG C 122 -20.69 4.80 10.17
C ARG C 122 -21.42 3.55 10.73
N ILE C 123 -22.62 3.29 10.22
CA ILE C 123 -23.51 2.32 10.84
C ILE C 123 -23.50 0.99 10.09
N PRO C 124 -23.75 -0.12 10.82
CA PRO C 124 -23.94 -1.43 10.20
C PRO C 124 -25.04 -1.39 9.14
N VAL C 125 -24.80 -2.03 8.01
CA VAL C 125 -25.81 -2.17 6.97
C VAL C 125 -26.12 -3.66 6.68
N VAL C 126 -27.38 -4.06 6.81
CA VAL C 126 -27.79 -5.48 6.63
C VAL C 126 -28.65 -5.57 5.37
N ALA C 127 -28.27 -6.43 4.44
CA ALA C 127 -28.90 -6.43 3.14
C ALA C 127 -29.93 -7.53 3.20
N ALA C 128 -31.09 -7.30 2.60
CA ALA C 128 -32.08 -8.34 2.55
C ALA C 128 -32.38 -8.55 1.06
N VAL C 129 -31.65 -9.47 0.44
CA VAL C 129 -31.83 -9.75 -0.97
C VAL C 129 -33.09 -10.59 -1.18
N ASN C 130 -34.20 -9.91 -1.47
CA ASN C 130 -35.49 -10.58 -1.65
C ASN C 130 -35.60 -11.16 -3.06
N GLY C 131 -34.78 -10.69 -3.98
CA GLY C 131 -34.92 -11.06 -5.37
C GLY C 131 -33.60 -10.91 -6.06
N PRO C 132 -33.59 -11.03 -7.41
CA PRO C 132 -32.34 -10.83 -8.13
C PRO C 132 -31.72 -9.47 -7.79
N ALA C 133 -30.41 -9.50 -7.58
CA ALA C 133 -29.58 -8.33 -7.39
C ALA C 133 -28.50 -8.36 -8.49
N VAL C 134 -28.65 -7.47 -9.45
CA VAL C 134 -27.92 -7.55 -10.72
C VAL C 134 -27.21 -6.24 -10.96
N GLY C 135 -25.94 -6.27 -11.33
CA GLY C 135 -25.24 -5.02 -11.62
C GLY C 135 -25.01 -4.20 -10.36
N LEU C 136 -25.51 -2.97 -10.32
CA LEU C 136 -25.39 -2.12 -9.14
C LEU C 136 -25.94 -2.82 -7.89
N GLY C 137 -27.08 -3.51 -8.06
CA GLY C 137 -27.73 -4.22 -6.96
C GLY C 137 -26.73 -5.13 -6.29
N CYS C 138 -25.93 -5.76 -7.11
CA CYS C 138 -25.01 -6.79 -6.69
C CYS C 138 -23.83 -6.15 -5.96
N SER C 139 -23.57 -4.91 -6.34
CA SER C 139 -22.52 -4.16 -5.72
C SER C 139 -22.95 -3.60 -4.34
N LEU C 140 -24.18 -3.11 -4.24
CA LEU C 140 -24.73 -2.72 -2.95
C LEU C 140 -24.61 -3.85 -1.93
N VAL C 141 -24.86 -5.07 -2.41
CA VAL C 141 -24.79 -6.25 -1.57
C VAL C 141 -23.37 -6.54 -1.10
N ALA C 142 -22.37 -6.33 -1.94
CA ALA C 142 -20.97 -6.56 -1.54
C ALA C 142 -20.41 -5.49 -0.61
N LEU C 143 -21.14 -4.39 -0.51
CA LEU C 143 -20.70 -3.25 0.24
C LEU C 143 -21.39 -3.20 1.59
N SER C 144 -22.28 -4.17 1.82
CA SER C 144 -23.02 -4.32 3.08
C SER C 144 -22.16 -5.05 4.09
N ASP C 145 -22.65 -5.14 5.31
CA ASP C 145 -21.92 -5.77 6.41
C ASP C 145 -22.39 -7.19 6.67
N ILE C 146 -23.68 -7.44 6.54
CA ILE C 146 -24.26 -8.78 6.66
C ILE C 146 -25.38 -8.90 5.61
N VAL C 147 -25.45 -10.07 4.96
CA VAL C 147 -26.34 -10.29 3.84
C VAL C 147 -27.21 -11.50 4.10
N TYR C 148 -28.52 -11.30 4.02
CA TYR C 148 -29.53 -12.38 4.04
C TYR C 148 -30.13 -12.47 2.65
N ILE C 149 -30.32 -13.68 2.16
CA ILE C 149 -30.74 -13.88 0.78
C ILE C 149 -31.83 -14.94 0.70
N ALA C 150 -32.85 -14.66 -0.12
CA ALA C 150 -34.00 -15.57 -0.36
C ALA C 150 -33.57 -16.79 -1.16
N GLU C 151 -34.22 -17.94 -0.91
CA GLU C 151 -33.87 -19.23 -1.56
C GLU C 151 -33.75 -19.15 -3.09
N ASN C 152 -34.63 -18.40 -3.72
CA ASN C 152 -34.68 -18.38 -5.18
C ASN C 152 -34.00 -17.17 -5.81
N ALA C 153 -33.42 -16.31 -4.95
CA ALA C 153 -32.66 -15.15 -5.42
C ALA C 153 -31.25 -15.52 -5.89
N TYR C 154 -30.63 -14.60 -6.59
CA TYR C 154 -29.30 -14.81 -7.10
C TYR C 154 -28.60 -13.48 -7.18
N LEU C 155 -27.26 -13.56 -7.19
CA LEU C 155 -26.42 -12.43 -7.54
C LEU C 155 -25.87 -12.57 -8.97
N ALA C 156 -25.70 -11.47 -9.65
CA ALA C 156 -25.09 -11.48 -10.97
C ALA C 156 -24.58 -10.11 -11.28
N ASP C 157 -23.53 -10.06 -12.08
CA ASP C 157 -23.08 -8.81 -12.67
C ASP C 157 -22.95 -8.94 -14.20
N PRO C 158 -23.88 -8.34 -14.96
CA PRO C 158 -23.78 -8.57 -16.39
C PRO C 158 -23.14 -7.39 -17.16
N HIS C 159 -22.42 -6.53 -16.45
CA HIS C 159 -21.78 -5.37 -17.07
C HIS C 159 -21.04 -5.70 -18.38
N VAL C 160 -20.18 -6.71 -18.32
CA VAL C 160 -19.36 -7.08 -19.46
C VAL C 160 -20.19 -7.57 -20.67
N GLN C 161 -21.21 -8.39 -20.41
CA GLN C 161 -22.05 -8.92 -21.50
C GLN C 161 -22.82 -7.82 -22.19
N VAL C 162 -22.92 -6.65 -21.56
CA VAL C 162 -23.67 -5.54 -22.10
C VAL C 162 -22.76 -4.46 -22.70
N GLY C 163 -21.44 -4.70 -22.69
CA GLY C 163 -20.47 -3.74 -23.21
C GLY C 163 -19.83 -2.77 -22.23
N LEU C 164 -20.02 -2.98 -20.92
CA LEU C 164 -19.53 -2.05 -19.89
C LEU C 164 -18.50 -2.72 -18.97
N VAL C 165 -17.48 -1.95 -18.60
CA VAL C 165 -16.55 -2.33 -17.55
C VAL C 165 -17.33 -2.38 -16.28
N ALA C 166 -17.14 -3.44 -15.50
CA ALA C 166 -17.82 -3.55 -14.23
C ALA C 166 -17.15 -2.69 -13.17
N ALA C 167 -17.54 -1.42 -13.08
CA ALA C 167 -16.95 -0.51 -12.10
C ALA C 167 -17.79 -0.19 -10.86
N ASP C 168 -19.09 -0.47 -10.90
N ASP C 168 -19.08 -0.46 -10.91
CA ASP C 168 -20.06 -0.02 -9.87
CA ASP C 168 -20.06 -0.07 -9.89
C ASP C 168 -19.87 -0.55 -8.43
C ASP C 168 -19.73 -0.42 -8.42
N GLY C 169 -18.87 -1.43 -8.22
CA GLY C 169 -18.55 -1.92 -6.88
C GLY C 169 -18.58 -3.43 -6.64
N GLY C 170 -19.14 -4.21 -7.58
CA GLY C 170 -19.29 -5.70 -7.43
C GLY C 170 -17.99 -6.50 -7.47
N PRO C 171 -17.50 -6.77 -8.69
CA PRO C 171 -16.16 -7.20 -9.10
C PRO C 171 -15.03 -6.38 -8.47
N LEU C 172 -15.22 -5.09 -8.34
CA LEU C 172 -14.30 -4.24 -7.59
C LEU C 172 -14.07 -4.75 -6.14
N THR C 173 -15.13 -5.23 -5.52
CA THR C 173 -15.10 -5.66 -4.12
C THR C 173 -15.05 -7.18 -3.88
N TRP C 174 -15.48 -7.97 -4.87
CA TRP C 174 -15.52 -9.44 -4.79
C TRP C 174 -14.24 -10.17 -4.30
N PRO C 175 -13.03 -9.67 -4.65
CA PRO C 175 -11.84 -10.40 -4.13
C PRO C 175 -11.66 -10.29 -2.60
N LEU C 176 -12.45 -9.48 -1.91
CA LEU C 176 -12.35 -9.46 -0.45
C LEU C 176 -13.23 -10.55 0.16
N HIS C 177 -14.08 -11.13 -0.67
CA HIS C 177 -15.11 -12.06 -0.25
C HIS C 177 -14.85 -13.50 -0.76
N ILE C 178 -14.41 -13.59 -2.02
CA ILE C 178 -14.14 -14.86 -2.69
C ILE C 178 -12.74 -14.87 -3.31
N SER C 179 -12.31 -16.06 -3.72
CA SER C 179 -11.10 -16.25 -4.52
C SER C 179 -11.08 -15.33 -5.75
N LEU C 180 -9.88 -14.84 -6.10
CA LEU C 180 -9.70 -14.02 -7.30
C LEU C 180 -10.09 -14.74 -8.62
N LEU C 181 -9.74 -16.01 -8.73
CA LEU C 181 -10.19 -16.86 -9.83
C LEU C 181 -11.71 -16.82 -9.99
N LEU C 182 -12.42 -16.92 -8.88
CA LEU C 182 -13.85 -16.95 -8.93
C LEU C 182 -14.38 -15.58 -9.32
N ALA C 183 -13.88 -14.56 -8.63
CA ALA C 183 -14.17 -13.18 -9.01
C ALA C 183 -14.02 -12.89 -10.54
N LYS C 184 -12.92 -13.34 -11.13
CA LYS C 184 -12.67 -13.04 -12.52
C LYS C 184 -13.65 -13.75 -13.42
N GLU C 185 -13.89 -15.03 -13.16
CA GLU C 185 -14.84 -15.77 -13.98
C GLU C 185 -16.25 -15.15 -13.93
N TYR C 186 -16.72 -14.78 -12.74
CA TYR C 186 -18.10 -14.27 -12.62
C TYR C 186 -18.25 -12.88 -13.20
N ALA C 187 -17.22 -12.07 -13.04
CA ALA C 187 -17.18 -10.73 -13.64
C ALA C 187 -17.11 -10.87 -15.17
N LEU C 188 -16.24 -11.78 -15.65
CA LEU C 188 -16.05 -11.89 -17.09
C LEU C 188 -17.26 -12.49 -17.80
N THR C 189 -17.94 -13.45 -17.19
CA THR C 189 -18.97 -14.18 -17.93
C THR C 189 -20.41 -13.93 -17.46
N GLY C 190 -20.60 -13.03 -16.50
CA GLY C 190 -21.95 -12.77 -15.98
C GLY C 190 -22.68 -13.91 -15.27
N THR C 191 -21.93 -14.91 -14.81
CA THR C 191 -22.45 -16.04 -14.02
C THR C 191 -23.47 -15.62 -12.94
N ARG C 192 -24.59 -16.36 -12.86
CA ARG C 192 -25.61 -16.23 -11.81
C ARG C 192 -25.20 -17.00 -10.58
N ILE C 193 -25.08 -16.29 -9.47
CA ILE C 193 -24.73 -16.93 -8.22
C ILE C 193 -25.97 -17.13 -7.36
N SER C 194 -26.44 -18.38 -7.31
CA SER C 194 -27.58 -18.76 -6.46
C SER C 194 -27.38 -18.42 -4.98
N ALA C 195 -28.50 -18.26 -4.27
CA ALA C 195 -28.54 -18.03 -2.82
C ALA C 195 -27.62 -18.98 -2.06
N GLN C 196 -27.75 -20.27 -2.40
CA GLN C 196 -27.01 -21.35 -1.74
C GLN C 196 -25.53 -21.21 -2.03
N ARG C 197 -25.20 -20.96 -3.29
CA ARG C 197 -23.82 -20.79 -3.73
C ARG C 197 -23.20 -19.53 -3.13
N ALA C 198 -23.98 -18.47 -2.96
CA ALA C 198 -23.43 -17.21 -2.43
C ALA C 198 -23.02 -17.36 -0.98
N VAL C 199 -23.81 -18.14 -0.24
CA VAL C 199 -23.57 -18.43 1.17
C VAL C 199 -22.36 -19.36 1.27
N GLU C 200 -22.33 -20.40 0.44
CA GLU C 200 -21.17 -21.27 0.33
C GLU C 200 -19.89 -20.44 0.05
N LEU C 201 -20.01 -19.43 -0.82
CA LEU C 201 -18.83 -18.63 -1.20
C LEU C 201 -18.44 -17.52 -0.22
N GLY C 202 -19.39 -17.05 0.59
CA GLY C 202 -19.17 -15.87 1.42
C GLY C 202 -19.50 -14.56 0.72
N LEU C 203 -20.36 -14.64 -0.31
CA LEU C 203 -20.97 -13.44 -0.90
C LEU C 203 -22.28 -13.13 -0.18
N ALA C 204 -22.72 -14.06 0.64
CA ALA C 204 -23.89 -13.90 1.49
C ALA C 204 -23.66 -14.67 2.78
N ASN C 205 -24.33 -14.23 3.86
CA ASN C 205 -24.19 -14.83 5.17
C ASN C 205 -25.20 -15.96 5.49
N HIS C 206 -26.46 -15.79 5.09
CA HIS C 206 -27.54 -16.73 5.38
C HIS C 206 -28.60 -16.76 4.28
N VAL C 207 -29.09 -17.95 3.98
CA VAL C 207 -30.32 -18.13 3.24
C VAL C 207 -31.47 -18.03 4.23
N ALA C 208 -32.43 -17.17 3.90
CA ALA C 208 -33.61 -16.94 4.71
C ALA C 208 -34.87 -17.16 3.87
N ASP C 209 -35.93 -17.65 4.50
CA ASP C 209 -37.24 -17.71 3.86
C ASP C 209 -37.81 -16.30 3.74
N ASP C 210 -37.67 -15.53 4.82
CA ASP C 210 -38.08 -14.12 4.86
C ASP C 210 -36.82 -13.26 5.10
N PRO C 211 -36.13 -12.90 4.04
CA PRO C 211 -34.87 -12.18 4.28
C PRO C 211 -35.06 -10.76 4.84
N VAL C 212 -36.19 -10.10 4.55
CA VAL C 212 -36.42 -8.80 5.16
C VAL C 212 -36.51 -8.94 6.67
N ALA C 213 -37.42 -9.79 7.15
CA ALA C 213 -37.59 -10.05 8.59
C ALA C 213 -36.33 -10.47 9.32
N GLU C 214 -35.60 -11.44 8.74
CA GLU C 214 -34.36 -11.92 9.35
C GLU C 214 -33.33 -10.81 9.43
N ALA C 215 -33.29 -9.98 8.39
CA ALA C 215 -32.42 -8.80 8.39
C ALA C 215 -32.80 -7.82 9.51
N ILE C 216 -34.10 -7.56 9.68
CA ILE C 216 -34.53 -6.57 10.67
C ILE C 216 -34.17 -7.06 12.08
N ALA C 217 -34.35 -8.35 12.33
CA ALA C 217 -34.00 -8.94 13.64
C ALA C 217 -32.50 -8.93 13.95
N CYS C 218 -31.66 -9.11 12.92
CA CYS C 218 -30.19 -9.06 13.08
C CYS C 218 -29.71 -7.62 13.36
N ALA C 219 -30.33 -6.66 12.68
CA ALA C 219 -30.05 -5.24 12.92
C ALA C 219 -30.51 -4.76 14.31
N LYS C 220 -31.71 -5.16 14.73
CA LYS C 220 -32.18 -4.83 16.10
C LYS C 220 -31.35 -5.52 17.19
N LYS C 221 -30.83 -6.69 16.86
CA LYS C 221 -29.90 -7.37 17.75
C LYS C 221 -28.62 -6.53 17.91
N ILE C 222 -28.10 -6.07 16.76
CA ILE C 222 -26.88 -5.28 16.74
C ILE C 222 -27.12 -3.96 17.49
N LEU C 223 -28.36 -3.43 17.42
CA LEU C 223 -28.73 -2.19 18.15
C LEU C 223 -28.66 -2.25 19.69
N GLU C 224 -28.73 -3.43 20.26
CA GLU C 224 -28.60 -3.58 21.70
C GLU C 224 -27.13 -3.62 22.16
N LEU C 225 -26.19 -3.74 21.22
CA LEU C 225 -24.77 -3.86 21.56
C LEU C 225 -24.11 -2.49 21.78
N PRO C 226 -22.97 -2.47 22.49
CA PRO C 226 -22.29 -1.16 22.76
C PRO C 226 -21.88 -0.42 21.48
N GLN C 227 -22.39 0.82 21.32
CA GLN C 227 -22.19 1.57 20.09
C GLN C 227 -20.73 1.81 19.67
N GLN C 228 -19.91 2.28 20.61
CA GLN C 228 -18.51 2.57 20.25
C GLN C 228 -17.77 1.32 19.78
N ALA C 229 -18.15 0.17 20.33
CA ALA C 229 -17.53 -1.09 19.97
C ALA C 229 -17.95 -1.52 18.57
N VAL C 230 -19.24 -1.37 18.27
CA VAL C 230 -19.80 -1.75 17.00
C VAL C 230 -19.23 -0.88 15.87
N GLU C 231 -19.22 0.43 16.09
CA GLU C 231 -18.80 1.38 15.06
C GLU C 231 -17.30 1.27 14.76
N SER C 232 -16.47 1.17 15.79
CA SER C 232 -15.03 1.03 15.57
C SER C 232 -14.64 -0.30 14.90
N THR C 233 -15.28 -1.41 15.31
CA THR C 233 -15.00 -2.71 14.71
C THR C 233 -15.36 -2.74 13.22
N LYS C 234 -16.46 -2.10 12.82
CA LYS C 234 -16.77 -2.01 11.39
C LYS C 234 -15.66 -1.24 10.68
N ARG C 235 -15.18 -0.18 11.32
CA ARG C 235 -14.13 0.62 10.70
C ARG C 235 -12.81 -0.16 10.58
N VAL C 236 -12.48 -0.94 11.61
CA VAL C 236 -11.31 -1.82 11.57
C VAL C 236 -11.30 -2.73 10.33
N LEU C 237 -12.42 -3.41 10.09
CA LEU C 237 -12.56 -4.31 8.94
C LEU C 237 -12.66 -3.57 7.60
N ASN C 238 -13.45 -2.49 7.54
CA ASN C 238 -13.59 -1.73 6.29
C ASN C 238 -12.32 -1.03 5.80
N ILE C 239 -11.30 -0.90 6.65
CA ILE C 239 -10.05 -0.34 6.18
C ILE C 239 -9.55 -1.20 5.00
N HIS C 240 -9.72 -2.52 5.09
CA HIS C 240 -9.25 -3.42 4.03
C HIS C 240 -10.02 -3.16 2.73
N LEU C 241 -11.32 -2.97 2.86
CA LEU C 241 -12.20 -2.56 1.76
C LEU C 241 -11.76 -1.25 1.13
N GLU C 242 -11.57 -0.25 1.98
CA GLU C 242 -11.17 1.07 1.50
C GLU C 242 -9.80 1.06 0.79
N ARG C 243 -8.85 0.29 1.30
CA ARG C 243 -7.57 0.11 0.63
C ARG C 243 -7.74 -0.44 -0.81
N ALA C 244 -8.54 -1.50 -0.96
CA ALA C 244 -8.78 -2.11 -2.28
C ALA C 244 -9.53 -1.15 -3.24
N VAL C 245 -10.47 -0.37 -2.71
CA VAL C 245 -11.18 0.65 -3.48
C VAL C 245 -10.23 1.78 -3.98
N LEU C 246 -9.54 2.49 -3.08
CA LEU C 246 -8.62 3.51 -3.54
C LEU C 246 -7.60 3.00 -4.61
N ALA C 247 -7.33 1.69 -4.64
CA ALA C 247 -6.29 1.17 -5.56
C ALA C 247 -6.79 1.06 -7.00
N SER C 248 -8.10 0.83 -7.15
CA SER C 248 -8.61 0.47 -8.45
C SER C 248 -9.82 1.28 -8.95
N LEU C 249 -10.47 2.03 -8.07
CA LEU C 249 -11.75 2.71 -8.39
C LEU C 249 -11.69 3.81 -9.46
N ASP C 250 -10.66 4.68 -9.40
CA ASP C 250 -10.56 5.77 -10.37
C ASP C 250 -10.34 5.20 -11.76
N TYR C 251 -9.45 4.22 -11.89
CA TYR C 251 -9.29 3.54 -13.16
C TYR C 251 -10.60 2.89 -13.64
N ALA C 252 -11.26 2.13 -12.76
CA ALA C 252 -12.55 1.48 -13.11
C ALA C 252 -13.59 2.47 -13.59
N LEU C 253 -13.78 3.55 -12.86
CA LEU C 253 -14.82 4.53 -13.25
C LEU C 253 -14.45 5.18 -14.58
N SER C 254 -13.15 5.42 -14.77
CA SER C 254 -12.69 6.12 -15.94
C SER C 254 -12.96 5.21 -17.11
N ALA C 255 -12.67 3.92 -16.95
CA ALA C 255 -12.80 3.01 -18.07
C ALA C 255 -14.27 2.76 -18.40
N GLU C 256 -15.13 2.72 -17.38
CA GLU C 256 -16.57 2.54 -17.59
C GLU C 256 -17.10 3.71 -18.41
N SER C 257 -16.59 4.89 -18.08
CA SER C 257 -16.93 6.10 -18.77
C SER C 257 -16.58 5.96 -20.23
N GLN C 258 -15.36 5.50 -20.55
CA GLN C 258 -14.99 5.23 -21.94
C GLN C 258 -15.94 4.18 -22.57
N SER C 259 -16.35 3.12 -21.83
CA SER C 259 -17.27 2.15 -22.45
C SER C 259 -18.65 2.70 -22.82
N PHE C 260 -19.12 3.70 -22.11
CA PHE C 260 -20.43 4.29 -22.42
C PHE C 260 -20.50 4.80 -23.85
N VAL C 261 -19.35 5.17 -24.40
CA VAL C 261 -19.29 5.75 -25.76
C VAL C 261 -18.81 4.77 -26.88
N THR C 262 -18.60 3.50 -26.50
CA THR C 262 -18.24 2.45 -27.48
C THR C 262 -19.41 2.07 -28.38
N GLU C 263 -19.13 1.77 -29.65
CA GLU C 263 -20.17 1.26 -30.56
C GLU C 263 -20.74 -0.05 -30.03
N ASP C 264 -19.88 -0.91 -29.48
CA ASP C 264 -20.29 -2.17 -28.84
C ASP C 264 -21.40 -1.91 -27.81
N PHE C 265 -21.19 -0.93 -26.93
CA PHE C 265 -22.20 -0.59 -25.93
C PHE C 265 -23.45 0.05 -26.51
N ARG C 266 -23.25 1.08 -27.35
CA ARG C 266 -24.34 1.83 -28.00
C ARG C 266 -25.30 0.88 -28.73
N SER C 267 -24.73 -0.05 -29.49
CA SER C 267 -25.48 -1.03 -30.26
C SER C 267 -26.34 -1.95 -29.37
N ILE C 268 -25.71 -2.60 -28.40
CA ILE C 268 -26.40 -3.54 -27.51
C ILE C 268 -27.50 -2.87 -26.69
N VAL C 269 -27.24 -1.64 -26.27
CA VAL C 269 -28.18 -0.93 -25.41
C VAL C 269 -29.30 -0.30 -26.23
N THR C 270 -29.17 -0.31 -27.56
CA THR C 270 -30.24 0.16 -28.42
C THR C 270 -31.22 -0.98 -28.66
N LYS C 271 -30.73 -2.15 -29.08
CA LYS C 271 -31.59 -3.33 -29.27
C LYS C 271 -32.49 -3.56 -28.05
N LEU C 272 -31.90 -3.95 -26.91
CA LEU C 272 -32.65 -4.14 -25.65
C LEU C 272 -33.18 -2.80 -25.11
N TYR D 24 -24.30 27.85 -0.55
CA TYR D 24 -24.26 26.37 -0.39
C TYR D 24 -24.75 25.93 0.98
N ASP D 25 -25.83 26.57 1.47
CA ASP D 25 -26.37 26.39 2.83
C ASP D 25 -25.29 26.51 3.93
N MET D 26 -24.19 27.18 3.57
CA MET D 26 -23.07 27.44 4.49
C MET D 26 -23.53 28.36 5.60
N PRO D 27 -22.98 28.16 6.81
CA PRO D 27 -23.26 29.04 7.93
C PRO D 27 -22.66 30.43 7.69
N THR D 28 -22.92 31.38 8.59
CA THR D 28 -22.40 32.73 8.46
C THR D 28 -20.85 32.72 8.53
N GLU D 29 -20.30 31.84 9.36
CA GLU D 29 -18.87 31.79 9.58
C GLU D 29 -18.03 31.33 8.38
N ILE D 30 -18.68 30.89 7.31
CA ILE D 30 -17.99 30.66 6.03
C ILE D 30 -18.69 31.34 4.84
N ASP D 31 -18.13 32.45 4.36
CA ASP D 31 -18.67 33.15 3.20
C ASP D 31 -18.19 32.55 1.89
N VAL D 32 -19.12 32.23 1.00
CA VAL D 32 -18.80 31.79 -0.35
C VAL D 32 -19.40 32.78 -1.35
N ARG D 33 -18.54 33.33 -2.22
CA ARG D 33 -18.95 34.27 -3.27
C ARG D 33 -18.64 33.70 -4.65
N ALA D 34 -19.56 33.92 -5.60
CA ALA D 34 -19.43 33.42 -6.96
C ALA D 34 -18.95 34.53 -7.91
N ASP D 35 -18.04 34.16 -8.82
CA ASP D 35 -17.54 35.07 -9.85
C ASP D 35 -17.27 34.26 -11.12
N GLY D 36 -18.34 34.00 -11.86
CA GLY D 36 -18.30 33.01 -12.93
C GLY D 36 -18.14 31.61 -12.33
N ALA D 37 -17.18 30.87 -12.88
CA ALA D 37 -16.92 29.51 -12.39
C ALA D 37 -16.02 29.51 -11.15
N LEU D 38 -15.64 30.71 -10.69
CA LEU D 38 -14.83 30.85 -9.48
C LEU D 38 -15.65 30.88 -8.20
N ARG D 39 -15.10 30.28 -7.15
CA ARG D 39 -15.71 30.36 -5.83
C ARG D 39 -14.69 30.93 -4.84
N ILE D 40 -15.03 32.05 -4.19
CA ILE D 40 -14.12 32.58 -3.18
C ILE D 40 -14.59 32.20 -1.78
N ILE D 41 -13.74 31.46 -1.08
CA ILE D 41 -14.10 30.96 0.25
C ILE D 41 -13.38 31.77 1.31
N THR D 42 -14.17 32.55 2.04
CA THR D 42 -13.63 33.44 3.05
C THR D 42 -14.08 32.98 4.42
N LEU D 43 -13.11 32.55 5.22
CA LEU D 43 -13.36 32.21 6.62
C LEU D 43 -13.71 33.51 7.33
N ASN D 44 -14.78 33.49 8.13
CA ASN D 44 -15.48 34.74 8.53
C ASN D 44 -15.82 34.84 10.02
N ARG D 45 -14.79 34.90 10.87
CA ARG D 45 -14.95 35.33 12.27
C ARG D 45 -13.80 36.28 12.64
N PRO D 46 -13.71 37.43 11.94
CA PRO D 46 -12.52 38.28 11.95
C PRO D 46 -12.14 38.80 13.33
N ASP D 47 -13.13 39.13 14.15
CA ASP D 47 -12.88 39.76 15.47
C ASP D 47 -12.27 38.73 16.41
N SER D 48 -12.26 37.49 15.94
CA SER D 48 -11.79 36.34 16.69
C SER D 48 -10.65 35.64 15.92
N LEU D 49 -10.03 36.39 14.99
CA LEU D 49 -9.02 35.91 14.04
C LEU D 49 -9.37 34.62 13.27
N ASN D 50 -10.64 34.53 12.85
CA ASN D 50 -11.19 33.37 12.14
C ASN D 50 -10.89 32.07 12.85
N SER D 51 -10.84 32.13 14.18
CA SER D 51 -10.61 30.92 14.97
C SER D 51 -11.79 29.97 14.80
N VAL D 52 -11.57 28.68 15.04
CA VAL D 52 -12.50 27.62 14.64
C VAL D 52 -13.50 27.23 15.71
N ASN D 53 -14.77 27.52 15.49
CA ASN D 53 -15.85 27.02 16.38
C ASN D 53 -16.67 25.90 15.73
N ASP D 54 -17.66 25.35 16.44
CA ASP D 54 -18.40 24.22 15.88
C ASP D 54 -19.05 24.53 14.54
N ASP D 55 -19.63 25.71 14.41
CA ASP D 55 -20.35 26.04 13.18
C ASP D 55 -19.42 26.24 11.98
N LEU D 56 -18.27 26.91 12.17
CA LEU D 56 -17.28 27.06 11.10
C LEU D 56 -16.78 25.65 10.71
N HIS D 57 -16.49 24.84 11.74
CA HIS D 57 -16.06 23.46 11.56
C HIS D 57 -17.02 22.59 10.76
N VAL D 58 -18.32 22.68 11.07
CA VAL D 58 -19.36 21.93 10.35
C VAL D 58 -19.45 22.43 8.90
N GLY D 59 -19.49 23.75 8.74
CA GLY D 59 -19.43 24.37 7.41
C GLY D 59 -18.29 23.81 6.57
N LEU D 60 -17.08 23.82 7.13
CA LEU D 60 -15.94 23.31 6.41
C LEU D 60 -16.12 21.85 5.98
N ALA D 61 -16.64 21.02 6.88
CA ALA D 61 -16.84 19.58 6.59
C ALA D 61 -17.81 19.38 5.45
N ARG D 62 -18.86 20.20 5.42
CA ARG D 62 -19.92 20.02 4.44
C ARG D 62 -19.57 20.66 3.07
N LEU D 63 -18.59 21.56 3.03
CA LEU D 63 -18.39 22.41 1.85
C LEU D 63 -17.90 21.71 0.60
N TRP D 64 -16.82 20.95 0.76
CA TRP D 64 -16.07 20.40 -0.37
C TRP D 64 -16.83 19.46 -1.31
N GLN D 65 -17.71 18.60 -0.78
CA GLN D 65 -18.54 17.76 -1.64
C GLN D 65 -19.57 18.61 -2.40
N ARG D 66 -20.01 19.72 -1.80
CA ARG D 66 -20.99 20.56 -2.49
C ARG D 66 -20.37 21.31 -3.64
N LEU D 67 -19.07 21.59 -3.50
CA LEU D 67 -18.29 22.23 -4.57
C LEU D 67 -18.05 21.23 -5.70
N THR D 68 -17.69 20.00 -5.32
CA THR D 68 -17.52 18.93 -6.28
C THR D 68 -18.79 18.70 -7.09
N ASP D 69 -19.95 18.82 -6.45
CA ASP D 69 -21.22 18.51 -7.09
C ASP D 69 -21.85 19.69 -7.86
N ASP D 70 -21.34 20.91 -7.65
CA ASP D 70 -21.84 22.08 -8.39
C ASP D 70 -21.09 22.23 -9.72
N PRO D 71 -21.67 21.73 -10.84
CA PRO D 71 -20.93 21.66 -12.09
C PRO D 71 -20.48 23.03 -12.61
N THR D 72 -21.06 24.09 -12.05
CA THR D 72 -20.80 25.46 -12.50
C THR D 72 -19.64 26.08 -11.73
N ALA D 73 -19.23 25.43 -10.64
CA ALA D 73 -17.96 25.78 -9.99
C ALA D 73 -16.85 24.95 -10.60
N ARG D 74 -15.77 25.61 -11.00
CA ARG D 74 -14.65 24.92 -11.64
C ARG D 74 -13.29 25.27 -10.99
N ALA D 75 -13.30 26.21 -10.03
CA ALA D 75 -12.11 26.53 -9.21
C ALA D 75 -12.46 27.38 -7.99
N ALA D 76 -11.61 27.29 -6.95
CA ALA D 76 -11.88 27.95 -5.69
C ALA D 76 -10.64 28.59 -5.14
N VAL D 77 -10.82 29.71 -4.44
CA VAL D 77 -9.76 30.34 -3.66
C VAL D 77 -10.23 30.33 -2.21
N ILE D 78 -9.36 29.94 -1.29
CA ILE D 78 -9.69 30.02 0.13
C ILE D 78 -8.83 31.08 0.81
N THR D 79 -9.44 31.87 1.70
CA THR D 79 -8.72 32.89 2.46
C THR D 79 -9.42 33.21 3.80
N GLY D 80 -8.83 34.10 4.59
CA GLY D 80 -9.46 34.52 5.85
C GLY D 80 -9.79 36.00 5.92
N ALA D 81 -10.91 36.34 6.57
CA ALA D 81 -11.28 37.73 6.75
C ALA D 81 -10.40 38.42 7.78
N GLY D 82 -10.18 39.71 7.58
CA GLY D 82 -9.40 40.48 8.54
C GLY D 82 -7.92 40.20 8.42
N ARG D 83 -7.24 40.22 9.57
CA ARG D 83 -5.78 40.22 9.62
C ARG D 83 -5.17 38.81 9.59
N ALA D 84 -5.95 37.80 9.96
CA ALA D 84 -5.48 36.40 10.05
C ALA D 84 -6.08 35.52 8.99
N PHE D 85 -5.43 34.40 8.70
CA PHE D 85 -6.04 33.32 7.89
C PHE D 85 -6.95 32.49 8.81
N SER D 86 -6.35 31.89 9.83
CA SER D 86 -7.08 31.33 10.96
C SER D 86 -6.11 31.03 12.07
N ALA D 87 -6.44 31.51 13.28
CA ALA D 87 -5.58 31.30 14.45
C ALA D 87 -5.82 29.95 15.16
N GLY D 88 -6.68 29.13 14.59
CA GLY D 88 -6.88 27.77 15.08
C GLY D 88 -8.11 27.61 15.92
N GLY D 89 -8.05 26.70 16.89
CA GLY D 89 -9.22 26.35 17.68
C GLY D 89 -9.75 27.52 18.48
N ASP D 90 -11.07 27.60 18.58
CA ASP D 90 -11.76 28.51 19.48
C ASP D 90 -11.65 27.91 20.88
N PHE D 91 -11.13 28.67 21.82
CA PHE D 91 -10.86 28.15 23.17
C PHE D 91 -12.11 27.65 23.91
N GLY D 92 -13.22 28.36 23.77
CA GLY D 92 -14.50 27.95 24.38
C GLY D 92 -15.01 26.64 23.80
N TYR D 93 -14.91 26.54 22.47
CA TYR D 93 -15.17 25.31 21.71
C TYR D 93 -14.35 24.10 22.20
N LEU D 94 -13.04 24.29 22.34
CA LEU D 94 -12.15 23.23 22.81
C LEU D 94 -12.46 22.78 24.25
N LYS D 95 -12.76 23.74 25.12
CA LYS D 95 -13.19 23.48 26.50
C LYS D 95 -14.46 22.64 26.47
N GLU D 96 -15.42 23.07 25.65
CA GLU D 96 -16.64 22.31 25.43
C GLU D 96 -16.35 20.87 25.00
N LEU D 97 -15.33 20.70 24.14
CA LEU D 97 -15.00 19.39 23.57
C LEU D 97 -14.47 18.44 24.64
N SER D 98 -13.81 19.02 25.63
CA SER D 98 -13.18 18.27 26.72
C SER D 98 -14.23 17.65 27.65
N ALA D 99 -15.45 18.20 27.62
CA ALA D 99 -16.48 17.84 28.60
C ALA D 99 -17.72 17.26 27.96
N ASP D 100 -17.78 17.22 26.63
CA ASP D 100 -19.00 16.80 25.93
C ASP D 100 -18.78 15.60 24.98
N ALA D 101 -19.22 14.42 25.39
CA ALA D 101 -19.00 13.17 24.65
C ALA D 101 -19.49 13.18 23.19
N ASP D 102 -20.73 13.63 22.98
CA ASP D 102 -21.36 13.61 21.66
C ASP D 102 -20.75 14.67 20.73
N LEU D 103 -20.45 15.84 21.31
CA LEU D 103 -19.86 16.94 20.55
C LEU D 103 -18.47 16.51 20.02
N ARG D 104 -17.72 15.85 20.90
CA ARG D 104 -16.46 15.20 20.56
C ARG D 104 -16.58 14.22 19.38
N ALA D 105 -17.50 13.27 19.48
CA ALA D 105 -17.64 12.29 18.39
C ALA D 105 -18.03 12.96 17.06
N LYS D 106 -18.87 14.01 17.14
CA LYS D 106 -19.29 14.72 15.95
C LYS D 106 -18.15 15.49 15.30
N THR D 107 -17.36 16.21 16.12
CA THR D 107 -16.24 17.01 15.60
C THR D 107 -15.22 16.12 14.90
N ILE D 108 -15.09 14.88 15.39
CA ILE D 108 -14.21 13.88 14.80
C ILE D 108 -14.72 13.49 13.40
N ARG D 109 -16.01 13.15 13.28
CA ARG D 109 -16.64 12.86 11.97
C ARG D 109 -16.42 13.99 10.99
N ASP D 110 -16.69 15.22 11.41
CA ASP D 110 -16.55 16.34 10.51
C ASP D 110 -15.08 16.63 10.16
N GLY D 111 -14.18 16.45 11.14
CA GLY D 111 -12.76 16.63 10.90
C GLY D 111 -12.28 15.74 9.76
N ARG D 112 -12.71 14.49 9.78
CA ARG D 112 -12.44 13.52 8.74
C ARG D 112 -12.95 13.96 7.36
N GLU D 113 -14.20 14.44 7.29
CA GLU D 113 -14.75 14.95 6.05
C GLU D 113 -14.01 16.18 5.51
N ILE D 114 -13.54 17.07 6.38
CA ILE D 114 -12.74 18.17 5.89
C ILE D 114 -11.54 17.62 5.10
N VAL D 115 -10.81 16.68 5.69
CA VAL D 115 -9.62 16.10 5.07
C VAL D 115 -9.98 15.29 3.81
N LEU D 116 -10.99 14.44 3.94
CA LEU D 116 -11.34 13.56 2.83
C LEU D 116 -12.01 14.36 1.70
N GLY D 117 -12.80 15.37 2.08
CA GLY D 117 -13.45 16.25 1.12
C GLY D 117 -12.42 17.07 0.36
N MET D 118 -11.47 17.68 1.06
CA MET D 118 -10.41 18.42 0.36
C MET D 118 -9.58 17.49 -0.54
N ALA D 119 -9.22 16.31 -0.03
CA ALA D 119 -8.35 15.43 -0.82
C ALA D 119 -9.02 14.96 -2.13
N ARG D 120 -10.35 14.84 -2.09
CA ARG D 120 -11.12 14.27 -3.19
C ARG D 120 -11.85 15.35 -4.00
N CYS D 121 -11.76 16.59 -3.55
CA CYS D 121 -12.44 17.71 -4.21
C CYS D 121 -12.11 17.75 -5.72
N ARG D 122 -13.13 17.88 -6.55
CA ARG D 122 -12.97 17.86 -7.99
C ARG D 122 -12.11 19.05 -8.45
N ILE D 123 -12.40 20.25 -7.95
CA ILE D 123 -11.87 21.52 -8.46
C ILE D 123 -10.58 22.00 -7.78
N PRO D 124 -9.71 22.70 -8.53
CA PRO D 124 -8.46 23.20 -7.97
C PRO D 124 -8.74 24.22 -6.90
N VAL D 125 -8.01 24.12 -5.78
CA VAL D 125 -8.20 25.03 -4.68
C VAL D 125 -6.89 25.75 -4.47
N VAL D 126 -6.94 27.10 -4.55
CA VAL D 126 -5.79 27.99 -4.35
C VAL D 126 -5.90 28.76 -3.01
N ALA D 127 -4.86 28.70 -2.19
CA ALA D 127 -4.90 29.34 -0.89
C ALA D 127 -4.26 30.72 -0.92
N ALA D 128 -4.96 31.68 -0.30
CA ALA D 128 -4.46 33.02 -0.11
C ALA D 128 -4.27 33.21 1.38
N VAL D 129 -3.06 32.88 1.86
CA VAL D 129 -2.75 32.96 3.27
C VAL D 129 -2.40 34.39 3.64
N ASN D 130 -3.41 35.11 4.13
CA ASN D 130 -3.33 36.55 4.32
C ASN D 130 -2.72 36.97 5.65
N GLY D 131 -2.64 36.02 6.59
CA GLY D 131 -2.02 36.22 7.90
C GLY D 131 -1.77 34.86 8.52
N PRO D 132 -1.67 34.78 9.86
CA PRO D 132 -1.43 33.49 10.52
C PRO D 132 -2.41 32.37 10.12
N ALA D 133 -1.86 31.19 9.81
CA ALA D 133 -2.65 29.98 9.53
C ALA D 133 -2.19 28.90 10.51
N VAL D 134 -2.92 28.78 11.61
CA VAL D 134 -2.47 28.07 12.80
C VAL D 134 -3.40 26.89 13.01
N GLY D 135 -2.87 25.69 13.28
CA GLY D 135 -3.71 24.53 13.59
C GLY D 135 -4.47 24.04 12.37
N LEU D 136 -5.80 24.02 12.42
CA LEU D 136 -6.60 23.67 11.25
C LEU D 136 -6.30 24.60 10.07
N GLY D 137 -5.93 25.84 10.39
CA GLY D 137 -5.52 26.80 9.37
C GLY D 137 -4.46 26.29 8.44
N CYS D 138 -3.37 25.71 8.97
CA CYS D 138 -2.27 25.35 8.11
C CYS D 138 -2.51 23.97 7.50
N SER D 139 -3.39 23.22 8.16
CA SER D 139 -3.91 21.99 7.56
C SER D 139 -4.69 22.26 6.26
N LEU D 140 -5.60 23.24 6.24
CA LEU D 140 -6.31 23.60 5.00
C LEU D 140 -5.36 24.07 3.92
N VAL D 141 -4.35 24.86 4.31
CA VAL D 141 -3.31 25.29 3.40
C VAL D 141 -2.60 24.04 2.85
N ALA D 142 -2.27 23.11 3.74
CA ALA D 142 -1.56 21.92 3.29
C ALA D 142 -2.38 21.13 2.30
N LEU D 143 -3.69 21.15 2.47
CA LEU D 143 -4.63 20.42 1.59
C LEU D 143 -5.00 21.14 0.27
N SER D 144 -4.56 22.40 0.12
CA SER D 144 -4.83 23.17 -1.10
C SER D 144 -3.84 22.72 -2.16
N ASP D 145 -4.00 23.17 -3.40
CA ASP D 145 -3.14 22.77 -4.53
C ASP D 145 -2.04 23.79 -4.89
N ILE D 146 -2.36 25.07 -4.78
CA ILE D 146 -1.36 26.14 -4.98
C ILE D 146 -1.56 27.10 -3.83
N VAL D 147 -0.48 27.60 -3.25
CA VAL D 147 -0.56 28.53 -2.09
C VAL D 147 0.16 29.86 -2.33
N TYR D 148 -0.52 30.95 -2.04
CA TYR D 148 0.15 32.24 -1.96
C TYR D 148 0.21 32.69 -0.50
N ILE D 149 1.35 33.16 -0.07
CA ILE D 149 1.44 33.57 1.32
C ILE D 149 1.94 35.03 1.43
N ALA D 150 1.28 35.83 2.28
CA ALA D 150 1.71 37.22 2.51
C ALA D 150 3.06 37.28 3.21
N GLU D 151 3.75 38.41 3.04
CA GLU D 151 5.08 38.63 3.59
C GLU D 151 5.31 38.30 5.07
N ASN D 152 4.40 38.72 5.94
CA ASN D 152 4.59 38.52 7.39
C ASN D 152 3.65 37.48 8.03
N ALA D 153 3.00 36.70 7.17
CA ALA D 153 2.20 35.55 7.60
C ALA D 153 3.15 34.40 7.89
N TYR D 154 2.63 33.39 8.59
CA TYR D 154 3.35 32.18 8.95
C TYR D 154 2.41 30.98 9.06
N LEU D 155 3.00 29.79 8.99
CA LEU D 155 2.25 28.57 9.20
C LEU D 155 2.68 28.05 10.55
N ALA D 156 1.73 27.52 11.33
CA ALA D 156 2.05 26.88 12.62
C ALA D 156 1.02 25.86 13.06
N ASP D 157 1.51 24.81 13.72
CA ASP D 157 0.67 23.79 14.33
C ASP D 157 1.06 23.57 15.81
N PRO D 158 0.35 24.22 16.72
CA PRO D 158 0.65 24.09 18.13
C PRO D 158 -0.25 23.06 18.86
N HIS D 159 -0.83 22.11 18.12
CA HIS D 159 -1.62 21.04 18.74
C HIS D 159 -0.91 20.45 19.95
N VAL D 160 0.34 20.00 19.76
CA VAL D 160 1.02 19.26 20.84
C VAL D 160 1.19 20.07 22.14
N GLN D 161 1.62 21.33 22.03
CA GLN D 161 1.92 22.14 23.21
C GLN D 161 0.70 22.50 24.08
N VAL D 162 -0.48 22.28 23.50
CA VAL D 162 -1.76 22.54 24.10
C VAL D 162 -2.39 21.20 24.52
N GLY D 163 -1.69 20.11 24.20
CA GLY D 163 -2.06 18.77 24.64
C GLY D 163 -2.73 17.83 23.65
N LEU D 164 -2.76 18.18 22.37
CA LEU D 164 -3.49 17.39 21.36
C LEU D 164 -2.59 16.82 20.27
N VAL D 165 -2.86 15.58 19.88
CA VAL D 165 -2.24 14.95 18.73
C VAL D 165 -2.62 15.80 17.54
N ALA D 166 -1.64 16.07 16.68
CA ALA D 166 -1.83 16.97 15.59
C ALA D 166 -2.48 16.25 14.38
N ALA D 167 -3.80 16.10 14.45
CA ALA D 167 -4.50 15.24 13.50
C ALA D 167 -5.34 15.94 12.41
N ASP D 168 -5.56 17.25 12.55
N ASP D 168 -5.56 17.24 12.55
CA ASP D 168 -6.36 18.07 11.62
CA ASP D 168 -6.42 18.00 11.63
C ASP D 168 -6.09 17.82 10.14
C ASP D 168 -6.05 17.90 10.15
N GLY D 169 -4.92 17.25 9.85
CA GLY D 169 -4.42 17.16 8.48
C GLY D 169 -3.12 17.90 8.19
N GLY D 170 -2.61 18.69 9.15
CA GLY D 170 -1.36 19.46 8.93
C GLY D 170 -0.11 18.59 8.76
N PRO D 171 0.57 18.30 9.90
CA PRO D 171 1.58 17.27 10.08
C PRO D 171 1.28 16.02 9.28
N LEU D 172 0.01 15.65 9.23
CA LEU D 172 -0.45 14.47 8.51
C LEU D 172 -0.15 14.53 6.99
N THR D 173 -0.21 15.73 6.44
CA THR D 173 0.04 15.98 5.02
C THR D 173 1.47 16.44 4.72
N TRP D 174 2.07 17.15 5.67
CA TRP D 174 3.42 17.68 5.52
C TRP D 174 4.46 16.76 4.85
N PRO D 175 4.52 15.46 5.19
CA PRO D 175 5.60 14.68 4.53
C PRO D 175 5.55 14.59 3.00
N LEU D 176 4.41 14.94 2.42
CA LEU D 176 4.26 15.03 0.97
C LEU D 176 4.86 16.32 0.41
N HIS D 177 5.02 17.32 1.28
CA HIS D 177 5.52 18.61 0.89
C HIS D 177 6.98 18.81 1.28
N ILE D 178 7.40 18.23 2.42
CA ILE D 178 8.73 18.48 3.00
C ILE D 178 9.31 17.22 3.64
N SER D 179 10.60 17.28 3.97
CA SER D 179 11.30 16.21 4.70
C SER D 179 10.56 15.81 5.98
N LEU D 180 10.41 14.51 6.18
CA LEU D 180 9.86 13.96 7.42
C LEU D 180 10.53 14.52 8.68
N LEU D 181 11.85 14.71 8.65
CA LEU D 181 12.61 15.32 9.77
C LEU D 181 12.12 16.70 10.19
N LEU D 182 11.88 17.56 9.21
CA LEU D 182 11.33 18.90 9.44
C LEU D 182 9.87 18.84 9.89
N ALA D 183 9.10 17.96 9.26
CA ALA D 183 7.73 17.72 9.67
C ALA D 183 7.69 17.32 11.13
N LYS D 184 8.58 16.42 11.51
CA LYS D 184 8.61 15.96 12.88
C LYS D 184 8.94 17.10 13.84
N GLU D 185 9.90 17.94 13.45
CA GLU D 185 10.31 19.06 14.29
C GLU D 185 9.18 20.09 14.41
N TYR D 186 8.63 20.50 13.28
CA TYR D 186 7.59 21.51 13.32
C TYR D 186 6.38 21.01 14.10
N ALA D 187 6.04 19.73 13.97
CA ALA D 187 4.87 19.17 14.67
C ALA D 187 5.07 19.09 16.18
N LEU D 188 6.24 18.57 16.58
CA LEU D 188 6.57 18.42 17.99
C LEU D 188 6.78 19.73 18.73
N THR D 189 7.42 20.71 18.10
CA THR D 189 7.75 21.98 18.80
C THR D 189 6.81 23.15 18.51
N GLY D 190 5.91 22.99 17.54
CA GLY D 190 4.96 24.05 17.20
C GLY D 190 5.60 25.27 16.58
N THR D 191 6.85 25.11 16.11
CA THR D 191 7.58 26.10 15.32
C THR D 191 6.72 26.97 14.40
N ARG D 192 6.89 28.27 14.50
CA ARG D 192 6.31 29.17 13.51
C ARG D 192 7.14 29.13 12.23
N ILE D 193 6.49 28.89 11.12
CA ILE D 193 7.18 28.76 9.86
C ILE D 193 6.91 30.01 9.06
N SER D 194 7.96 30.79 8.84
CA SER D 194 7.83 32.06 8.15
C SER D 194 7.40 31.85 6.71
N ALA D 195 6.98 32.94 6.07
CA ALA D 195 6.48 32.88 4.71
C ALA D 195 7.59 32.55 3.75
N GLN D 196 8.77 33.11 4.00
CA GLN D 196 9.96 32.84 3.20
C GLN D 196 10.45 31.39 3.39
N ARG D 197 10.46 30.90 4.62
CA ARG D 197 10.83 29.50 4.84
C ARG D 197 9.79 28.53 4.22
N ALA D 198 8.50 28.84 4.38
CA ALA D 198 7.45 28.03 3.76
C ALA D 198 7.65 27.84 2.25
N VAL D 199 8.05 28.90 1.56
CA VAL D 199 8.28 28.86 0.10
C VAL D 199 9.61 28.16 -0.20
N GLU D 200 10.61 28.36 0.66
CA GLU D 200 11.90 27.69 0.52
C GLU D 200 11.77 26.14 0.63
N LEU D 201 10.83 25.69 1.46
CA LEU D 201 10.56 24.26 1.64
C LEU D 201 9.51 23.69 0.70
N GLY D 202 8.67 24.54 0.15
CA GLY D 202 7.53 24.06 -0.61
C GLY D 202 6.30 23.75 0.22
N LEU D 203 6.15 24.44 1.34
CA LEU D 203 4.90 24.46 2.09
C LEU D 203 3.99 25.57 1.56
N ALA D 204 4.55 26.38 0.66
CA ALA D 204 3.80 27.41 -0.03
C ALA D 204 4.46 27.63 -1.39
N ASN D 205 3.72 28.20 -2.34
CA ASN D 205 4.25 28.39 -3.69
C ASN D 205 4.93 29.75 -3.99
N HIS D 206 4.36 30.83 -3.45
CA HIS D 206 4.86 32.18 -3.70
C HIS D 206 4.57 33.08 -2.50
N VAL D 207 5.53 33.95 -2.19
CA VAL D 207 5.26 35.08 -1.32
C VAL D 207 4.61 36.17 -2.18
N ALA D 208 3.60 36.83 -1.63
CA ALA D 208 2.80 37.77 -2.41
C ALA D 208 2.61 39.10 -1.67
N ASP D 209 2.58 40.20 -2.40
CA ASP D 209 2.16 41.46 -1.81
C ASP D 209 0.69 41.43 -1.43
N ASP D 210 -0.17 41.05 -2.36
CA ASP D 210 -1.58 40.83 -2.06
C ASP D 210 -1.87 39.37 -2.42
N PRO D 211 -1.81 38.47 -1.40
CA PRO D 211 -2.05 37.04 -1.67
C PRO D 211 -3.41 36.76 -2.31
N VAL D 212 -4.44 37.52 -1.94
CA VAL D 212 -5.81 37.29 -2.41
C VAL D 212 -5.93 37.60 -3.90
N ALA D 213 -5.30 38.69 -4.36
CA ALA D 213 -5.33 39.05 -5.80
C ALA D 213 -4.53 38.08 -6.69
N GLU D 214 -3.39 37.61 -6.16
CA GLU D 214 -2.51 36.72 -6.89
C GLU D 214 -3.13 35.35 -7.01
N ALA D 215 -3.80 34.94 -5.94
CA ALA D 215 -4.54 33.70 -5.90
C ALA D 215 -5.70 33.76 -6.88
N ILE D 216 -6.49 34.83 -6.80
CA ILE D 216 -7.64 34.97 -7.69
C ILE D 216 -7.17 34.99 -9.15
N ALA D 217 -6.09 35.72 -9.44
CA ALA D 217 -5.57 35.74 -10.80
C ALA D 217 -5.09 34.34 -11.23
N CYS D 218 -4.41 33.62 -10.33
CA CYS D 218 -3.97 32.26 -10.64
C CYS D 218 -5.15 31.32 -10.90
N ALA D 219 -6.10 31.30 -9.97
CA ALA D 219 -7.31 30.51 -10.20
C ALA D 219 -7.95 30.90 -11.55
N LYS D 220 -8.01 32.19 -11.86
CA LYS D 220 -8.66 32.63 -13.11
C LYS D 220 -7.90 32.10 -14.33
N LYS D 221 -6.58 32.14 -14.25
CA LYS D 221 -5.76 31.60 -15.32
C LYS D 221 -6.12 30.13 -15.53
N ILE D 222 -6.25 29.38 -14.43
CA ILE D 222 -6.59 27.96 -14.48
C ILE D 222 -7.97 27.66 -15.10
N LEU D 223 -8.96 28.48 -14.76
CA LEU D 223 -10.32 28.35 -15.33
C LEU D 223 -10.39 28.43 -16.85
N GLU D 224 -9.40 29.04 -17.48
CA GLU D 224 -9.37 29.13 -18.91
C GLU D 224 -8.87 27.81 -19.55
N LEU D 225 -8.10 27.03 -18.77
CA LEU D 225 -7.48 25.82 -19.29
C LEU D 225 -8.52 24.74 -19.61
N PRO D 226 -8.18 23.74 -20.43
CA PRO D 226 -9.17 22.66 -20.64
C PRO D 226 -9.55 21.92 -19.35
N GLN D 227 -10.83 21.95 -18.99
CA GLN D 227 -11.32 21.33 -17.75
C GLN D 227 -10.93 19.83 -17.48
N GLN D 228 -11.19 18.92 -18.43
CA GLN D 228 -10.91 17.50 -18.19
C GLN D 228 -9.42 17.22 -17.92
N ALA D 229 -8.55 18.02 -18.53
CA ALA D 229 -7.13 17.93 -18.27
C ALA D 229 -6.82 18.45 -16.89
N VAL D 230 -7.46 19.54 -16.50
CA VAL D 230 -7.22 20.15 -15.22
C VAL D 230 -7.67 19.26 -14.08
N GLU D 231 -8.87 18.69 -14.23
CA GLU D 231 -9.51 17.95 -13.13
C GLU D 231 -8.88 16.56 -13.01
N SER D 232 -8.54 15.95 -14.15
CA SER D 232 -7.90 14.63 -14.16
C SER D 232 -6.49 14.70 -13.57
N THR D 233 -5.77 15.75 -13.93
CA THR D 233 -4.41 15.99 -13.44
C THR D 233 -4.39 16.18 -11.94
N LYS D 234 -5.34 16.91 -11.39
CA LYS D 234 -5.44 17.05 -9.96
C LYS D 234 -5.62 15.68 -9.31
N ARG D 235 -6.44 14.83 -9.92
CA ARG D 235 -6.75 13.53 -9.32
C ARG D 235 -5.52 12.63 -9.34
N VAL D 236 -4.86 12.52 -10.48
CA VAL D 236 -3.62 11.80 -10.58
C VAL D 236 -2.71 12.12 -9.38
N LEU D 237 -2.44 13.40 -9.17
CA LEU D 237 -1.60 13.88 -8.08
C LEU D 237 -2.18 13.59 -6.68
N ASN D 238 -3.48 13.87 -6.49
CA ASN D 238 -4.06 13.74 -5.14
C ASN D 238 -4.21 12.31 -4.66
N ILE D 239 -4.08 11.36 -5.58
CA ILE D 239 -3.99 9.95 -5.22
C ILE D 239 -2.86 9.72 -4.22
N HIS D 240 -1.74 10.40 -4.41
CA HIS D 240 -0.65 10.31 -3.46
C HIS D 240 -1.00 10.92 -2.08
N LEU D 241 -1.77 11.99 -2.08
CA LEU D 241 -2.33 12.56 -0.84
C LEU D 241 -3.28 11.56 -0.15
N GLU D 242 -4.22 11.04 -0.93
CA GLU D 242 -5.22 10.11 -0.42
C GLU D 242 -4.61 8.80 0.14
N ARG D 243 -3.52 8.32 -0.46
CA ARG D 243 -2.84 7.17 0.10
C ARG D 243 -2.25 7.45 1.50
N ALA D 244 -1.65 8.64 1.66
CA ALA D 244 -1.08 9.04 2.94
C ALA D 244 -2.18 9.18 4.00
N VAL D 245 -3.17 10.02 3.70
CA VAL D 245 -4.33 10.18 4.57
C VAL D 245 -4.97 8.85 4.99
N LEU D 246 -5.29 7.96 4.04
CA LEU D 246 -5.89 6.66 4.38
C LEU D 246 -5.04 5.83 5.37
N ALA D 247 -3.71 5.86 5.22
CA ALA D 247 -2.78 5.16 6.12
C ALA D 247 -2.81 5.57 7.60
N SER D 248 -3.08 6.84 7.88
CA SER D 248 -2.91 7.34 9.25
C SER D 248 -4.08 8.15 9.84
N LEU D 249 -5.05 8.58 9.02
CA LEU D 249 -6.10 9.48 9.48
C LEU D 249 -6.90 8.92 10.64
N ASP D 250 -7.39 7.68 10.52
CA ASP D 250 -8.21 7.07 11.57
C ASP D 250 -7.47 6.91 12.90
N TYR D 251 -6.22 6.43 12.85
CA TYR D 251 -5.40 6.39 14.05
C TYR D 251 -5.30 7.82 14.61
N ALA D 252 -4.92 8.75 13.73
CA ALA D 252 -4.74 10.11 14.16
C ALA D 252 -6.00 10.68 14.79
N LEU D 253 -7.17 10.58 14.14
CA LEU D 253 -8.38 11.18 14.73
C LEU D 253 -8.81 10.49 16.02
N SER D 254 -8.51 9.21 16.13
CA SER D 254 -8.84 8.46 17.34
C SER D 254 -7.93 8.90 18.50
N ALA D 255 -6.68 9.26 18.17
CA ALA D 255 -5.79 9.71 19.22
C ALA D 255 -6.06 11.17 19.67
N GLU D 256 -6.53 12.00 18.75
CA GLU D 256 -6.89 13.35 19.13
C GLU D 256 -8.13 13.31 20.04
N SER D 257 -9.01 12.34 19.79
CA SER D 257 -10.16 12.05 20.66
C SER D 257 -9.73 11.69 22.08
N GLN D 258 -8.84 10.71 22.23
CA GLN D 258 -8.27 10.41 23.54
C GLN D 258 -7.63 11.65 24.21
N SER D 259 -7.03 12.54 23.43
CA SER D 259 -6.38 13.67 24.07
C SER D 259 -7.31 14.78 24.49
N PHE D 260 -8.53 14.81 23.94
CA PHE D 260 -9.56 15.77 24.41
C PHE D 260 -9.92 15.47 25.85
N VAL D 261 -9.64 14.24 26.27
CA VAL D 261 -10.12 13.70 27.53
C VAL D 261 -9.01 13.56 28.60
N THR D 262 -7.79 14.00 28.27
CA THR D 262 -6.64 13.97 29.20
C THR D 262 -6.69 15.14 30.17
N GLU D 263 -6.11 14.95 31.36
CA GLU D 263 -5.94 16.02 32.33
C GLU D 263 -5.00 17.10 31.79
N ASP D 264 -3.97 16.67 31.05
CA ASP D 264 -3.04 17.59 30.45
C ASP D 264 -3.79 18.61 29.62
N PHE D 265 -4.74 18.16 28.80
CA PHE D 265 -5.44 19.03 27.88
C PHE D 265 -6.48 19.90 28.60
N ARG D 266 -7.19 19.26 29.54
CA ARG D 266 -8.23 19.91 30.30
C ARG D 266 -7.65 21.08 31.09
N SER D 267 -6.59 20.82 31.83
CA SER D 267 -5.85 21.88 32.51
C SER D 267 -5.47 23.02 31.54
N ILE D 268 -4.71 22.71 30.48
CA ILE D 268 -4.24 23.72 29.52
C ILE D 268 -5.38 24.50 28.85
N VAL D 269 -6.45 23.81 28.48
CA VAL D 269 -7.57 24.47 27.82
C VAL D 269 -8.36 25.33 28.81
N THR D 270 -8.55 24.82 30.03
CA THR D 270 -9.33 25.55 31.03
C THR D 270 -8.61 26.83 31.45
N LYS D 271 -7.29 26.74 31.60
CA LYS D 271 -6.46 27.91 31.94
C LYS D 271 -6.11 28.74 30.71
N LEU D 272 -7.08 28.92 29.81
CA LEU D 272 -6.82 29.60 28.52
C LEU D 272 -8.01 30.34 27.92
N VAL E 23 20.29 -1.37 -34.46
CA VAL E 23 20.90 -0.95 -33.15
C VAL E 23 20.59 -1.96 -32.03
N TYR E 24 19.51 -1.75 -31.28
CA TYR E 24 18.84 -2.83 -30.55
C TYR E 24 17.53 -3.09 -31.28
N ASP E 25 17.55 -3.01 -32.61
CA ASP E 25 16.33 -2.89 -33.44
C ASP E 25 15.54 -1.58 -33.20
N MET E 26 16.28 -0.53 -32.88
CA MET E 26 15.68 0.78 -32.74
C MET E 26 15.36 1.32 -34.11
N PRO E 27 14.28 2.11 -34.22
CA PRO E 27 14.13 2.91 -35.44
C PRO E 27 15.20 4.02 -35.45
N THR E 28 15.40 4.62 -36.62
CA THR E 28 16.39 5.66 -36.81
C THR E 28 16.27 6.81 -35.81
N GLU E 29 15.06 7.04 -35.33
CA GLU E 29 14.76 8.09 -34.35
C GLU E 29 15.42 7.90 -32.98
N ILE E 30 16.02 6.73 -32.75
CA ILE E 30 16.78 6.49 -31.52
C ILE E 30 18.14 5.82 -31.83
N ASP E 31 19.20 6.61 -31.77
CA ASP E 31 20.53 6.02 -31.89
C ASP E 31 21.03 5.46 -30.56
N VAL E 32 21.51 4.23 -30.62
CA VAL E 32 22.19 3.61 -29.52
C VAL E 32 23.62 3.28 -29.91
N ARG E 33 24.56 3.89 -29.21
CA ARG E 33 25.98 3.64 -29.38
C ARG E 33 26.54 2.87 -28.16
N ALA E 34 27.42 1.91 -28.40
CA ALA E 34 28.07 1.14 -27.33
C ALA E 34 29.51 1.62 -27.12
N ASP E 35 29.88 1.80 -25.84
CA ASP E 35 31.23 2.21 -25.47
C ASP E 35 31.65 1.36 -24.30
N GLY E 36 32.13 0.15 -24.60
CA GLY E 36 32.31 -0.89 -23.59
C GLY E 36 30.96 -1.37 -23.06
N ALA E 37 30.80 -1.38 -21.74
CA ALA E 37 29.54 -1.77 -21.08
C ALA E 37 28.54 -0.60 -21.01
N LEU E 38 28.88 0.50 -21.68
CA LEU E 38 28.04 1.68 -21.70
C LEU E 38 27.21 1.78 -22.96
N ARG E 39 26.00 2.30 -22.79
CA ARG E 39 25.15 2.64 -23.92
C ARG E 39 24.80 4.12 -23.90
N ILE E 40 25.00 4.79 -25.04
CA ILE E 40 24.54 6.18 -25.22
C ILE E 40 23.28 6.17 -26.07
N ILE E 41 22.16 6.55 -25.45
CA ILE E 41 20.83 6.60 -26.09
C ILE E 41 20.59 8.03 -26.54
N THR E 42 20.42 8.23 -27.84
CA THR E 42 20.27 9.58 -28.41
C THR E 42 19.01 9.68 -29.24
N LEU E 43 18.03 10.39 -28.71
CA LEU E 43 16.84 10.79 -29.44
C LEU E 43 17.29 11.54 -30.68
N ASN E 44 16.79 11.10 -31.83
CA ASN E 44 17.41 11.43 -33.11
C ASN E 44 16.42 11.97 -34.14
N ARG E 45 15.74 13.07 -33.81
CA ARG E 45 15.03 13.88 -34.82
C ARG E 45 15.36 15.36 -34.67
N PRO E 46 16.64 15.73 -34.85
CA PRO E 46 17.04 17.11 -34.49
C PRO E 46 16.25 18.22 -35.19
N ASP E 47 15.90 17.99 -36.47
CA ASP E 47 15.18 18.99 -37.26
C ASP E 47 13.86 19.36 -36.61
N SER E 48 13.24 18.40 -35.93
CA SER E 48 11.98 18.63 -35.21
C SER E 48 12.22 18.75 -33.67
N LEU E 49 13.47 19.01 -33.30
CA LEU E 49 13.91 19.10 -31.91
C LEU E 49 13.51 17.85 -31.10
N ASN E 50 13.71 16.68 -31.72
CA ASN E 50 13.46 15.37 -31.11
C ASN E 50 12.05 15.18 -30.56
N SER E 51 11.09 15.83 -31.23
CA SER E 51 9.67 15.72 -30.90
C SER E 51 9.25 14.27 -31.10
N VAL E 52 8.27 13.83 -30.33
CA VAL E 52 7.91 12.41 -30.25
C VAL E 52 6.90 11.98 -31.34
N ASN E 53 7.37 11.28 -32.34
CA ASN E 53 6.44 10.66 -33.27
C ASN E 53 6.23 9.20 -32.89
N ASP E 54 5.47 8.48 -33.69
CA ASP E 54 5.09 7.13 -33.34
C ASP E 54 6.28 6.18 -33.31
N ASP E 55 7.20 6.34 -34.25
CA ASP E 55 8.33 5.44 -34.36
C ASP E 55 9.25 5.61 -33.14
N LEU E 56 9.44 6.86 -32.71
CA LEU E 56 10.26 7.16 -31.55
C LEU E 56 9.63 6.58 -30.28
N HIS E 57 8.34 6.83 -30.12
CA HIS E 57 7.55 6.26 -29.03
C HIS E 57 7.69 4.73 -28.88
N VAL E 58 7.55 3.98 -29.99
CA VAL E 58 7.69 2.52 -29.99
C VAL E 58 9.11 2.08 -29.55
N GLY E 59 10.13 2.67 -30.16
CA GLY E 59 11.51 2.43 -29.81
C GLY E 59 11.77 2.67 -28.33
N LEU E 60 11.19 3.75 -27.77
CA LEU E 60 11.33 4.02 -26.34
C LEU E 60 10.62 2.94 -25.48
N ALA E 61 9.52 2.41 -25.98
CA ALA E 61 8.86 1.32 -25.31
C ALA E 61 9.68 0.03 -25.28
N ARG E 62 10.32 -0.30 -26.40
CA ARG E 62 10.93 -1.61 -26.57
C ARG E 62 12.31 -1.68 -25.91
N LEU E 63 13.02 -0.56 -25.94
CA LEU E 63 14.43 -0.45 -25.57
C LEU E 63 14.79 -0.92 -24.16
N TRP E 64 13.99 -0.55 -23.17
CA TRP E 64 14.39 -0.73 -21.78
C TRP E 64 14.56 -2.22 -21.41
N GLN E 65 13.55 -3.03 -21.73
CA GLN E 65 13.64 -4.48 -21.54
C GLN E 65 14.85 -5.07 -22.27
N ARG E 66 15.14 -4.56 -23.46
CA ARG E 66 16.28 -5.02 -24.19
C ARG E 66 17.62 -4.56 -23.57
N LEU E 67 17.62 -3.42 -22.91
CA LEU E 67 18.80 -3.02 -22.13
C LEU E 67 18.98 -3.97 -20.94
N THR E 68 17.90 -4.23 -20.24
CA THR E 68 17.90 -5.14 -19.09
C THR E 68 18.35 -6.56 -19.48
N ASP E 69 18.01 -7.02 -20.70
CA ASP E 69 18.34 -8.39 -21.13
C ASP E 69 19.69 -8.54 -21.83
N ASP E 70 20.43 -7.44 -21.98
CA ASP E 70 21.75 -7.51 -22.61
C ASP E 70 22.85 -7.44 -21.56
N PRO E 71 23.29 -8.62 -21.06
CA PRO E 71 24.31 -8.74 -20.02
C PRO E 71 25.58 -7.93 -20.27
N THR E 72 25.90 -7.65 -21.55
CA THR E 72 27.08 -6.83 -21.90
C THR E 72 26.88 -5.32 -21.81
N ALA E 73 25.67 -4.91 -21.43
CA ALA E 73 25.39 -3.51 -21.06
C ALA E 73 25.23 -3.39 -19.53
N ARG E 74 25.86 -2.38 -18.94
CA ARG E 74 25.76 -2.17 -17.47
C ARG E 74 25.39 -0.74 -17.04
N ALA E 75 25.63 0.23 -17.90
CA ALA E 75 25.12 1.57 -17.63
C ALA E 75 24.69 2.24 -18.93
N ALA E 76 23.89 3.29 -18.79
CA ALA E 76 23.38 4.04 -19.95
C ALA E 76 23.37 5.53 -19.70
N VAL E 77 23.58 6.31 -20.77
CA VAL E 77 23.28 7.76 -20.75
C VAL E 77 22.20 8.02 -21.80
N ILE E 78 21.29 8.94 -21.48
CA ILE E 78 20.26 9.37 -22.43
C ILE E 78 20.27 10.87 -22.68
N THR E 79 20.31 11.26 -23.95
CA THR E 79 20.43 12.68 -24.31
C THR E 79 19.69 12.94 -25.65
N GLY E 80 19.72 14.17 -26.14
CA GLY E 80 19.08 14.53 -27.39
C GLY E 80 20.04 15.10 -28.44
N ALA E 81 19.92 14.62 -29.69
CA ALA E 81 20.72 15.17 -30.81
C ALA E 81 20.30 16.62 -31.00
N GLY E 82 21.28 17.50 -31.23
CA GLY E 82 20.98 18.87 -31.60
C GLY E 82 20.72 19.77 -30.42
N ARG E 83 19.85 20.76 -30.61
CA ARG E 83 19.64 21.82 -29.60
C ARG E 83 18.80 21.37 -28.39
N ALA E 84 17.93 20.37 -28.57
CA ALA E 84 17.01 20.01 -27.51
C ALA E 84 17.21 18.58 -27.04
N PHE E 85 16.79 18.29 -25.82
CA PHE E 85 16.68 16.90 -25.40
C PHE E 85 15.44 16.28 -26.09
N SER E 86 14.25 16.83 -25.82
CA SER E 86 13.04 16.55 -26.63
C SER E 86 11.97 17.62 -26.39
N ALA E 87 11.40 18.15 -27.47
CA ALA E 87 10.28 19.09 -27.35
C ALA E 87 8.90 18.43 -27.46
N GLY E 88 8.69 17.36 -26.68
CA GLY E 88 7.38 16.72 -26.55
C GLY E 88 6.81 16.21 -27.85
N GLY E 89 5.50 15.91 -27.85
CA GLY E 89 4.86 15.29 -29.00
C GLY E 89 4.97 16.03 -30.33
N ASP E 90 5.21 15.28 -31.39
CA ASP E 90 5.04 15.77 -32.75
C ASP E 90 3.57 16.16 -32.92
N PHE E 91 3.32 17.35 -33.45
CA PHE E 91 1.95 17.82 -33.64
C PHE E 91 1.16 16.97 -34.63
N GLY E 92 1.83 16.60 -35.72
CA GLY E 92 1.26 15.68 -36.72
C GLY E 92 0.81 14.38 -36.09
N TYR E 93 1.62 13.88 -35.16
CA TYR E 93 1.35 12.65 -34.43
C TYR E 93 0.16 12.80 -33.48
N LEU E 94 0.13 13.89 -32.72
CA LEU E 94 -1.00 14.12 -31.81
C LEU E 94 -2.34 14.23 -32.58
N LYS E 95 -2.25 14.73 -33.81
CA LYS E 95 -3.41 14.91 -34.68
C LYS E 95 -4.00 13.56 -35.12
N GLU E 96 -3.12 12.61 -35.45
CA GLU E 96 -3.56 11.25 -35.75
C GLU E 96 -4.27 10.65 -34.54
N LEU E 97 -3.71 10.91 -33.36
CA LEU E 97 -4.20 10.32 -32.13
C LEU E 97 -5.62 10.79 -31.81
N SER E 98 -6.01 11.96 -32.33
CA SER E 98 -7.37 12.45 -32.17
C SER E 98 -8.38 11.72 -33.04
N ALA E 99 -7.90 11.03 -34.08
CA ALA E 99 -8.75 10.43 -35.12
C ALA E 99 -8.74 8.89 -35.21
N ASP E 100 -7.57 8.28 -34.94
CA ASP E 100 -7.38 6.82 -35.11
C ASP E 100 -7.42 6.08 -33.77
N ALA E 101 -8.48 5.32 -33.55
CA ALA E 101 -8.69 4.68 -32.25
C ALA E 101 -7.67 3.57 -31.92
N ASP E 102 -7.22 2.86 -32.96
CA ASP E 102 -6.31 1.73 -32.83
C ASP E 102 -4.90 2.23 -32.42
N LEU E 103 -4.48 3.34 -33.02
CA LEU E 103 -3.24 4.01 -32.65
C LEU E 103 -3.29 4.54 -31.22
N ARG E 104 -4.44 5.08 -30.82
CA ARG E 104 -4.69 5.52 -29.45
C ARG E 104 -4.44 4.38 -28.43
N ALA E 105 -5.14 3.24 -28.58
CA ALA E 105 -4.92 2.05 -27.73
C ALA E 105 -3.46 1.57 -27.72
N LYS E 106 -2.80 1.67 -28.88
CA LYS E 106 -1.41 1.25 -29.02
C LYS E 106 -0.44 2.18 -28.29
N THR E 107 -0.59 3.48 -28.52
CA THR E 107 0.24 4.50 -27.86
C THR E 107 0.07 4.51 -26.30
N ILE E 108 -1.10 4.08 -25.84
CA ILE E 108 -1.36 3.90 -24.42
C ILE E 108 -0.64 2.65 -23.89
N ARG E 109 -0.60 1.58 -24.68
CA ARG E 109 0.10 0.35 -24.29
C ARG E 109 1.59 0.59 -24.12
N ASP E 110 2.16 1.33 -25.07
CA ASP E 110 3.59 1.59 -25.12
C ASP E 110 4.00 2.63 -24.10
N GLY E 111 3.06 3.53 -23.78
CA GLY E 111 3.19 4.54 -22.76
C GLY E 111 3.40 3.89 -21.41
N ARG E 112 2.61 2.86 -21.11
CA ARG E 112 2.84 2.05 -19.92
C ARG E 112 4.23 1.43 -19.97
N GLU E 113 4.65 0.99 -21.14
CA GLU E 113 5.92 0.27 -21.24
C GLU E 113 7.12 1.17 -21.05
N ILE E 114 7.09 2.38 -21.60
CA ILE E 114 8.17 3.37 -21.30
C ILE E 114 8.31 3.53 -19.77
N VAL E 115 7.19 3.83 -19.10
CA VAL E 115 7.19 4.07 -17.66
C VAL E 115 7.61 2.83 -16.86
N LEU E 116 7.00 1.69 -17.18
CA LEU E 116 7.28 0.48 -16.40
C LEU E 116 8.66 -0.07 -16.73
N GLY E 117 9.10 0.14 -17.98
CA GLY E 117 10.42 -0.33 -18.43
C GLY E 117 11.54 0.52 -17.87
N MET E 118 11.34 1.82 -17.79
CA MET E 118 12.34 2.63 -17.13
C MET E 118 12.39 2.31 -15.63
N ALA E 119 11.24 2.24 -14.98
CA ALA E 119 11.15 1.97 -13.55
C ALA E 119 11.86 0.68 -13.15
N ARG E 120 11.72 -0.34 -13.99
CA ARG E 120 12.16 -1.68 -13.66
C ARG E 120 13.53 -1.98 -14.25
N CYS E 121 14.08 -1.02 -14.99
CA CYS E 121 15.30 -1.25 -15.79
C CYS E 121 16.46 -1.61 -14.86
N ARG E 122 17.22 -2.64 -15.27
CA ARG E 122 18.35 -3.15 -14.50
C ARG E 122 19.49 -2.09 -14.29
N ILE E 123 19.86 -1.37 -15.34
CA ILE E 123 21.08 -0.58 -15.33
C ILE E 123 20.83 0.85 -14.89
N PRO E 124 21.80 1.48 -14.23
CA PRO E 124 21.60 2.91 -13.99
C PRO E 124 21.47 3.67 -15.30
N VAL E 125 20.65 4.72 -15.27
CA VAL E 125 20.43 5.54 -16.44
C VAL E 125 20.68 6.97 -16.04
N VAL E 126 21.54 7.65 -16.77
CA VAL E 126 21.98 8.99 -16.36
C VAL E 126 21.55 9.92 -17.48
N ALA E 127 20.72 10.91 -17.18
CA ALA E 127 20.21 11.77 -18.24
C ALA E 127 21.20 12.91 -18.47
N ALA E 128 21.45 13.21 -19.75
CA ALA E 128 22.16 14.43 -20.17
C ALA E 128 21.20 15.38 -20.87
N VAL E 129 20.62 16.27 -20.08
CA VAL E 129 19.59 17.17 -20.61
C VAL E 129 20.26 18.38 -21.24
N ASN E 130 20.52 18.27 -22.53
CA ASN E 130 21.33 19.21 -23.30
C ASN E 130 20.56 20.44 -23.77
N GLY E 131 19.23 20.35 -23.71
CA GLY E 131 18.35 21.44 -24.10
C GLY E 131 17.01 21.14 -23.48
N PRO E 132 15.96 21.90 -23.87
CA PRO E 132 14.60 21.72 -23.34
C PRO E 132 14.16 20.24 -23.31
N ALA E 133 13.70 19.80 -22.14
CA ALA E 133 13.00 18.51 -21.99
C ALA E 133 11.53 18.81 -21.66
N VAL E 134 10.66 18.64 -22.65
CA VAL E 134 9.25 19.05 -22.58
C VAL E 134 8.30 17.85 -22.73
N GLY E 135 7.32 17.70 -21.83
CA GLY E 135 6.28 16.66 -21.97
C GLY E 135 6.81 15.28 -21.65
N LEU E 136 6.87 14.41 -22.66
CA LEU E 136 7.51 13.11 -22.54
C LEU E 136 9.01 13.22 -22.20
N GLY E 137 9.71 14.18 -22.81
CA GLY E 137 11.15 14.39 -22.53
C GLY E 137 11.45 14.62 -21.06
N CYS E 138 10.56 15.37 -20.43
CA CYS E 138 10.64 15.75 -19.05
C CYS E 138 10.33 14.52 -18.18
N SER E 139 9.47 13.67 -18.70
CA SER E 139 9.16 12.43 -18.02
C SER E 139 10.34 11.46 -18.02
N LEU E 140 11.07 11.37 -19.13
CA LEU E 140 12.24 10.49 -19.21
C LEU E 140 13.33 10.92 -18.24
N VAL E 141 13.34 12.22 -17.93
CA VAL E 141 14.28 12.77 -16.98
C VAL E 141 13.90 12.37 -15.52
N ALA E 142 12.63 12.57 -15.19
CA ALA E 142 12.07 12.18 -13.92
C ALA E 142 12.31 10.69 -13.61
N LEU E 143 12.23 9.87 -14.66
CA LEU E 143 12.40 8.42 -14.59
C LEU E 143 13.88 7.95 -14.55
N SER E 144 14.82 8.86 -14.69
CA SER E 144 16.23 8.53 -14.71
C SER E 144 16.79 8.39 -13.30
N ASP E 145 18.04 7.98 -13.18
CA ASP E 145 18.63 7.82 -11.84
C ASP E 145 19.40 9.06 -11.40
N ILE E 146 20.15 9.64 -12.34
CA ILE E 146 20.98 10.83 -12.10
C ILE E 146 20.82 11.73 -13.32
N VAL E 147 20.60 13.03 -13.06
CA VAL E 147 20.32 14.01 -14.10
C VAL E 147 21.32 15.17 -14.12
N TYR E 148 22.01 15.28 -15.25
CA TYR E 148 22.83 16.44 -15.60
C TYR E 148 22.08 17.28 -16.64
N ILE E 149 22.10 18.60 -16.45
CA ILE E 149 21.29 19.52 -17.22
C ILE E 149 22.12 20.73 -17.63
N ALA E 150 21.99 21.16 -18.88
CA ALA E 150 22.75 22.32 -19.38
C ALA E 150 22.28 23.60 -18.70
N GLU E 151 23.20 24.56 -18.60
CA GLU E 151 22.93 25.86 -17.98
C GLU E 151 21.70 26.59 -18.55
N ASN E 152 21.51 26.54 -19.87
CA ASN E 152 20.38 27.22 -20.51
C ASN E 152 19.21 26.26 -20.86
N ALA E 153 19.34 24.99 -20.51
CA ALA E 153 18.22 24.04 -20.65
C ALA E 153 17.11 24.27 -19.60
N TYR E 154 15.96 23.63 -19.78
CA TYR E 154 14.90 23.69 -18.80
C TYR E 154 14.01 22.46 -18.91
N LEU E 155 13.17 22.28 -17.89
CA LEU E 155 12.15 21.24 -17.88
C LEU E 155 10.75 21.87 -17.91
N ALA E 156 9.80 21.23 -18.59
CA ALA E 156 8.41 21.70 -18.57
C ALA E 156 7.40 20.61 -18.91
N ASP E 157 6.19 20.72 -18.38
CA ASP E 157 5.11 19.89 -18.84
C ASP E 157 3.87 20.72 -19.21
N PRO E 158 3.63 20.88 -20.52
CA PRO E 158 2.54 21.74 -21.02
C PRO E 158 1.27 20.95 -21.37
N HIS E 159 1.27 19.66 -21.02
CA HIS E 159 0.15 18.73 -21.29
C HIS E 159 -1.18 19.42 -21.11
N VAL E 160 -1.37 20.04 -19.95
CA VAL E 160 -2.66 20.58 -19.59
C VAL E 160 -3.01 21.78 -20.49
N GLN E 161 -2.03 22.65 -20.78
CA GLN E 161 -2.27 23.82 -21.64
C GLN E 161 -2.75 23.41 -23.04
N VAL E 162 -2.59 22.14 -23.35
CA VAL E 162 -2.82 21.58 -24.69
C VAL E 162 -3.99 20.55 -24.70
N GLY E 163 -4.75 20.51 -23.62
CA GLY E 163 -5.89 19.60 -23.52
C GLY E 163 -5.64 18.16 -23.15
N LEU E 164 -4.38 17.82 -22.82
CA LEU E 164 -4.01 16.47 -22.41
C LEU E 164 -3.75 16.36 -20.90
N VAL E 165 -4.19 15.25 -20.28
CA VAL E 165 -3.77 14.89 -18.92
C VAL E 165 -2.31 14.52 -18.95
N ALA E 166 -1.58 15.00 -17.94
CA ALA E 166 -0.16 14.75 -17.85
C ALA E 166 0.12 13.34 -17.29
N ALA E 167 0.18 12.35 -18.18
CA ALA E 167 0.20 10.96 -17.75
C ALA E 167 1.45 10.17 -18.13
N ASP E 168 2.28 10.74 -18.99
N ASP E 168 2.29 10.73 -18.98
CA ASP E 168 3.49 10.11 -19.53
CA ASP E 168 3.46 10.03 -19.52
C ASP E 168 4.56 9.68 -18.50
C ASP E 168 4.56 9.67 -18.50
N GLY E 169 4.41 10.10 -17.25
CA GLY E 169 5.40 9.81 -16.20
C GLY E 169 6.13 11.02 -15.63
N GLY E 170 5.75 12.24 -16.04
CA GLY E 170 6.30 13.46 -15.45
C GLY E 170 5.72 13.71 -14.06
N PRO E 171 4.67 14.54 -13.99
CA PRO E 171 3.78 14.76 -12.85
C PRO E 171 3.37 13.46 -12.15
N LEU E 172 3.27 12.37 -12.89
CA LEU E 172 3.06 11.07 -12.27
C LEU E 172 4.12 10.73 -11.22
N THR E 173 5.34 11.15 -11.50
CA THR E 173 6.54 10.78 -10.77
C THR E 173 7.09 11.94 -9.94
N TRP E 174 6.81 13.19 -10.35
CA TRP E 174 7.33 14.38 -9.65
C TRP E 174 7.24 14.36 -8.12
N PRO E 175 6.12 13.86 -7.54
CA PRO E 175 6.03 13.77 -6.07
C PRO E 175 7.15 13.03 -5.34
N LEU E 176 7.91 12.18 -6.04
CA LEU E 176 9.04 11.51 -5.39
C LEU E 176 10.29 12.38 -5.40
N HIS E 177 10.25 13.47 -6.15
CA HIS E 177 11.42 14.33 -6.21
C HIS E 177 11.17 15.67 -5.51
N ILE E 178 9.95 16.18 -5.61
CA ILE E 178 9.63 17.49 -5.09
C ILE E 178 8.34 17.50 -4.27
N SER E 179 8.14 18.61 -3.56
CA SER E 179 6.90 18.96 -2.88
C SER E 179 5.67 18.72 -3.74
N LEU E 180 4.61 18.17 -3.14
CA LEU E 180 3.39 17.91 -3.89
C LEU E 180 2.77 19.22 -4.40
N LEU E 181 2.87 20.28 -3.57
CA LEU E 181 2.35 21.62 -3.94
C LEU E 181 3.03 22.16 -5.19
N LEU E 182 4.33 21.97 -5.26
CA LEU E 182 5.08 22.37 -6.41
C LEU E 182 4.77 21.50 -7.63
N ALA E 183 4.69 20.18 -7.44
CA ALA E 183 4.29 19.31 -8.57
C ALA E 183 2.91 19.72 -9.11
N LYS E 184 2.00 20.11 -8.24
CA LYS E 184 0.70 20.61 -8.67
C LYS E 184 0.79 21.94 -9.43
N GLU E 185 1.60 22.88 -8.95
CA GLU E 185 1.70 24.16 -9.63
C GLU E 185 2.18 23.95 -11.05
N TYR E 186 3.23 23.15 -11.20
CA TYR E 186 3.92 23.02 -12.47
C TYR E 186 3.17 22.14 -13.47
N ALA E 187 2.45 21.15 -12.97
CA ALA E 187 1.67 20.30 -13.84
C ALA E 187 0.41 21.02 -14.24
N LEU E 188 -0.04 21.99 -13.46
CA LEU E 188 -1.21 22.77 -13.86
C LEU E 188 -0.84 23.94 -14.77
N THR E 189 0.12 24.75 -14.36
CA THR E 189 0.47 25.95 -15.11
C THR E 189 1.35 25.70 -16.32
N GLY E 190 2.04 24.56 -16.36
CA GLY E 190 2.93 24.23 -17.47
C GLY E 190 4.17 25.09 -17.51
N THR E 191 4.46 25.76 -16.39
CA THR E 191 5.58 26.69 -16.29
C THR E 191 6.91 25.96 -16.43
N ARG E 192 7.89 26.65 -16.97
CA ARG E 192 9.22 26.13 -17.26
C ARG E 192 10.16 26.15 -16.04
N ILE E 193 10.89 25.08 -15.83
CA ILE E 193 11.79 24.98 -14.68
C ILE E 193 13.24 25.05 -15.17
N SER E 194 13.88 26.18 -14.87
CA SER E 194 15.22 26.47 -15.33
C SER E 194 16.18 25.41 -14.78
N ALA E 195 17.35 25.26 -15.41
CA ALA E 195 18.36 24.31 -14.90
C ALA E 195 18.67 24.52 -13.42
N GLN E 196 18.85 25.79 -13.04
CA GLN E 196 19.21 26.16 -11.67
C GLN E 196 18.06 25.83 -10.71
N ARG E 197 16.83 26.06 -11.14
CA ARG E 197 15.68 25.86 -10.30
C ARG E 197 15.40 24.36 -10.10
N ALA E 198 15.61 23.59 -11.15
CA ALA E 198 15.51 22.15 -11.15
C ALA E 198 16.45 21.48 -10.15
N VAL E 199 17.68 21.97 -10.06
CA VAL E 199 18.59 21.40 -9.10
C VAL E 199 18.17 21.77 -7.69
N GLU E 200 17.71 23.00 -7.52
CA GLU E 200 17.29 23.49 -6.23
C GLU E 200 16.09 22.70 -5.68
N LEU E 201 15.21 22.25 -6.57
CA LEU E 201 13.96 21.57 -6.20
C LEU E 201 14.19 20.07 -5.95
N GLY E 202 15.11 19.51 -6.72
CA GLY E 202 15.41 18.09 -6.68
C GLY E 202 15.01 17.36 -7.95
N LEU E 203 14.74 18.10 -9.02
CA LEU E 203 14.41 17.51 -10.32
C LEU E 203 15.64 17.21 -11.20
N ALA E 204 16.77 17.78 -10.81
CA ALA E 204 18.03 17.54 -11.49
C ALA E 204 19.08 17.35 -10.39
N ASN E 205 20.12 16.60 -10.69
CA ASN E 205 21.25 16.47 -9.75
C ASN E 205 22.31 17.56 -9.88
N HIS E 206 22.64 17.93 -11.14
CA HIS E 206 23.75 18.86 -11.40
C HIS E 206 23.47 19.72 -12.62
N VAL E 207 23.90 20.97 -12.53
CA VAL E 207 23.99 21.85 -13.68
C VAL E 207 25.38 21.65 -14.26
N ALA E 208 25.47 21.63 -15.58
CA ALA E 208 26.73 21.37 -16.23
C ALA E 208 26.91 22.35 -17.38
N ASP E 209 28.16 22.71 -17.70
CA ASP E 209 28.46 23.38 -18.97
C ASP E 209 28.23 22.39 -20.12
N ASP E 210 28.83 21.21 -19.98
CA ASP E 210 28.77 20.15 -20.98
C ASP E 210 28.12 18.91 -20.30
N PRO E 211 26.79 18.78 -20.40
CA PRO E 211 26.13 17.74 -19.59
C PRO E 211 26.23 16.33 -20.17
N VAL E 212 26.48 16.24 -21.48
CA VAL E 212 26.75 14.97 -22.12
C VAL E 212 28.01 14.39 -21.49
N ALA E 213 29.05 15.23 -21.36
CA ALA E 213 30.36 14.79 -20.87
C ALA E 213 30.37 14.48 -19.37
N GLU E 214 29.69 15.31 -18.58
CA GLU E 214 29.54 15.02 -17.16
C GLU E 214 28.74 13.73 -16.90
N ALA E 215 27.69 13.50 -17.69
CA ALA E 215 26.87 12.31 -17.54
C ALA E 215 27.67 11.08 -17.93
N ILE E 216 28.45 11.20 -19.01
CA ILE E 216 29.27 10.09 -19.49
C ILE E 216 30.31 9.69 -18.45
N ALA E 217 30.97 10.70 -17.86
CA ALA E 217 31.97 10.46 -16.84
C ALA E 217 31.35 9.82 -15.62
N CYS E 218 30.20 10.34 -15.20
CA CYS E 218 29.43 9.76 -14.08
C CYS E 218 29.10 8.29 -14.31
N ALA E 219 28.63 7.97 -15.52
CA ALA E 219 28.28 6.59 -15.81
C ALA E 219 29.55 5.70 -15.78
N LYS E 220 30.66 6.20 -16.32
CA LYS E 220 31.92 5.46 -16.29
C LYS E 220 32.42 5.16 -14.87
N LYS E 221 32.36 6.14 -13.98
CA LYS E 221 32.67 5.86 -12.58
C LYS E 221 31.80 4.67 -12.08
N ILE E 222 30.49 4.75 -12.33
CA ILE E 222 29.54 3.73 -11.88
C ILE E 222 29.89 2.34 -12.46
N LEU E 223 30.33 2.30 -13.71
CA LEU E 223 30.83 1.08 -14.34
C LEU E 223 31.96 0.39 -13.58
N GLU E 224 32.80 1.19 -12.93
CA GLU E 224 33.89 0.64 -12.14
C GLU E 224 33.41 -0.06 -10.86
N LEU E 225 32.25 0.32 -10.36
CA LEU E 225 31.74 -0.19 -9.08
C LEU E 225 31.20 -1.64 -9.21
N PRO E 226 31.14 -2.38 -8.07
CA PRO E 226 30.69 -3.79 -8.10
C PRO E 226 29.25 -3.93 -8.59
N GLN E 227 29.06 -4.71 -9.63
CA GLN E 227 27.78 -4.81 -10.32
C GLN E 227 26.59 -5.08 -9.40
N GLN E 228 26.71 -6.12 -8.59
CA GLN E 228 25.60 -6.57 -7.77
C GLN E 228 25.14 -5.47 -6.79
N ALA E 229 26.09 -4.71 -6.26
CA ALA E 229 25.77 -3.61 -5.35
C ALA E 229 25.07 -2.44 -6.06
N VAL E 230 25.51 -2.10 -7.27
CA VAL E 230 24.86 -1.04 -8.05
C VAL E 230 23.40 -1.43 -8.37
N GLU E 231 23.23 -2.58 -9.02
CA GLU E 231 21.93 -2.99 -9.55
C GLU E 231 20.88 -3.17 -8.46
N SER E 232 21.28 -3.80 -7.33
CA SER E 232 20.39 -4.01 -6.17
C SER E 232 19.94 -2.72 -5.50
N THR E 233 20.91 -1.83 -5.27
CA THR E 233 20.65 -0.52 -4.71
C THR E 233 19.67 0.30 -5.61
N LYS E 234 19.80 0.16 -6.92
CA LYS E 234 18.81 0.77 -7.78
C LYS E 234 17.40 0.24 -7.49
N ARG E 235 17.25 -1.08 -7.45
CA ARG E 235 15.98 -1.75 -7.19
C ARG E 235 15.43 -1.30 -5.83
N VAL E 236 16.28 -1.35 -4.78
CA VAL E 236 15.83 -0.95 -3.45
C VAL E 236 15.11 0.41 -3.52
N LEU E 237 15.75 1.41 -4.15
CA LEU E 237 15.20 2.76 -4.18
C LEU E 237 14.03 2.88 -5.12
N ASN E 238 14.09 2.19 -6.26
CA ASN E 238 13.02 2.26 -7.23
C ASN E 238 11.72 1.62 -6.81
N ILE E 239 11.81 0.74 -5.81
CA ILE E 239 10.62 0.21 -5.19
C ILE E 239 9.60 1.32 -4.90
N HIS E 240 10.07 2.52 -4.52
CA HIS E 240 9.17 3.62 -4.17
C HIS E 240 8.52 4.22 -5.38
N LEU E 241 9.26 4.24 -6.48
CA LEU E 241 8.77 4.79 -7.72
C LEU E 241 7.71 3.82 -8.24
N GLU E 242 8.03 2.54 -8.16
CA GLU E 242 7.13 1.48 -8.62
C GLU E 242 5.78 1.53 -7.88
N ARG E 243 5.83 1.72 -6.56
CA ARG E 243 4.61 1.85 -5.77
C ARG E 243 3.76 3.08 -6.17
N ALA E 244 4.43 4.21 -6.47
CA ALA E 244 3.74 5.44 -6.81
C ALA E 244 3.05 5.34 -8.18
N VAL E 245 3.72 4.64 -9.08
CA VAL E 245 3.25 4.35 -10.43
C VAL E 245 2.06 3.37 -10.46
N LEU E 246 2.21 2.25 -9.78
CA LEU E 246 1.12 1.30 -9.66
C LEU E 246 -0.15 1.94 -9.08
N ALA E 247 0.01 2.96 -8.27
CA ALA E 247 -1.11 3.55 -7.59
C ALA E 247 -1.96 4.41 -8.54
N SER E 248 -1.33 5.03 -9.53
CA SER E 248 -2.02 6.01 -10.36
C SER E 248 -1.87 5.88 -11.90
N LEU E 249 -1.01 4.99 -12.38
CA LEU E 249 -0.72 4.91 -13.84
C LEU E 249 -1.91 4.52 -14.70
N ASP E 250 -2.65 3.49 -14.29
CA ASP E 250 -3.75 2.98 -15.07
C ASP E 250 -4.84 4.02 -15.18
N TYR E 251 -5.09 4.72 -14.07
CA TYR E 251 -6.04 5.83 -14.12
C TYR E 251 -5.54 6.94 -15.07
N ALA E 252 -4.29 7.36 -14.85
CA ALA E 252 -3.66 8.42 -15.65
C ALA E 252 -3.74 8.14 -17.16
N LEU E 253 -3.42 6.92 -17.59
CA LEU E 253 -3.37 6.64 -19.03
C LEU E 253 -4.80 6.56 -19.58
N SER E 254 -5.74 6.02 -18.80
CA SER E 254 -7.14 5.98 -19.17
C SER E 254 -7.69 7.41 -19.41
N ALA E 255 -7.32 8.35 -18.54
CA ALA E 255 -7.77 9.73 -18.66
C ALA E 255 -7.13 10.42 -19.86
N GLU E 256 -5.83 10.23 -20.05
CA GLU E 256 -5.17 10.89 -21.17
C GLU E 256 -5.79 10.38 -22.46
N SER E 257 -6.09 9.08 -22.50
CA SER E 257 -6.89 8.48 -23.56
C SER E 257 -8.23 9.20 -23.83
N GLN E 258 -8.94 9.61 -22.78
CA GLN E 258 -10.19 10.38 -22.92
C GLN E 258 -9.91 11.78 -23.45
N SER E 259 -8.73 12.30 -23.10
CA SER E 259 -8.26 13.62 -23.52
C SER E 259 -8.11 13.74 -25.03
N PHE E 260 -7.64 12.66 -25.64
CA PHE E 260 -7.35 12.67 -27.06
C PHE E 260 -8.60 12.87 -27.92
N VAL E 261 -9.73 12.37 -27.42
CA VAL E 261 -11.04 12.38 -28.08
C VAL E 261 -11.85 13.65 -27.70
N THR E 262 -11.33 14.48 -26.79
CA THR E 262 -12.05 15.72 -26.42
C THR E 262 -11.98 16.79 -27.51
N GLU E 263 -13.04 17.60 -27.58
CA GLU E 263 -13.11 18.73 -28.54
C GLU E 263 -12.11 19.84 -28.19
N ASP E 264 -11.80 19.98 -26.90
CA ASP E 264 -10.75 20.91 -26.45
C ASP E 264 -9.41 20.56 -27.09
N PHE E 265 -9.06 19.27 -27.08
CA PHE E 265 -7.79 18.83 -27.66
C PHE E 265 -7.79 18.86 -29.19
N ARG E 266 -8.81 18.27 -29.81
CA ARG E 266 -8.97 18.32 -31.25
C ARG E 266 -8.81 19.78 -31.72
N SER E 267 -9.47 20.70 -31.05
CA SER E 267 -9.40 22.09 -31.45
C SER E 267 -7.95 22.58 -31.37
N ILE E 268 -7.35 22.45 -30.20
CA ILE E 268 -6.01 22.96 -29.93
C ILE E 268 -4.95 22.34 -30.85
N VAL E 269 -5.04 21.04 -31.08
CA VAL E 269 -4.02 20.35 -31.85
C VAL E 269 -4.17 20.59 -33.34
N THR E 270 -5.41 20.71 -33.83
CA THR E 270 -5.65 21.02 -35.25
C THR E 270 -5.04 22.37 -35.60
N LYS E 271 -5.20 23.36 -34.72
CA LYS E 271 -4.56 24.67 -34.88
C LYS E 271 -3.03 24.57 -34.96
N LEU E 272 -2.44 23.78 -34.06
CA LEU E 272 -0.99 23.70 -33.94
C LEU E 272 -0.30 22.94 -35.08
N ALA E 273 -1.04 22.10 -35.79
CA ALA E 273 -0.47 21.39 -36.93
C ALA E 273 -0.90 21.96 -38.28
N ASP E 274 -1.42 23.20 -38.29
CA ASP E 274 -1.86 23.91 -39.52
C ASP E 274 -1.81 25.44 -39.36
N VAL F 23 22.96 -1.01 32.18
CA VAL F 23 21.70 -0.24 31.87
C VAL F 23 21.07 -0.70 30.54
N TYR F 24 19.83 -1.21 30.65
CA TYR F 24 19.18 -2.06 29.61
C TYR F 24 19.92 -3.34 29.20
N ASP F 25 20.89 -3.78 30.00
CA ASP F 25 21.78 -4.90 29.67
C ASP F 25 22.50 -4.71 28.32
N MET F 26 22.89 -3.47 28.06
CA MET F 26 23.73 -3.14 26.92
C MET F 26 25.17 -3.70 27.06
N PRO F 27 25.87 -3.84 25.93
CA PRO F 27 27.30 -4.12 26.02
C PRO F 27 28.10 -2.85 26.36
N THR F 28 29.39 -3.02 26.58
CA THR F 28 30.33 -1.91 26.77
C THR F 28 30.24 -0.93 25.59
N GLU F 29 30.09 -1.48 24.39
CA GLU F 29 30.04 -0.73 23.15
C GLU F 29 28.95 0.34 23.08
N ILE F 30 27.95 0.25 23.95
CA ILE F 30 26.83 1.23 23.99
C ILE F 30 26.52 1.67 25.42
N ASP F 31 26.83 2.92 25.73
CA ASP F 31 26.58 3.44 27.06
C ASP F 31 25.23 4.14 27.07
N VAL F 32 24.42 3.84 28.07
CA VAL F 32 23.14 4.50 28.28
C VAL F 32 23.15 5.17 29.64
N ARG F 33 22.93 6.49 29.65
CA ARG F 33 22.89 7.27 30.90
C ARG F 33 21.48 7.81 31.07
N ALA F 34 20.98 7.77 32.31
CA ALA F 34 19.69 8.36 32.66
C ALA F 34 19.87 9.71 33.33
N ASP F 35 18.92 10.60 33.06
CA ASP F 35 18.90 11.94 33.58
C ASP F 35 17.43 12.28 33.66
N GLY F 36 16.82 11.97 34.80
CA GLY F 36 15.36 11.94 34.90
C GLY F 36 14.75 11.05 33.81
N ALA F 37 13.81 11.62 33.05
CA ALA F 37 13.08 10.87 32.00
C ALA F 37 13.80 10.78 30.62
N LEU F 38 14.98 11.38 30.53
CA LEU F 38 15.83 11.37 29.36
C LEU F 38 16.79 10.19 29.41
N ARG F 39 17.07 9.60 28.25
CA ARG F 39 18.17 8.65 28.16
C ARG F 39 19.17 9.17 27.11
N ILE F 40 20.44 9.20 27.48
CA ILE F 40 21.53 9.58 26.58
C ILE F 40 22.27 8.32 26.10
N ILE F 41 22.22 8.06 24.80
CA ILE F 41 22.82 6.88 24.19
C ILE F 41 24.08 7.32 23.52
N THR F 42 25.21 6.82 24.02
CA THR F 42 26.51 7.10 23.46
C THR F 42 27.15 5.80 22.90
N LEU F 43 27.29 5.72 21.56
CA LEU F 43 28.10 4.68 20.90
C LEU F 43 29.53 4.78 21.44
N ASN F 44 30.14 3.63 21.75
CA ASN F 44 31.31 3.60 22.64
C ASN F 44 32.52 2.73 22.21
N ARG F 45 33.03 2.95 21.01
CA ARG F 45 34.37 2.45 20.68
C ARG F 45 35.17 3.58 20.04
N PRO F 46 35.50 4.63 20.80
CA PRO F 46 36.13 5.83 20.23
C PRO F 46 37.49 5.57 19.63
N ASP F 47 38.18 4.51 20.08
CA ASP F 47 39.49 4.16 19.50
C ASP F 47 39.29 3.62 18.06
N SER F 48 38.10 3.16 17.74
CA SER F 48 37.77 2.62 16.41
C SER F 48 36.76 3.52 15.67
N LEU F 49 36.63 4.77 16.14
CA LEU F 49 35.69 5.77 15.64
C LEU F 49 34.24 5.29 15.69
N ASN F 50 33.91 4.50 16.72
CA ASN F 50 32.61 3.84 16.91
C ASN F 50 32.19 3.01 15.70
N SER F 51 33.16 2.37 15.05
CA SER F 51 32.79 1.49 13.96
C SER F 51 31.95 0.39 14.59
N VAL F 52 31.08 -0.22 13.80
CA VAL F 52 30.16 -1.22 14.27
C VAL F 52 30.76 -2.62 14.21
N ASN F 53 31.00 -3.22 15.38
CA ASN F 53 31.28 -4.67 15.50
C ASN F 53 30.01 -5.37 15.91
N ASP F 54 30.06 -6.68 16.07
CA ASP F 54 28.87 -7.47 16.42
C ASP F 54 28.21 -7.07 17.72
N ASP F 55 28.99 -6.93 18.77
CA ASP F 55 28.38 -6.55 20.05
C ASP F 55 27.62 -5.21 20.00
N LEU F 56 28.16 -4.20 19.31
CA LEU F 56 27.45 -2.93 19.17
C LEU F 56 26.16 -3.13 18.37
N HIS F 57 26.29 -3.87 17.27
CA HIS F 57 25.18 -4.19 16.38
C HIS F 57 24.04 -4.90 17.13
N VAL F 58 24.36 -5.87 18.00
CA VAL F 58 23.35 -6.58 18.79
C VAL F 58 22.74 -5.64 19.82
N GLY F 59 23.59 -4.84 20.45
CA GLY F 59 23.09 -3.83 21.38
C GLY F 59 22.03 -2.94 20.75
N LEU F 60 22.33 -2.45 19.55
CA LEU F 60 21.45 -1.55 18.79
C LEU F 60 20.09 -2.16 18.49
N ALA F 61 20.09 -3.45 18.15
CA ALA F 61 18.85 -4.22 17.94
C ALA F 61 17.95 -4.36 19.17
N ARG F 62 18.55 -4.55 20.36
CA ARG F 62 17.77 -4.75 21.59
C ARG F 62 17.24 -3.44 22.15
N LEU F 63 18.04 -2.38 22.02
CA LEU F 63 17.82 -1.15 22.77
C LEU F 63 16.40 -0.58 22.66
N TRP F 64 15.89 -0.39 21.45
CA TRP F 64 14.73 0.45 21.23
C TRP F 64 13.47 -0.09 21.88
N GLN F 65 13.26 -1.41 21.77
CA GLN F 65 12.11 -2.08 22.44
C GLN F 65 12.17 -1.90 23.96
N ARG F 66 13.37 -1.98 24.52
CA ARG F 66 13.58 -1.75 25.95
C ARG F 66 13.28 -0.30 26.35
N LEU F 67 13.64 0.65 25.50
CA LEU F 67 13.29 2.04 25.72
C LEU F 67 11.79 2.16 25.66
N THR F 68 11.19 1.58 24.61
CA THR F 68 9.75 1.56 24.44
C THR F 68 9.05 1.02 25.69
N ASP F 69 9.57 -0.07 26.24
CA ASP F 69 8.95 -0.75 27.37
C ASP F 69 9.32 -0.18 28.77
N ASP F 70 10.14 0.89 28.83
CA ASP F 70 10.47 1.57 30.09
C ASP F 70 9.62 2.83 30.29
N PRO F 71 8.53 2.70 31.06
CA PRO F 71 7.64 3.85 31.24
C PRO F 71 8.32 5.09 31.91
N THR F 72 9.44 4.87 32.59
CA THR F 72 10.19 5.98 33.20
C THR F 72 11.12 6.64 32.17
N ALA F 73 11.15 6.09 30.96
CA ALA F 73 11.91 6.70 29.87
C ALA F 73 10.91 7.43 28.98
N ARG F 74 11.21 8.68 28.63
CA ARG F 74 10.30 9.46 27.79
C ARG F 74 10.96 10.14 26.58
N ALA F 75 12.29 10.17 26.52
CA ALA F 75 13.03 10.74 25.39
C ALA F 75 14.48 10.30 25.40
N ALA F 76 15.09 10.27 24.21
CA ALA F 76 16.48 9.84 24.02
C ALA F 76 17.22 10.87 23.21
N VAL F 77 18.51 10.98 23.51
CA VAL F 77 19.51 11.60 22.64
C VAL F 77 20.49 10.50 22.25
N ILE F 78 20.92 10.51 20.99
CA ILE F 78 21.92 9.53 20.55
C ILE F 78 23.16 10.20 19.94
N THR F 79 24.34 9.79 20.38
CA THR F 79 25.59 10.38 19.86
C THR F 79 26.76 9.41 19.95
N GLY F 80 27.92 9.88 19.46
CA GLY F 80 29.13 9.07 19.49
C GLY F 80 30.16 9.58 20.49
N ALA F 81 30.87 8.64 21.12
CA ALA F 81 32.08 9.00 21.88
C ALA F 81 33.24 9.43 20.97
N GLY F 82 33.95 10.45 21.43
CA GLY F 82 35.13 10.95 20.73
C GLY F 82 34.84 11.79 19.50
N ARG F 83 35.54 11.44 18.42
CA ARG F 83 35.64 12.28 17.24
C ARG F 83 34.56 11.96 16.20
N ALA F 84 34.18 10.69 16.08
CA ALA F 84 33.11 10.28 15.15
C ALA F 84 31.75 10.12 15.82
N PHE F 85 30.70 10.17 15.01
CA PHE F 85 29.41 9.58 15.39
C PHE F 85 29.53 8.06 15.22
N SER F 86 29.76 7.62 13.99
CA SER F 86 30.18 6.25 13.75
C SER F 86 30.76 6.18 12.35
N ALA F 87 31.95 5.59 12.23
CA ALA F 87 32.62 5.38 10.94
C ALA F 87 32.07 4.22 10.11
N GLY F 88 31.00 3.58 10.56
CA GLY F 88 30.39 2.51 9.77
C GLY F 88 30.84 1.12 10.16
N GLY F 89 31.18 0.31 9.16
CA GLY F 89 31.39 -1.11 9.39
C GLY F 89 32.83 -1.41 9.77
N ASP F 90 33.03 -1.97 10.95
CA ASP F 90 34.33 -2.49 11.36
C ASP F 90 34.81 -3.58 10.36
N PHE F 91 36.02 -3.42 9.82
CA PHE F 91 36.53 -4.29 8.76
C PHE F 91 36.79 -5.71 9.25
N GLY F 92 37.14 -5.84 10.51
CA GLY F 92 37.20 -7.15 11.17
C GLY F 92 35.85 -7.87 11.13
N TYR F 93 34.80 -7.18 11.60
CA TYR F 93 33.43 -7.70 11.55
C TYR F 93 33.04 -8.12 10.12
N LEU F 94 33.29 -7.24 9.15
CA LEU F 94 32.92 -7.48 7.76
C LEU F 94 33.58 -8.71 7.10
N LYS F 95 34.88 -8.92 7.34
CA LYS F 95 35.57 -10.09 6.80
C LYS F 95 35.02 -11.34 7.48
N GLU F 96 34.75 -11.22 8.78
CA GLU F 96 34.13 -12.30 9.54
C GLU F 96 32.75 -12.61 8.95
N LEU F 97 32.01 -11.55 8.58
CA LEU F 97 30.67 -11.71 8.02
C LEU F 97 30.69 -12.41 6.67
N SER F 98 31.76 -12.20 5.92
CA SER F 98 31.91 -12.82 4.59
C SER F 98 32.29 -14.31 4.63
N ALA F 99 32.60 -14.84 5.82
CA ALA F 99 33.13 -16.20 5.91
C ALA F 99 32.25 -17.18 6.71
N ASP F 100 31.18 -16.67 7.32
CA ASP F 100 30.37 -17.42 8.30
C ASP F 100 28.87 -17.17 8.11
N ALA F 101 28.17 -18.12 7.49
CA ALA F 101 26.73 -17.99 7.16
C ALA F 101 25.79 -17.76 8.34
N ASP F 102 26.14 -18.31 9.50
CA ASP F 102 25.33 -18.19 10.71
C ASP F 102 25.44 -16.78 11.33
N LEU F 103 26.60 -16.14 11.17
CA LEU F 103 26.78 -14.79 11.66
C LEU F 103 26.13 -13.78 10.69
N ARG F 104 26.09 -14.14 9.41
CA ARG F 104 25.38 -13.38 8.40
C ARG F 104 23.91 -13.35 8.79
N ALA F 105 23.33 -14.53 8.97
CA ALA F 105 21.91 -14.68 9.21
C ALA F 105 21.45 -13.92 10.48
N LYS F 106 22.30 -13.95 11.51
CA LYS F 106 22.01 -13.24 12.73
C LYS F 106 22.08 -11.71 12.53
N THR F 107 23.08 -11.26 11.78
CA THR F 107 23.27 -9.83 11.54
C THR F 107 22.17 -9.21 10.68
N ILE F 108 21.63 -9.97 9.72
CA ILE F 108 20.50 -9.52 8.92
C ILE F 108 19.27 -9.38 9.81
N ARG F 109 19.04 -10.41 10.63
CA ARG F 109 17.95 -10.47 11.61
C ARG F 109 17.99 -9.24 12.54
N ASP F 110 19.18 -8.90 13.02
CA ASP F 110 19.37 -7.77 13.94
C ASP F 110 19.27 -6.40 13.28
N GLY F 111 19.72 -6.33 12.03
CA GLY F 111 19.65 -5.11 11.23
C GLY F 111 18.20 -4.73 11.04
N ARG F 112 17.38 -5.75 10.80
CA ARG F 112 15.95 -5.62 10.67
C ARG F 112 15.35 -4.99 11.92
N GLU F 113 15.81 -5.47 13.07
CA GLU F 113 15.32 -5.04 14.37
C GLU F 113 15.71 -3.59 14.68
N ILE F 114 16.90 -3.17 14.25
CA ILE F 114 17.31 -1.78 14.42
C ILE F 114 16.34 -0.84 13.71
N VAL F 115 15.97 -1.20 12.48
CA VAL F 115 15.20 -0.35 11.61
C VAL F 115 13.76 -0.31 12.10
N LEU F 116 13.20 -1.49 12.37
CA LEU F 116 11.84 -1.52 12.90
C LEU F 116 11.80 -0.99 14.34
N GLY F 117 12.84 -1.31 15.12
CA GLY F 117 13.00 -0.79 16.47
C GLY F 117 12.85 0.72 16.49
N MET F 118 13.71 1.42 15.76
CA MET F 118 13.66 2.88 15.72
C MET F 118 12.39 3.42 15.09
N ALA F 119 11.90 2.78 14.04
CA ALA F 119 10.64 3.19 13.38
C ALA F 119 9.39 3.08 14.27
N ARG F 120 9.36 2.04 15.11
CA ARG F 120 8.28 1.75 16.06
C ARG F 120 8.51 2.34 17.47
N CYS F 121 9.70 2.92 17.71
CA CYS F 121 10.07 3.39 19.06
C CYS F 121 9.09 4.42 19.66
N ARG F 122 8.69 4.19 20.91
CA ARG F 122 7.71 5.08 21.58
C ARG F 122 8.25 6.50 21.77
N ILE F 123 9.48 6.60 22.25
CA ILE F 123 10.02 7.89 22.67
C ILE F 123 10.66 8.67 21.52
N PRO F 124 10.63 10.01 21.58
CA PRO F 124 11.39 10.82 20.63
C PRO F 124 12.91 10.61 20.78
N VAL F 125 13.60 10.47 19.65
CA VAL F 125 15.04 10.20 19.61
C VAL F 125 15.64 11.41 18.94
N VAL F 126 16.57 12.05 19.64
CA VAL F 126 17.24 13.20 19.06
C VAL F 126 18.72 12.87 18.82
N ALA F 127 19.15 13.14 17.59
CA ALA F 127 20.51 12.82 17.19
C ALA F 127 21.40 14.03 17.38
N ALA F 128 22.53 13.80 18.06
CA ALA F 128 23.67 14.72 18.09
C ALA F 128 24.84 14.16 17.23
N VAL F 129 24.98 14.68 16.02
CA VAL F 129 26.01 14.16 15.11
C VAL F 129 27.31 14.93 15.33
N ASN F 130 28.17 14.33 16.15
CA ASN F 130 29.39 14.98 16.63
C ASN F 130 30.58 14.90 15.63
N GLY F 131 30.54 13.93 14.74
CA GLY F 131 31.51 13.85 13.66
C GLY F 131 30.93 12.93 12.61
N PRO F 132 31.78 12.38 11.73
CA PRO F 132 31.29 11.57 10.63
C PRO F 132 30.27 10.52 11.09
N ALA F 133 29.17 10.41 10.34
CA ALA F 133 28.17 9.37 10.48
C ALA F 133 28.12 8.59 9.18
N VAL F 134 28.77 7.44 9.15
CA VAL F 134 29.02 6.75 7.92
C VAL F 134 28.35 5.38 7.95
N GLY F 135 27.72 5.01 6.84
CA GLY F 135 27.08 3.68 6.73
C GLY F 135 25.91 3.55 7.67
N LEU F 136 26.00 2.64 8.64
CA LEU F 136 24.95 2.43 9.64
C LEU F 136 24.68 3.69 10.44
N GLY F 137 25.75 4.43 10.78
CA GLY F 137 25.64 5.63 11.62
C GLY F 137 24.76 6.66 10.94
N CYS F 138 24.87 6.70 9.62
CA CYS F 138 24.10 7.62 8.83
C CYS F 138 22.64 7.15 8.72
N SER F 139 22.45 5.86 8.90
CA SER F 139 21.12 5.29 8.93
C SER F 139 20.41 5.60 10.26
N LEU F 140 21.15 5.52 11.37
CA LEU F 140 20.70 5.94 12.69
C LEU F 140 20.21 7.38 12.71
N VAL F 141 20.87 8.22 11.91
CA VAL F 141 20.46 9.60 11.84
C VAL F 141 19.11 9.69 11.10
N ALA F 142 18.99 9.02 9.95
CA ALA F 142 17.78 9.06 9.15
C ALA F 142 16.53 8.53 9.90
N LEU F 143 16.79 7.71 10.90
CA LEU F 143 15.74 7.08 11.65
C LEU F 143 15.40 7.89 12.90
N SER F 144 16.25 8.87 13.21
CA SER F 144 16.01 9.77 14.34
C SER F 144 14.87 10.74 14.00
N ASP F 145 14.38 11.47 15.01
CA ASP F 145 13.25 12.34 14.83
C ASP F 145 13.71 13.78 14.59
N ILE F 146 14.73 14.24 15.34
CA ILE F 146 15.36 15.57 15.11
C ILE F 146 16.89 15.43 15.15
N VAL F 147 17.58 16.14 14.24
CA VAL F 147 19.02 15.99 14.05
C VAL F 147 19.78 17.32 14.13
N TYR F 148 20.71 17.37 15.09
CA TYR F 148 21.68 18.44 15.26
C TYR F 148 23.00 17.89 14.73
N ILE F 149 23.72 18.70 13.96
CA ILE F 149 24.99 18.26 13.38
C ILE F 149 26.10 19.31 13.56
N ALA F 150 27.27 18.82 13.97
CA ALA F 150 28.44 19.68 14.16
C ALA F 150 28.90 20.29 12.86
N GLU F 151 29.44 21.52 12.94
CA GLU F 151 29.89 22.26 11.75
C GLU F 151 30.75 21.44 10.78
N ASN F 152 31.67 20.62 11.32
CA ASN F 152 32.67 19.93 10.46
C ASN F 152 32.27 18.51 10.11
N ALA F 153 31.17 18.04 10.70
CA ALA F 153 30.69 16.67 10.49
C ALA F 153 30.08 16.46 9.11
N TYR F 154 29.89 15.20 8.74
CA TYR F 154 29.27 14.93 7.47
C TYR F 154 28.45 13.65 7.55
N LEU F 155 27.67 13.40 6.51
CA LEU F 155 27.00 12.10 6.33
C LEU F 155 27.45 11.46 5.01
N ALA F 156 27.61 10.14 4.99
CA ALA F 156 27.93 9.42 3.76
C ALA F 156 27.47 7.99 3.89
N ASP F 157 27.10 7.36 2.78
CA ASP F 157 26.92 5.91 2.77
C ASP F 157 27.83 5.29 1.72
N PRO F 158 28.88 4.60 2.17
CA PRO F 158 29.84 3.98 1.24
C PRO F 158 29.60 2.51 0.85
N HIS F 159 28.44 1.96 1.20
CA HIS F 159 28.10 0.56 0.91
C HIS F 159 28.51 0.07 -0.48
N VAL F 160 28.08 0.82 -1.50
CA VAL F 160 28.26 0.40 -2.89
C VAL F 160 29.72 0.39 -3.33
N GLN F 161 30.46 1.44 -2.97
CA GLN F 161 31.88 1.55 -3.27
C GLN F 161 32.68 0.44 -2.53
N VAL F 162 32.04 -0.23 -1.59
CA VAL F 162 32.67 -1.32 -0.84
C VAL F 162 32.08 -2.68 -1.29
N GLY F 163 31.15 -2.63 -2.25
CA GLY F 163 30.55 -3.86 -2.81
C GLY F 163 29.38 -4.41 -2.02
N LEU F 164 28.74 -3.55 -1.21
CA LEU F 164 27.58 -3.90 -0.42
C LEU F 164 26.36 -3.11 -0.85
N VAL F 165 25.22 -3.77 -0.95
CA VAL F 165 23.93 -3.11 -1.08
C VAL F 165 23.69 -2.24 0.16
N ALA F 166 23.27 -1.00 -0.05
CA ALA F 166 23.01 -0.07 1.06
C ALA F 166 21.67 -0.35 1.72
N ALA F 167 21.65 -1.35 2.59
CA ALA F 167 20.40 -1.86 3.15
C ALA F 167 19.97 -1.42 4.54
N ASP F 168 20.91 -1.12 5.42
CA ASP F 168 20.53 -0.99 6.85
C ASP F 168 19.83 0.30 7.40
N GLY F 169 19.11 0.99 6.52
CA GLY F 169 18.33 2.18 6.90
C GLY F 169 18.60 3.52 6.19
N GLY F 170 19.82 3.73 5.66
CA GLY F 170 20.20 5.05 5.07
C GLY F 170 19.39 5.53 3.85
N PRO F 171 19.91 5.25 2.64
CA PRO F 171 19.25 5.28 1.33
C PRO F 171 17.86 4.68 1.38
N LEU F 172 17.69 3.62 2.14
CA LEU F 172 16.38 3.01 2.31
C LEU F 172 15.33 4.04 2.82
N THR F 173 15.79 4.95 3.70
CA THR F 173 14.96 5.97 4.39
C THR F 173 15.05 7.38 3.79
N TRP F 174 16.20 7.69 3.21
CA TRP F 174 16.42 8.99 2.56
C TRP F 174 15.28 9.54 1.68
N PRO F 175 14.58 8.69 0.91
CA PRO F 175 13.50 9.28 0.12
C PRO F 175 12.39 9.95 0.92
N LEU F 176 12.31 9.66 2.22
CA LEU F 176 11.35 10.37 3.08
C LEU F 176 11.88 11.77 3.45
N HIS F 177 13.18 11.97 3.30
CA HIS F 177 13.80 13.27 3.61
C HIS F 177 14.06 14.15 2.39
N ILE F 178 14.53 13.51 1.32
CA ILE F 178 15.03 14.22 0.16
C ILE F 178 14.49 13.63 -1.15
N SER F 179 14.59 14.40 -2.24
CA SER F 179 14.34 13.89 -3.60
C SER F 179 14.97 12.51 -3.85
N LEU F 180 14.20 11.61 -4.47
CA LEU F 180 14.65 10.26 -4.86
C LEU F 180 15.89 10.27 -5.77
N LEU F 181 15.93 11.26 -6.66
CA LEU F 181 17.08 11.51 -7.54
C LEU F 181 18.37 11.77 -6.77
N LEU F 182 18.29 12.55 -5.70
CA LEU F 182 19.43 12.79 -4.85
C LEU F 182 19.78 11.56 -4.00
N ALA F 183 18.76 10.87 -3.50
CA ALA F 183 18.98 9.67 -2.73
C ALA F 183 19.66 8.66 -3.60
N LYS F 184 19.26 8.60 -4.87
CA LYS F 184 19.87 7.59 -5.75
C LYS F 184 21.37 7.88 -5.98
N GLU F 185 21.66 9.15 -6.32
CA GLU F 185 23.03 9.60 -6.53
C GLU F 185 23.90 9.36 -5.29
N TYR F 186 23.43 9.80 -4.12
CA TYR F 186 24.25 9.62 -2.91
C TYR F 186 24.47 8.15 -2.54
N ALA F 187 23.48 7.31 -2.80
CA ALA F 187 23.62 5.88 -2.47
C ALA F 187 24.60 5.23 -3.45
N LEU F 188 24.51 5.57 -4.73
CA LEU F 188 25.44 4.99 -5.72
C LEU F 188 26.87 5.51 -5.65
N THR F 189 27.07 6.81 -5.42
CA THR F 189 28.42 7.39 -5.46
C THR F 189 29.10 7.52 -4.09
N GLY F 190 28.32 7.32 -3.03
CA GLY F 190 28.80 7.50 -1.66
C GLY F 190 29.35 8.90 -1.37
N THR F 191 28.74 9.91 -1.97
CA THR F 191 29.06 11.32 -1.72
C THR F 191 28.99 11.66 -0.24
N ARG F 192 29.96 12.44 0.24
CA ARG F 192 29.86 13.07 1.57
C ARG F 192 28.91 14.27 1.57
N ILE F 193 28.00 14.28 2.54
CA ILE F 193 27.08 15.40 2.71
C ILE F 193 27.42 16.24 3.95
N SER F 194 27.89 17.45 3.70
CA SER F 194 28.37 18.33 4.75
C SER F 194 27.21 18.72 5.66
N ALA F 195 27.54 19.23 6.84
CA ALA F 195 26.57 19.70 7.81
C ALA F 195 25.58 20.71 7.23
N GLN F 196 26.10 21.76 6.60
CA GLN F 196 25.26 22.80 5.98
C GLN F 196 24.36 22.15 4.93
N ARG F 197 24.97 21.30 4.13
CA ARG F 197 24.33 20.71 3.00
C ARG F 197 23.23 19.76 3.49
N ALA F 198 23.52 18.97 4.53
CA ALA F 198 22.50 18.14 5.22
C ALA F 198 21.23 18.93 5.61
N VAL F 199 21.47 20.12 6.19
CA VAL F 199 20.39 20.99 6.64
C VAL F 199 19.64 21.63 5.47
N GLU F 200 20.36 21.84 4.37
CA GLU F 200 19.76 22.44 3.19
C GLU F 200 18.80 21.45 2.49
N LEU F 201 19.08 20.16 2.67
CA LEU F 201 18.32 19.09 2.06
C LEU F 201 17.20 18.56 2.96
N GLY F 202 17.31 18.80 4.26
CA GLY F 202 16.41 18.21 5.23
C GLY F 202 16.85 16.83 5.70
N LEU F 203 18.15 16.53 5.53
CA LEU F 203 18.74 15.34 6.14
C LEU F 203 19.14 15.62 7.60
N ALA F 204 19.10 16.88 7.99
CA ALA F 204 19.39 17.26 9.38
C ALA F 204 18.61 18.54 9.65
N ASN F 205 18.38 18.81 10.94
CA ASN F 205 17.57 19.94 11.32
C ASN F 205 18.38 21.25 11.60
N HIS F 206 19.54 21.13 12.25
CA HIS F 206 20.33 22.30 12.62
C HIS F 206 21.82 22.01 12.67
N VAL F 207 22.61 22.95 12.15
CA VAL F 207 24.03 22.99 12.44
C VAL F 207 24.21 23.53 13.86
N ALA F 208 25.03 22.84 14.63
CA ALA F 208 25.18 23.14 16.03
C ALA F 208 26.67 23.13 16.35
N ASP F 209 27.06 24.04 17.23
CA ASP F 209 28.43 24.14 17.70
C ASP F 209 28.74 23.01 18.65
N ASP F 210 27.77 22.77 19.54
CA ASP F 210 27.75 21.66 20.47
C ASP F 210 26.48 20.83 20.21
N PRO F 211 26.51 19.93 19.22
CA PRO F 211 25.31 19.16 18.93
C PRO F 211 24.82 18.36 20.12
N VAL F 212 25.74 17.75 20.89
CA VAL F 212 25.35 17.04 22.11
C VAL F 212 24.49 17.93 23.03
N ALA F 213 24.99 19.12 23.36
CA ALA F 213 24.28 20.02 24.28
C ALA F 213 22.94 20.49 23.74
N GLU F 214 22.91 20.90 22.47
CA GLU F 214 21.71 21.43 21.83
C GLU F 214 20.62 20.36 21.66
N ALA F 215 21.03 19.12 21.38
CA ALA F 215 20.09 18.01 21.30
C ALA F 215 19.59 17.65 22.72
N ILE F 216 20.45 17.82 23.72
CA ILE F 216 20.03 17.59 25.10
C ILE F 216 18.94 18.60 25.54
N ALA F 217 19.13 19.86 25.20
CA ALA F 217 18.12 20.87 25.48
C ALA F 217 16.86 20.67 24.65
N CYS F 218 17.02 20.21 23.42
CA CYS F 218 15.86 19.93 22.59
C CYS F 218 14.99 18.90 23.27
N ALA F 219 15.62 17.84 23.73
CA ALA F 219 14.87 16.72 24.31
C ALA F 219 14.20 17.14 25.62
N LYS F 220 14.87 17.95 26.43
CA LYS F 220 14.31 18.42 27.72
C LYS F 220 13.09 19.31 27.51
N LYS F 221 13.11 20.07 26.41
CA LYS F 221 11.98 20.85 25.97
C LYS F 221 10.75 19.97 25.63
N ILE F 222 11.00 18.86 24.93
CA ILE F 222 9.92 17.95 24.53
C ILE F 222 9.41 17.20 25.76
N LEU F 223 10.31 16.87 26.68
CA LEU F 223 9.94 16.26 27.95
C LEU F 223 8.89 17.01 28.75
N GLU F 224 8.92 18.35 28.71
CA GLU F 224 7.94 19.21 29.40
C GLU F 224 6.56 19.23 28.73
N LEU F 225 6.48 18.75 27.47
CA LEU F 225 5.21 18.76 26.69
C LEU F 225 4.31 17.59 27.08
N PRO F 226 3.00 17.71 26.83
CA PRO F 226 2.08 16.61 27.18
C PRO F 226 2.45 15.27 26.48
N GLN F 227 2.87 14.28 27.27
CA GLN F 227 3.36 12.97 26.78
C GLN F 227 2.48 12.33 25.68
N GLN F 228 1.18 12.16 25.96
CA GLN F 228 0.25 11.57 25.00
C GLN F 228 0.19 12.31 23.64
N ALA F 229 0.31 13.63 23.65
CA ALA F 229 0.27 14.40 22.41
C ALA F 229 1.56 14.12 21.63
N VAL F 230 2.67 14.14 22.35
CA VAL F 230 3.99 13.94 21.80
C VAL F 230 4.16 12.55 21.19
N GLU F 231 3.79 11.53 21.95
CA GLU F 231 4.02 10.15 21.53
C GLU F 231 3.13 9.75 20.35
N SER F 232 1.89 10.25 20.33
CA SER F 232 0.91 9.94 19.27
C SER F 232 1.25 10.66 17.98
N THR F 233 1.78 11.88 18.10
CA THR F 233 2.23 12.63 16.92
C THR F 233 3.41 11.97 16.21
N LYS F 234 4.34 11.41 16.99
CA LYS F 234 5.47 10.71 16.41
C LYS F 234 4.96 9.50 15.59
N ARG F 235 4.05 8.74 16.19
CA ARG F 235 3.45 7.59 15.53
C ARG F 235 2.71 7.98 14.23
N VAL F 236 1.98 9.10 14.26
CA VAL F 236 1.31 9.61 13.07
C VAL F 236 2.33 9.80 11.91
N LEU F 237 3.48 10.41 12.17
CA LEU F 237 4.43 10.68 11.10
C LEU F 237 5.24 9.44 10.74
N ASN F 238 5.51 8.60 11.73
CA ASN F 238 6.29 7.42 11.46
C ASN F 238 5.52 6.28 10.80
N ILE F 239 4.20 6.46 10.64
CA ILE F 239 3.42 5.55 9.83
C ILE F 239 3.96 5.60 8.41
N HIS F 240 4.22 6.82 7.92
CA HIS F 240 4.80 6.96 6.57
C HIS F 240 6.19 6.32 6.45
N LEU F 241 6.98 6.42 7.50
CA LEU F 241 8.29 5.77 7.55
C LEU F 241 8.13 4.25 7.50
N GLU F 242 7.21 3.73 8.29
CA GLU F 242 7.02 2.28 8.38
C GLU F 242 6.53 1.64 7.10
N ARG F 243 5.69 2.37 6.36
CA ARG F 243 5.17 1.90 5.08
C ARG F 243 6.29 1.84 4.05
N ALA F 244 7.17 2.84 4.06
CA ALA F 244 8.31 2.84 3.15
C ALA F 244 9.33 1.72 3.41
N VAL F 245 9.54 1.41 4.67
CA VAL F 245 10.44 0.34 5.10
C VAL F 245 9.85 -1.06 4.73
N LEU F 246 8.64 -1.32 5.23
CA LEU F 246 7.94 -2.56 4.94
C LEU F 246 7.98 -2.90 3.42
N ALA F 247 7.87 -1.89 2.56
CA ALA F 247 7.93 -2.10 1.10
C ALA F 247 9.28 -2.68 0.56
N SER F 248 10.38 -2.38 1.25
CA SER F 248 11.71 -2.58 0.67
C SER F 248 12.74 -3.29 1.55
N LEU F 249 12.52 -3.29 2.87
CA LEU F 249 13.53 -3.76 3.83
C LEU F 249 13.96 -5.24 3.64
N ASP F 250 12.98 -6.14 3.52
CA ASP F 250 13.21 -7.59 3.35
C ASP F 250 14.07 -7.87 2.13
N TYR F 251 13.74 -7.22 1.01
CA TYR F 251 14.55 -7.38 -0.17
C TYR F 251 15.96 -6.78 0.03
N ALA F 252 16.05 -5.56 0.55
CA ALA F 252 17.37 -4.94 0.74
C ALA F 252 18.25 -5.78 1.64
N LEU F 253 17.72 -6.25 2.77
CA LEU F 253 18.56 -7.08 3.65
C LEU F 253 18.96 -8.39 2.96
N SER F 254 18.05 -8.95 2.15
CA SER F 254 18.34 -10.21 1.47
C SER F 254 19.44 -9.99 0.44
N ALA F 255 19.37 -8.87 -0.27
CA ALA F 255 20.37 -8.54 -1.28
C ALA F 255 21.75 -8.20 -0.66
N GLU F 256 21.74 -7.58 0.52
CA GLU F 256 22.98 -7.28 1.24
C GLU F 256 23.64 -8.53 1.78
N SER F 257 22.83 -9.51 2.19
CA SER F 257 23.34 -10.80 2.60
C SER F 257 24.10 -11.46 1.44
N GLN F 258 23.62 -11.23 0.23
CA GLN F 258 24.25 -11.79 -0.96
C GLN F 258 25.58 -11.06 -1.25
N SER F 259 25.63 -9.77 -0.93
CA SER F 259 26.84 -8.95 -1.10
C SER F 259 28.00 -9.51 -0.31
N PHE F 260 27.75 -9.80 0.97
CA PHE F 260 28.80 -10.27 1.85
C PHE F 260 29.57 -11.44 1.22
N VAL F 261 28.94 -12.10 0.25
CA VAL F 261 29.44 -13.37 -0.24
C VAL F 261 30.07 -13.28 -1.63
N THR F 262 29.98 -12.11 -2.26
CA THR F 262 30.58 -11.91 -3.60
C THR F 262 32.10 -11.76 -3.51
N GLU F 263 32.77 -12.11 -4.61
CA GLU F 263 34.21 -11.90 -4.72
C GLU F 263 34.53 -10.42 -4.67
N ASP F 264 33.74 -9.56 -5.34
CA ASP F 264 33.99 -8.11 -5.30
C ASP F 264 34.06 -7.63 -3.87
N PHE F 265 33.19 -8.15 -3.01
CA PHE F 265 33.24 -7.72 -1.62
C PHE F 265 34.39 -8.37 -0.86
N ARG F 266 34.55 -9.70 -1.01
CA ARG F 266 35.60 -10.44 -0.33
C ARG F 266 36.96 -9.85 -0.65
N SER F 267 37.12 -9.39 -1.89
CA SER F 267 38.35 -8.79 -2.38
C SER F 267 38.62 -7.38 -1.82
N ILE F 268 37.57 -6.57 -1.70
CA ILE F 268 37.69 -5.19 -1.27
C ILE F 268 37.93 -5.13 0.24
N VAL F 269 37.30 -6.04 0.96
CA VAL F 269 37.33 -6.01 2.41
C VAL F 269 38.62 -6.63 2.95
N THR F 270 39.24 -7.48 2.14
CA THR F 270 40.53 -8.06 2.48
C THR F 270 41.60 -6.96 2.59
N LYS F 271 41.73 -6.15 1.52
CA LYS F 271 42.66 -5.02 1.51
C LYS F 271 42.40 -4.04 2.67
N LEU F 272 41.15 -3.65 2.86
CA LEU F 272 40.80 -2.72 3.94
C LEU F 272 41.02 -3.28 5.37
CA CA G . 3.44 -11.01 38.06
CA CA H . 1.34 -14.42 38.06
CA CA I . -8.97 -7.16 23.63
CL CL J . 0.01 0.14 0.01
CA CA K . 11.43 -21.92 -8.27
CA CA L . -22.18 0.26 -14.13
CL CL M . -33.91 1.29 18.45
CA CA N . -7.24 19.34 16.22
C1 EDO O . 10.23 15.39 0.09
O1 EDO O . 8.79 15.43 0.05
C2 EDO O . 10.72 14.01 -0.33
O2 EDO O . 10.27 13.84 -1.68
CA CA P . 1.16 12.60 -23.07
CA CA Q . 25.35 -2.60 5.71
#